data_2YMY
# 
_entry.id   2YMY 
# 
_audit_conform.dict_name       mmcif_pdbx.dic 
_audit_conform.dict_version    5.391 
_audit_conform.dict_location   http://mmcif.pdb.org/dictionaries/ascii/mmcif_pdbx.dic 
# 
loop_
_database_2.database_id 
_database_2.database_code 
_database_2.pdbx_database_accession 
_database_2.pdbx_DOI 
PDB   2YMY         pdb_00002ymy 10.2210/pdb2ymy/pdb 
PDBE  EBI-54195    ?            ?                   
WWPDB D_1290054195 ?            ?                   
# 
loop_
_pdbx_audit_revision_history.ordinal 
_pdbx_audit_revision_history.data_content_type 
_pdbx_audit_revision_history.major_revision 
_pdbx_audit_revision_history.minor_revision 
_pdbx_audit_revision_history.revision_date 
1 'Structure model' 1 0 2013-03-20 
2 'Structure model' 1 1 2014-04-16 
3 'Structure model' 2 0 2024-05-08 
# 
_pdbx_audit_revision_details.ordinal             1 
_pdbx_audit_revision_details.revision_ordinal    1 
_pdbx_audit_revision_details.data_content_type   'Structure model' 
_pdbx_audit_revision_details.provider            repository 
_pdbx_audit_revision_details.type                'Initial release' 
_pdbx_audit_revision_details.description         ? 
_pdbx_audit_revision_details.details             ? 
# 
loop_
_pdbx_audit_revision_group.ordinal 
_pdbx_audit_revision_group.revision_ordinal 
_pdbx_audit_revision_group.data_content_type 
_pdbx_audit_revision_group.group 
1 2 'Structure model' Other                  
2 3 'Structure model' 'Atomic model'         
3 3 'Structure model' 'Data collection'      
4 3 'Structure model' 'Database references'  
5 3 'Structure model' 'Derived calculations' 
6 3 'Structure model' Other                  
# 
loop_
_pdbx_audit_revision_category.ordinal 
_pdbx_audit_revision_category.revision_ordinal 
_pdbx_audit_revision_category.data_content_type 
_pdbx_audit_revision_category.category 
1 3 'Structure model' atom_site              
2 3 'Structure model' chem_comp_atom         
3 3 'Structure model' chem_comp_bond         
4 3 'Structure model' database_2             
5 3 'Structure model' pdbx_database_status   
6 3 'Structure model' pdbx_struct_conn_angle 
7 3 'Structure model' struct_conn            
8 3 'Structure model' struct_site            
# 
loop_
_pdbx_audit_revision_item.ordinal 
_pdbx_audit_revision_item.revision_ordinal 
_pdbx_audit_revision_item.data_content_type 
_pdbx_audit_revision_item.item 
1  3 'Structure model' '_atom_site.B_iso_or_equiv'                   
2  3 'Structure model' '_atom_site.Cartn_x'                          
3  3 'Structure model' '_atom_site.Cartn_y'                          
4  3 'Structure model' '_atom_site.Cartn_z'                          
5  3 'Structure model' '_database_2.pdbx_DOI'                        
6  3 'Structure model' '_database_2.pdbx_database_accession'         
7  3 'Structure model' '_pdbx_database_status.status_code_sf'        
8  3 'Structure model' '_pdbx_struct_conn_angle.ptnr1_auth_asym_id'  
9  3 'Structure model' '_pdbx_struct_conn_angle.ptnr1_auth_comp_id'  
10 3 'Structure model' '_pdbx_struct_conn_angle.ptnr1_auth_seq_id'   
11 3 'Structure model' '_pdbx_struct_conn_angle.ptnr1_label_asym_id' 
12 3 'Structure model' '_pdbx_struct_conn_angle.ptnr1_label_atom_id' 
13 3 'Structure model' '_pdbx_struct_conn_angle.ptnr1_label_comp_id' 
14 3 'Structure model' '_pdbx_struct_conn_angle.ptnr1_label_seq_id'  
15 3 'Structure model' '_pdbx_struct_conn_angle.ptnr1_symmetry'      
16 3 'Structure model' '_pdbx_struct_conn_angle.ptnr3_auth_asym_id'  
17 3 'Structure model' '_pdbx_struct_conn_angle.ptnr3_auth_comp_id'  
18 3 'Structure model' '_pdbx_struct_conn_angle.ptnr3_auth_seq_id'   
19 3 'Structure model' '_pdbx_struct_conn_angle.ptnr3_label_asym_id' 
20 3 'Structure model' '_pdbx_struct_conn_angle.ptnr3_label_atom_id' 
21 3 'Structure model' '_pdbx_struct_conn_angle.ptnr3_label_comp_id' 
22 3 'Structure model' '_pdbx_struct_conn_angle.ptnr3_label_seq_id'  
23 3 'Structure model' '_pdbx_struct_conn_angle.ptnr3_symmetry'      
24 3 'Structure model' '_pdbx_struct_conn_angle.value'               
25 3 'Structure model' '_struct_conn.pdbx_dist_value'                
26 3 'Structure model' '_struct_conn.ptnr1_auth_comp_id'             
27 3 'Structure model' '_struct_conn.ptnr1_auth_seq_id'              
28 3 'Structure model' '_struct_conn.ptnr1_label_asym_id'            
29 3 'Structure model' '_struct_conn.ptnr1_label_atom_id'            
30 3 'Structure model' '_struct_conn.ptnr1_label_comp_id'            
31 3 'Structure model' '_struct_conn.ptnr1_label_seq_id'             
32 3 'Structure model' '_struct_conn.ptnr1_symmetry'                 
33 3 'Structure model' '_struct_conn.ptnr2_auth_asym_id'             
34 3 'Structure model' '_struct_conn.ptnr2_auth_comp_id'             
35 3 'Structure model' '_struct_conn.ptnr2_auth_seq_id'              
36 3 'Structure model' '_struct_conn.ptnr2_label_asym_id'            
37 3 'Structure model' '_struct_conn.ptnr2_label_atom_id'            
38 3 'Structure model' '_struct_conn.ptnr2_label_comp_id'            
39 3 'Structure model' '_struct_conn.ptnr2_label_seq_id'             
40 3 'Structure model' '_struct_conn.ptnr2_symmetry'                 
41 3 'Structure model' '_struct_site.pdbx_auth_asym_id'              
42 3 'Structure model' '_struct_site.pdbx_auth_comp_id'              
43 3 'Structure model' '_struct_site.pdbx_auth_seq_id'               
# 
_pdbx_database_status.status_code                     REL 
_pdbx_database_status.entry_id                        2YMY 
_pdbx_database_status.deposit_site                    PDBE 
_pdbx_database_status.process_site                    PDBE 
_pdbx_database_status.SG_entry                        . 
_pdbx_database_status.recvd_initial_deposition_date   2012-10-10 
_pdbx_database_status.pdb_format_compatible           Y 
_pdbx_database_status.status_code_sf                  REL 
_pdbx_database_status.status_code_mr                  ? 
_pdbx_database_status.status_code_cs                  ? 
_pdbx_database_status.methods_development_category    ? 
_pdbx_database_status.status_code_nmr_data            ? 
# 
_pdbx_database_related.db_name        PDB 
_pdbx_database_related.db_id          2FNF 
_pdbx_database_related.content_type   unspecified 
_pdbx_database_related.details        'C1 DOMAIN OF NORE1' 
# 
loop_
_audit_author.name 
_audit_author.pdbx_ordinal 
'Makbul, C.'      1 
'Schwarz, D.'     2 
'Aruxandei, D.C.' 3 
'Wolf, E.'        4 
'Hofmann, E.'     5 
'Herrmann, C.'    6 
# 
_citation.id                        primary 
_citation.title                     
'Structural and Thermodynamic Characterization of Nore1-Sarah: A Small, Helical Module Important in Signal Transduction Networks.' 
_citation.journal_abbrev            Biochemistry 
_citation.journal_volume            52 
_citation.page_first                1045 
_citation.page_last                 ? 
_citation.year                      2013 
_citation.journal_id_ASTM           BICHAW 
_citation.country                   US 
_citation.journal_id_ISSN           0006-2960 
_citation.journal_id_CSD            0033 
_citation.book_publisher            ? 
_citation.pdbx_database_id_PubMed   23331050 
_citation.pdbx_database_id_DOI      10.1021/BI3014642 
# 
loop_
_citation_author.citation_id 
_citation_author.name 
_citation_author.ordinal 
_citation_author.identifier_ORCID 
primary 'Makbul, C.'                   1 ? 
primary 'Constantinescu Aruxandei, D.' 2 ? 
primary 'Hofmann, E.'                  3 ? 
primary 'Schwarz, D.'                  4 ? 
primary 'Wolf, E.'                     5 ? 
primary 'Herrmann, C.'                 6 ? 
# 
loop_
_entity.id 
_entity.type 
_entity.src_method 
_entity.pdbx_description 
_entity.formula_weight 
_entity.pdbx_number_of_molecules 
_entity.pdbx_ec 
_entity.pdbx_mutation 
_entity.pdbx_fragment 
_entity.details 
1 polymer     man 'RAS ASSOCIATION DOMAIN-CONTAINING PROTEIN 5' 5465.176 2  ? ? 'SARAH DOMAIN, RESIDUES 370-413' ? 
2 non-polymer syn 'CADMIUM ION'                                 112.411  3  ? ? ?                                ? 
3 water       nat water                                         18.015   88 ? ? ?                                ? 
# 
_entity_name_com.entity_id   1 
_entity_name_com.name        
'NEW RAS EFFECTOR 1, REGULATOR FOR CELL ADHESION AND POLARIZATION ENRICHED IN LYMPHOID TISSUES, RAPL, NORE1' 
# 
_entity_poly.entity_id                      1 
_entity_poly.type                           'polypeptide(L)' 
_entity_poly.nstd_linkage                   no 
_entity_poly.nstd_monomer                   no 
_entity_poly.pdbx_seq_one_letter_code       GSPELQNFLTILEKEEQDKIHQLQKKYNKFRQKLEEALRESQGKPG 
_entity_poly.pdbx_seq_one_letter_code_can   GSPELQNFLTILEKEEQDKIHQLQKKYNKFRQKLEEALRESQGKPG 
_entity_poly.pdbx_strand_id                 A,B 
_entity_poly.pdbx_target_identifier         ? 
# 
loop_
_pdbx_entity_nonpoly.entity_id 
_pdbx_entity_nonpoly.name 
_pdbx_entity_nonpoly.comp_id 
2 'CADMIUM ION' CD  
3 water         HOH 
# 
loop_
_entity_poly_seq.entity_id 
_entity_poly_seq.num 
_entity_poly_seq.mon_id 
_entity_poly_seq.hetero 
1 1  GLY n 
1 2  SER n 
1 3  PRO n 
1 4  GLU n 
1 5  LEU n 
1 6  GLN n 
1 7  ASN n 
1 8  PHE n 
1 9  LEU n 
1 10 THR n 
1 11 ILE n 
1 12 LEU n 
1 13 GLU n 
1 14 LYS n 
1 15 GLU n 
1 16 GLU n 
1 17 GLN n 
1 18 ASP n 
1 19 LYS n 
1 20 ILE n 
1 21 HIS n 
1 22 GLN n 
1 23 LEU n 
1 24 GLN n 
1 25 LYS n 
1 26 LYS n 
1 27 TYR n 
1 28 ASN n 
1 29 LYS n 
1 30 PHE n 
1 31 ARG n 
1 32 GLN n 
1 33 LYS n 
1 34 LEU n 
1 35 GLU n 
1 36 GLU n 
1 37 ALA n 
1 38 LEU n 
1 39 ARG n 
1 40 GLU n 
1 41 SER n 
1 42 GLN n 
1 43 GLY n 
1 44 LYS n 
1 45 PRO n 
1 46 GLY n 
# 
_entity_src_gen.entity_id                          1 
_entity_src_gen.pdbx_src_id                        1 
_entity_src_gen.pdbx_alt_source_flag               sample 
_entity_src_gen.pdbx_seq_type                      ? 
_entity_src_gen.pdbx_beg_seq_num                   ? 
_entity_src_gen.pdbx_end_seq_num                   ? 
_entity_src_gen.gene_src_common_name               'HOUSE MOUSE' 
_entity_src_gen.gene_src_genus                     ? 
_entity_src_gen.pdbx_gene_src_gene                 ? 
_entity_src_gen.gene_src_species                   ? 
_entity_src_gen.gene_src_strain                    ? 
_entity_src_gen.gene_src_tissue                    ? 
_entity_src_gen.gene_src_tissue_fraction           ? 
_entity_src_gen.gene_src_details                   ? 
_entity_src_gen.pdbx_gene_src_fragment             ? 
_entity_src_gen.pdbx_gene_src_scientific_name      'MUS MUSCULUS' 
_entity_src_gen.pdbx_gene_src_ncbi_taxonomy_id     10090 
_entity_src_gen.pdbx_gene_src_variant              ? 
_entity_src_gen.pdbx_gene_src_cell_line            ? 
_entity_src_gen.pdbx_gene_src_atcc                 ? 
_entity_src_gen.pdbx_gene_src_organ                ? 
_entity_src_gen.pdbx_gene_src_organelle            ? 
_entity_src_gen.pdbx_gene_src_cell                 ? 
_entity_src_gen.pdbx_gene_src_cellular_location    ? 
_entity_src_gen.host_org_common_name               ? 
_entity_src_gen.pdbx_host_org_scientific_name      'ESCHERICHIA COLI' 
_entity_src_gen.pdbx_host_org_ncbi_taxonomy_id     469008 
_entity_src_gen.host_org_genus                     ? 
_entity_src_gen.pdbx_host_org_gene                 ? 
_entity_src_gen.pdbx_host_org_organ                ? 
_entity_src_gen.host_org_species                   ? 
_entity_src_gen.pdbx_host_org_tissue               ? 
_entity_src_gen.pdbx_host_org_tissue_fraction      ? 
_entity_src_gen.pdbx_host_org_strain               'BL21(DE3)' 
_entity_src_gen.pdbx_host_org_variant              ? 
_entity_src_gen.pdbx_host_org_cell_line            ? 
_entity_src_gen.pdbx_host_org_atcc                 ? 
_entity_src_gen.pdbx_host_org_culture_collection   ? 
_entity_src_gen.pdbx_host_org_cell                 ? 
_entity_src_gen.pdbx_host_org_organelle            ? 
_entity_src_gen.pdbx_host_org_cellular_location    ? 
_entity_src_gen.pdbx_host_org_vector_type          PLASMID 
_entity_src_gen.pdbx_host_org_vector               PGEX-4T 
_entity_src_gen.host_org_details                   ? 
_entity_src_gen.expression_system_id               ? 
_entity_src_gen.plasmid_name                       ? 
_entity_src_gen.plasmid_details                    ? 
_entity_src_gen.pdbx_description                   ? 
# 
loop_
_chem_comp.id 
_chem_comp.type 
_chem_comp.mon_nstd_flag 
_chem_comp.name 
_chem_comp.pdbx_synonyms 
_chem_comp.formula 
_chem_comp.formula_weight 
ALA 'L-peptide linking' y ALANINE         ? 'C3 H7 N O2'     89.093  
ARG 'L-peptide linking' y ARGININE        ? 'C6 H15 N4 O2 1' 175.209 
ASN 'L-peptide linking' y ASPARAGINE      ? 'C4 H8 N2 O3'    132.118 
ASP 'L-peptide linking' y 'ASPARTIC ACID' ? 'C4 H7 N O4'     133.103 
CD  non-polymer         . 'CADMIUM ION'   ? 'Cd 2'           112.411 
GLN 'L-peptide linking' y GLUTAMINE       ? 'C5 H10 N2 O3'   146.144 
GLU 'L-peptide linking' y 'GLUTAMIC ACID' ? 'C5 H9 N O4'     147.129 
GLY 'peptide linking'   y GLYCINE         ? 'C2 H5 N O2'     75.067  
HIS 'L-peptide linking' y HISTIDINE       ? 'C6 H10 N3 O2 1' 156.162 
HOH non-polymer         . WATER           ? 'H2 O'           18.015  
ILE 'L-peptide linking' y ISOLEUCINE      ? 'C6 H13 N O2'    131.173 
LEU 'L-peptide linking' y LEUCINE         ? 'C6 H13 N O2'    131.173 
LYS 'L-peptide linking' y LYSINE          ? 'C6 H15 N2 O2 1' 147.195 
PHE 'L-peptide linking' y PHENYLALANINE   ? 'C9 H11 N O2'    165.189 
PRO 'L-peptide linking' y PROLINE         ? 'C5 H9 N O2'     115.130 
SER 'L-peptide linking' y SERINE          ? 'C3 H7 N O3'     105.093 
THR 'L-peptide linking' y THREONINE       ? 'C4 H9 N O3'     119.119 
TYR 'L-peptide linking' y TYROSINE        ? 'C9 H11 N O3'    181.189 
# 
loop_
_pdbx_poly_seq_scheme.asym_id 
_pdbx_poly_seq_scheme.entity_id 
_pdbx_poly_seq_scheme.seq_id 
_pdbx_poly_seq_scheme.mon_id 
_pdbx_poly_seq_scheme.ndb_seq_num 
_pdbx_poly_seq_scheme.pdb_seq_num 
_pdbx_poly_seq_scheme.auth_seq_num 
_pdbx_poly_seq_scheme.pdb_mon_id 
_pdbx_poly_seq_scheme.auth_mon_id 
_pdbx_poly_seq_scheme.pdb_strand_id 
_pdbx_poly_seq_scheme.pdb_ins_code 
_pdbx_poly_seq_scheme.hetero 
A 1 1  GLY 1  368 ?   ?   ?   A . n 
A 1 2  SER 2  369 369 SER SER A . n 
A 1 3  PRO 3  370 370 PRO PRO A . n 
A 1 4  GLU 4  371 371 GLU GLU A . n 
A 1 5  LEU 5  372 372 LEU LEU A . n 
A 1 6  GLN 6  373 373 GLN GLN A . n 
A 1 7  ASN 7  374 374 ASN ASN A . n 
A 1 8  PHE 8  375 375 PHE PHE A . n 
A 1 9  LEU 9  376 376 LEU LEU A . n 
A 1 10 THR 10 377 377 THR THR A . n 
A 1 11 ILE 11 378 378 ILE ILE A . n 
A 1 12 LEU 12 379 379 LEU LEU A . n 
A 1 13 GLU 13 380 380 GLU GLU A . n 
A 1 14 LYS 14 381 381 LYS LYS A . n 
A 1 15 GLU 15 382 382 GLU GLU A . n 
A 1 16 GLU 16 383 383 GLU GLU A . n 
A 1 17 GLN 17 384 384 GLN GLN A . n 
A 1 18 ASP 18 385 385 ASP ASP A . n 
A 1 19 LYS 19 386 386 LYS LYS A . n 
A 1 20 ILE 20 387 387 ILE ILE A . n 
A 1 21 HIS 21 388 388 HIS HIS A . n 
A 1 22 GLN 22 389 389 GLN GLN A . n 
A 1 23 LEU 23 390 390 LEU LEU A . n 
A 1 24 GLN 24 391 391 GLN GLN A . n 
A 1 25 LYS 25 392 392 LYS LYS A . n 
A 1 26 LYS 26 393 393 LYS LYS A . n 
A 1 27 TYR 27 394 394 TYR TYR A . n 
A 1 28 ASN 28 395 395 ASN ASN A . n 
A 1 29 LYS 29 396 396 LYS LYS A . n 
A 1 30 PHE 30 397 397 PHE PHE A . n 
A 1 31 ARG 31 398 398 ARG ARG A . n 
A 1 32 GLN 32 399 399 GLN GLN A . n 
A 1 33 LYS 33 400 400 LYS LYS A . n 
A 1 34 LEU 34 401 401 LEU LEU A . n 
A 1 35 GLU 35 402 402 GLU GLU A . n 
A 1 36 GLU 36 403 403 GLU GLU A . n 
A 1 37 ALA 37 404 404 ALA ALA A . n 
A 1 38 LEU 38 405 405 LEU LEU A . n 
A 1 39 ARG 39 406 406 ARG ARG A . n 
A 1 40 GLU 40 407 407 GLU GLU A . n 
A 1 41 SER 41 408 408 SER SER A . n 
A 1 42 GLN 42 409 ?   ?   ?   A . n 
A 1 43 GLY 43 410 ?   ?   ?   A . n 
A 1 44 LYS 44 411 ?   ?   ?   A . n 
A 1 45 PRO 45 412 ?   ?   ?   A . n 
A 1 46 GLY 46 413 ?   ?   ?   A . n 
B 1 1  GLY 1  368 368 GLY GLY B . n 
B 1 2  SER 2  369 369 SER SER B . n 
B 1 3  PRO 3  370 370 PRO PRO B . n 
B 1 4  GLU 4  371 371 GLU GLU B . n 
B 1 5  LEU 5  372 372 LEU LEU B . n 
B 1 6  GLN 6  373 373 GLN GLN B . n 
B 1 7  ASN 7  374 374 ASN ASN B . n 
B 1 8  PHE 8  375 375 PHE PHE B . n 
B 1 9  LEU 9  376 376 LEU LEU B . n 
B 1 10 THR 10 377 377 THR THR B . n 
B 1 11 ILE 11 378 378 ILE ILE B . n 
B 1 12 LEU 12 379 379 LEU LEU B . n 
B 1 13 GLU 13 380 380 GLU GLU B . n 
B 1 14 LYS 14 381 381 LYS LYS B . n 
B 1 15 GLU 15 382 382 GLU GLU B . n 
B 1 16 GLU 16 383 383 GLU GLU B . n 
B 1 17 GLN 17 384 384 GLN GLN B . n 
B 1 18 ASP 18 385 385 ASP ASP B . n 
B 1 19 LYS 19 386 386 LYS LYS B . n 
B 1 20 ILE 20 387 387 ILE ILE B . n 
B 1 21 HIS 21 388 388 HIS HIS B . n 
B 1 22 GLN 22 389 389 GLN GLN B . n 
B 1 23 LEU 23 390 390 LEU LEU B . n 
B 1 24 GLN 24 391 391 GLN GLN B . n 
B 1 25 LYS 25 392 392 LYS LYS B . n 
B 1 26 LYS 26 393 393 LYS LYS B . n 
B 1 27 TYR 27 394 394 TYR TYR B . n 
B 1 28 ASN 28 395 395 ASN ASN B . n 
B 1 29 LYS 29 396 396 LYS LYS B . n 
B 1 30 PHE 30 397 397 PHE PHE B . n 
B 1 31 ARG 31 398 398 ARG ARG B . n 
B 1 32 GLN 32 399 399 GLN GLN B . n 
B 1 33 LYS 33 400 400 LYS LYS B . n 
B 1 34 LEU 34 401 401 LEU LEU B . n 
B 1 35 GLU 35 402 402 GLU GLU B . n 
B 1 36 GLU 36 403 403 GLU GLU B . n 
B 1 37 ALA 37 404 404 ALA ALA B . n 
B 1 38 LEU 38 405 405 LEU LEU B . n 
B 1 39 ARG 39 406 406 ARG ARG B . n 
B 1 40 GLU 40 407 407 GLU GLU B . n 
B 1 41 SER 41 408 408 SER SER B . n 
B 1 42 GLN 42 409 ?   ?   ?   B . n 
B 1 43 GLY 43 410 ?   ?   ?   B . n 
B 1 44 LYS 44 411 ?   ?   ?   B . n 
B 1 45 PRO 45 412 ?   ?   ?   B . n 
B 1 46 GLY 46 413 ?   ?   ?   B . n 
# 
loop_
_pdbx_nonpoly_scheme.asym_id 
_pdbx_nonpoly_scheme.entity_id 
_pdbx_nonpoly_scheme.mon_id 
_pdbx_nonpoly_scheme.ndb_seq_num 
_pdbx_nonpoly_scheme.pdb_seq_num 
_pdbx_nonpoly_scheme.auth_seq_num 
_pdbx_nonpoly_scheme.pdb_mon_id 
_pdbx_nonpoly_scheme.auth_mon_id 
_pdbx_nonpoly_scheme.pdb_strand_id 
_pdbx_nonpoly_scheme.pdb_ins_code 
C 2 CD  1  1409 1409 CD  CD  A . 
D 2 CD  1  1409 1409 CD  CD  B . 
E 2 CD  1  1410 1410 CD  CD  B . 
F 3 HOH 1  2001 2001 HOH HOH A . 
F 3 HOH 2  2002 2002 HOH HOH A . 
F 3 HOH 3  2003 2003 HOH HOH A . 
F 3 HOH 4  2004 2004 HOH HOH A . 
F 3 HOH 5  2005 2005 HOH HOH A . 
F 3 HOH 6  2006 2006 HOH HOH A . 
F 3 HOH 7  2007 2007 HOH HOH A . 
F 3 HOH 8  2008 2008 HOH HOH A . 
F 3 HOH 9  2009 2009 HOH HOH A . 
F 3 HOH 10 2010 2010 HOH HOH A . 
F 3 HOH 11 2011 2011 HOH HOH A . 
F 3 HOH 12 2012 2012 HOH HOH A . 
F 3 HOH 13 2013 2013 HOH HOH A . 
F 3 HOH 14 2014 2014 HOH HOH A . 
F 3 HOH 15 2015 2015 HOH HOH A . 
F 3 HOH 16 2016 2016 HOH HOH A . 
F 3 HOH 17 2017 2017 HOH HOH A . 
F 3 HOH 18 2018 2018 HOH HOH A . 
F 3 HOH 19 2019 2019 HOH HOH A . 
F 3 HOH 20 2020 2020 HOH HOH A . 
F 3 HOH 21 2021 2021 HOH HOH A . 
F 3 HOH 22 2022 2022 HOH HOH A . 
F 3 HOH 23 2023 2023 HOH HOH A . 
F 3 HOH 24 2024 2024 HOH HOH A . 
F 3 HOH 25 2025 2025 HOH HOH A . 
F 3 HOH 26 2026 2026 HOH HOH A . 
F 3 HOH 27 2027 2027 HOH HOH A . 
F 3 HOH 28 2028 2028 HOH HOH A . 
F 3 HOH 29 2029 2029 HOH HOH A . 
F 3 HOH 30 2030 2030 HOH HOH A . 
F 3 HOH 31 2031 2031 HOH HOH A . 
F 3 HOH 32 2032 2032 HOH HOH A . 
F 3 HOH 33 2033 2033 HOH HOH A . 
F 3 HOH 34 2034 2034 HOH HOH A . 
F 3 HOH 35 2035 2035 HOH HOH A . 
F 3 HOH 36 2036 2036 HOH HOH A . 
F 3 HOH 37 2037 2037 HOH HOH A . 
F 3 HOH 38 2038 2038 HOH HOH A . 
F 3 HOH 39 2039 2039 HOH HOH A . 
F 3 HOH 40 2040 2040 HOH HOH A . 
F 3 HOH 41 2041 2041 HOH HOH A . 
F 3 HOH 42 2042 2042 HOH HOH A . 
F 3 HOH 43 2043 2043 HOH HOH A . 
F 3 HOH 44 2044 2044 HOH HOH A . 
G 3 HOH 1  2001 2001 HOH HOH B . 
G 3 HOH 2  2002 2002 HOH HOH B . 
G 3 HOH 3  2003 2003 HOH HOH B . 
G 3 HOH 4  2004 2004 HOH HOH B . 
G 3 HOH 5  2005 2005 HOH HOH B . 
G 3 HOH 6  2006 2006 HOH HOH B . 
G 3 HOH 7  2007 2007 HOH HOH B . 
G 3 HOH 8  2008 2008 HOH HOH B . 
G 3 HOH 9  2009 2009 HOH HOH B . 
G 3 HOH 10 2010 2010 HOH HOH B . 
G 3 HOH 11 2011 2011 HOH HOH B . 
G 3 HOH 12 2012 2012 HOH HOH B . 
G 3 HOH 13 2013 2013 HOH HOH B . 
G 3 HOH 14 2014 2014 HOH HOH B . 
G 3 HOH 15 2015 2015 HOH HOH B . 
G 3 HOH 16 2016 2016 HOH HOH B . 
G 3 HOH 17 2017 2017 HOH HOH B . 
G 3 HOH 18 2018 2018 HOH HOH B . 
G 3 HOH 19 2019 2019 HOH HOH B . 
G 3 HOH 20 2020 2020 HOH HOH B . 
G 3 HOH 21 2021 2021 HOH HOH B . 
G 3 HOH 22 2022 2022 HOH HOH B . 
G 3 HOH 23 2023 2023 HOH HOH B . 
G 3 HOH 24 2024 2024 HOH HOH B . 
G 3 HOH 25 2025 2025 HOH HOH B . 
G 3 HOH 26 2026 2026 HOH HOH B . 
G 3 HOH 27 2027 2027 HOH HOH B . 
G 3 HOH 28 2028 2028 HOH HOH B . 
G 3 HOH 29 2029 2029 HOH HOH B . 
G 3 HOH 30 2030 2030 HOH HOH B . 
G 3 HOH 31 2031 2031 HOH HOH B . 
G 3 HOH 32 2032 2032 HOH HOH B . 
G 3 HOH 33 2033 2033 HOH HOH B . 
G 3 HOH 34 2034 2034 HOH HOH B . 
G 3 HOH 35 2035 2035 HOH HOH B . 
G 3 HOH 36 2036 2036 HOH HOH B . 
G 3 HOH 37 2037 2037 HOH HOH B . 
G 3 HOH 38 2038 2038 HOH HOH B . 
G 3 HOH 39 2039 2039 HOH HOH B . 
G 3 HOH 40 2040 2040 HOH HOH B . 
G 3 HOH 41 2041 2041 HOH HOH B . 
G 3 HOH 42 2042 2042 HOH HOH B . 
G 3 HOH 43 2043 2043 HOH HOH B . 
G 3 HOH 44 2044 2044 HOH HOH B . 
# 
loop_
_software.name 
_software.classification 
_software.version 
_software.citation_id 
_software.pdbx_ordinal 
PHENIX refinement       '(PHENIX.REFINE)' ? 1 
XDS    'data reduction' .                 ? 2 
XSCALE 'data scaling'   .                 ? 3 
SOLVE  phasing          .                 ? 4 
# 
_cell.entry_id           2YMY 
_cell.length_a           70.820 
_cell.length_b           84.410 
_cell.length_c           39.240 
_cell.angle_alpha        90.00 
_cell.angle_beta         90.00 
_cell.angle_gamma        90.00 
_cell.Z_PDB              16 
_cell.pdbx_unique_axis   ? 
# 
_symmetry.entry_id                         2YMY 
_symmetry.space_group_name_H-M             'C 2 2 21' 
_symmetry.pdbx_full_space_group_name_H-M   ? 
_symmetry.cell_setting                     ? 
_symmetry.Int_Tables_number                20 
# 
_exptl.entry_id          2YMY 
_exptl.method            'X-RAY DIFFRACTION' 
_exptl.crystals_number   1 
# 
_exptl_crystal.id                    1 
_exptl_crystal.density_meas          ? 
_exptl_crystal.density_Matthews      2.68 
_exptl_crystal.density_percent_sol   54.15 
_exptl_crystal.description           NONE 
# 
_exptl_crystal_grow.crystal_id      1 
_exptl_crystal_grow.method          ? 
_exptl_crystal_grow.temp            ? 
_exptl_crystal_grow.temp_details    ? 
_exptl_crystal_grow.pH              4.6 
_exptl_crystal_grow.pdbx_pH_range   ? 
_exptl_crystal_grow.pdbx_details    '25-26 % (V/V) PEG 400, 100 MM SODIUM ACETATE (PH 4.6), 45-50 MM CADMIUM CHLORIDE.' 
# 
_diffrn.id                     1 
_diffrn.ambient_temp           100 
_diffrn.ambient_temp_details   ? 
_diffrn.crystal_id             1 
# 
_diffrn_detector.diffrn_id              1 
_diffrn_detector.detector               CCD 
_diffrn_detector.type                   'ADSC CCD' 
_diffrn_detector.pdbx_collection_date   2002-03-01 
_diffrn_detector.details                ? 
# 
_diffrn_radiation.diffrn_id                        1 
_diffrn_radiation.wavelength_id                    1 
_diffrn_radiation.pdbx_monochromatic_or_laue_m_l   M 
_diffrn_radiation.monochromator                    MIRROR 
_diffrn_radiation.pdbx_diffrn_protocol             'SINGLE WAVELENGTH' 
_diffrn_radiation.pdbx_scattering_type             x-ray 
# 
_diffrn_radiation_wavelength.id           1 
_diffrn_radiation_wavelength.wavelength   0.9393 
_diffrn_radiation_wavelength.wt           1.0 
# 
_diffrn_source.diffrn_id                   1 
_diffrn_source.source                      SYNCHROTRON 
_diffrn_source.type                        'ESRF BEAMLINE ID14-4' 
_diffrn_source.pdbx_synchrotron_site       ESRF 
_diffrn_source.pdbx_synchrotron_beamline   ID14-4 
_diffrn_source.pdbx_wavelength             0.9393 
_diffrn_source.pdbx_wavelength_list        ? 
# 
_reflns.pdbx_diffrn_id               1 
_reflns.pdbx_ordinal                 1 
_reflns.entry_id                     2YMY 
_reflns.observed_criterion_sigma_I   0.0 
_reflns.observed_criterion_sigma_F   ? 
_reflns.d_resolution_low             42.21 
_reflns.d_resolution_high            1.69 
_reflns.number_obs                   13449 
_reflns.number_all                   ? 
_reflns.percent_possible_obs         99.3 
_reflns.pdbx_Rmerge_I_obs            0.06 
_reflns.pdbx_Rsym_value              ? 
_reflns.pdbx_netI_over_sigmaI        16.30 
_reflns.B_iso_Wilson_estimate        21.33 
_reflns.pdbx_redundancy              6.4 
# 
_reflns_shell.pdbx_diffrn_id         1 
_reflns_shell.pdbx_ordinal           1 
_reflns_shell.d_res_high             1.69 
_reflns_shell.d_res_low              1.73 
_reflns_shell.percent_possible_all   95.4 
_reflns_shell.Rmerge_I_obs           0.76 
_reflns_shell.pdbx_Rsym_value        ? 
_reflns_shell.meanI_over_sigI_obs    2.40 
_reflns_shell.pdbx_redundancy        4.4 
# 
_refine.pdbx_refine_id                           'X-RAY DIFFRACTION' 
_refine.entry_id                                 2YMY 
_refine.pdbx_diffrn_id                           1 
_refine.pdbx_TLS_residual_ADP_flag               ? 
_refine.ls_number_reflns_obs                     13436 
_refine.ls_number_reflns_all                     ? 
_refine.pdbx_ls_sigma_I                          ? 
_refine.pdbx_ls_sigma_F                          1.35 
_refine.pdbx_data_cutoff_high_absF               ? 
_refine.pdbx_data_cutoff_low_absF                ? 
_refine.pdbx_data_cutoff_high_rms_absF           ? 
_refine.ls_d_res_low                             42.205 
_refine.ls_d_res_high                            1.690 
_refine.ls_percent_reflns_obs                    99.14 
_refine.ls_R_factor_obs                          0.1963 
_refine.ls_R_factor_all                          ? 
_refine.ls_R_factor_R_work                       0.1943 
_refine.ls_R_factor_R_free                       0.2353 
_refine.ls_R_factor_R_free_error                 ? 
_refine.ls_R_factor_R_free_error_details         ? 
_refine.ls_percent_reflns_R_free                 4.9 
_refine.ls_number_reflns_R_free                  663 
_refine.ls_number_parameters                     ? 
_refine.ls_number_restraints                     ? 
_refine.occupancy_min                            ? 
_refine.occupancy_max                            ? 
_refine.correlation_coeff_Fo_to_Fc               ? 
_refine.correlation_coeff_Fo_to_Fc_free          ? 
_refine.B_iso_mean                               28.8 
_refine.aniso_B[1][1]                            ? 
_refine.aniso_B[2][2]                            ? 
_refine.aniso_B[3][3]                            ? 
_refine.aniso_B[1][2]                            ? 
_refine.aniso_B[1][3]                            ? 
_refine.aniso_B[2][3]                            ? 
_refine.solvent_model_details                    'FLAT BULK SOLVENT MODEL' 
_refine.solvent_model_param_ksol                 0 
_refine.solvent_model_param_bsol                 0 
_refine.pdbx_solvent_vdw_probe_radii             1.11 
_refine.pdbx_solvent_ion_probe_radii             ? 
_refine.pdbx_solvent_shrinkage_radii             0.90 
_refine.pdbx_ls_cross_valid_method               ? 
_refine.details                                  ? 
_refine.pdbx_starting_model                      NONE 
_refine.pdbx_method_to_determine_struct          SAD 
_refine.pdbx_isotropic_thermal_model             ? 
_refine.pdbx_stereochemistry_target_values       ML 
_refine.pdbx_stereochem_target_val_spec_case     ? 
_refine.pdbx_R_Free_selection_details            ? 
_refine.pdbx_overall_ESU_R                       ? 
_refine.pdbx_overall_ESU_R_Free                  ? 
_refine.overall_SU_ML                            0.20 
_refine.pdbx_overall_phase_error                 26.72 
_refine.overall_SU_B                             ? 
_refine.overall_SU_R_Cruickshank_DPI             ? 
_refine.pdbx_overall_SU_R_free_Cruickshank_DPI   ? 
_refine.pdbx_overall_SU_R_Blow_DPI               ? 
_refine.pdbx_overall_SU_R_free_Blow_DPI          ? 
# 
_refine_hist.pdbx_refine_id                   'X-RAY DIFFRACTION' 
_refine_hist.cycle_id                         LAST 
_refine_hist.pdbx_number_atoms_protein        698 
_refine_hist.pdbx_number_atoms_nucleic_acid   0 
_refine_hist.pdbx_number_atoms_ligand         3 
_refine_hist.number_atoms_solvent             88 
_refine_hist.number_atoms_total               789 
_refine_hist.d_res_high                       1.690 
_refine_hist.d_res_low                        42.205 
# 
loop_
_refine_ls_restr.type 
_refine_ls_restr.dev_ideal 
_refine_ls_restr.dev_ideal_target 
_refine_ls_restr.weight 
_refine_ls_restr.number 
_refine_ls_restr.pdbx_refine_id 
_refine_ls_restr.pdbx_restraint_function 
f_bond_d           0.013  ? ? 740 'X-RAY DIFFRACTION' ? 
f_angle_d          1.406  ? ? 986 'X-RAY DIFFRACTION' ? 
f_dihedral_angle_d 16.114 ? ? 312 'X-RAY DIFFRACTION' ? 
f_chiral_restr     0.072  ? ? 101 'X-RAY DIFFRACTION' ? 
f_plane_restr      0.006  ? ? 132 'X-RAY DIFFRACTION' ? 
# 
loop_
_refine_ls_shell.pdbx_refine_id 
_refine_ls_shell.pdbx_total_number_of_bins_used 
_refine_ls_shell.d_res_high 
_refine_ls_shell.d_res_low 
_refine_ls_shell.number_reflns_R_work 
_refine_ls_shell.R_factor_R_work 
_refine_ls_shell.percent_reflns_obs 
_refine_ls_shell.R_factor_R_free 
_refine_ls_shell.R_factor_R_free_error 
_refine_ls_shell.percent_reflns_R_free 
_refine_ls_shell.number_reflns_R_free 
_refine_ls_shell.number_reflns_all 
_refine_ls_shell.R_factor_all 
'X-RAY DIFFRACTION' . 1.6900 1.8205  2451 0.2426 97.00  0.2837 . . 125 . . 
'X-RAY DIFFRACTION' . 1.8205 2.0037  2531 0.2076 100.00 0.2364 . . 120 . . 
'X-RAY DIFFRACTION' . 2.0037 2.2937  2561 0.1727 100.00 0.2410 . . 138 . . 
'X-RAY DIFFRACTION' . 2.2937 2.8897  2562 0.1891 100.00 0.2035 . . 140 . . 
'X-RAY DIFFRACTION' . 2.8897 42.2181 2668 0.1947 99.00  0.2425 . . 140 . . 
# 
_struct.entry_id                  2YMY 
_struct.title                     'Structure of the murine Nore1-Sarah domain' 
_struct.pdbx_model_details        ? 
_struct.pdbx_CASP_flag            ? 
_struct.pdbx_model_type_details   ? 
# 
_struct_keywords.entry_id        2YMY 
_struct_keywords.pdbx_keywords   APOPTOSIS 
_struct_keywords.text            'APOPTOSIS, TUMOR SUPPRESSOR, COILED-COIL, RAS ASSOCIATION DOMAIN FAMILY' 
# 
loop_
_struct_asym.id 
_struct_asym.pdbx_blank_PDB_chainid_flag 
_struct_asym.pdbx_modified 
_struct_asym.entity_id 
_struct_asym.details 
A N N 1 ? 
B N N 1 ? 
C N N 2 ? 
D N N 2 ? 
E N N 2 ? 
F N N 3 ? 
G N N 3 ? 
# 
_struct_ref.id                         1 
_struct_ref.db_name                    UNP 
_struct_ref.db_code                    RASF5_MOUSE 
_struct_ref.entity_id                  1 
_struct_ref.pdbx_seq_one_letter_code   ? 
_struct_ref.pdbx_align_begin           ? 
_struct_ref.pdbx_db_accession          Q5EBH1 
_struct_ref.pdbx_db_isoform            ? 
# 
loop_
_struct_ref_seq.align_id 
_struct_ref_seq.ref_id 
_struct_ref_seq.pdbx_PDB_id_code 
_struct_ref_seq.pdbx_strand_id 
_struct_ref_seq.seq_align_beg 
_struct_ref_seq.pdbx_seq_align_beg_ins_code 
_struct_ref_seq.seq_align_end 
_struct_ref_seq.pdbx_seq_align_end_ins_code 
_struct_ref_seq.pdbx_db_accession 
_struct_ref_seq.db_align_beg 
_struct_ref_seq.pdbx_db_align_beg_ins_code 
_struct_ref_seq.db_align_end 
_struct_ref_seq.pdbx_db_align_end_ins_code 
_struct_ref_seq.pdbx_auth_seq_align_beg 
_struct_ref_seq.pdbx_auth_seq_align_end 
1 1 2YMY A 3 ? 46 ? Q5EBH1 370 ? 413 ? 370 413 
2 1 2YMY B 3 ? 46 ? Q5EBH1 370 ? 413 ? 370 413 
# 
loop_
_struct_ref_seq_dif.align_id 
_struct_ref_seq_dif.pdbx_pdb_id_code 
_struct_ref_seq_dif.mon_id 
_struct_ref_seq_dif.pdbx_pdb_strand_id 
_struct_ref_seq_dif.seq_num 
_struct_ref_seq_dif.pdbx_pdb_ins_code 
_struct_ref_seq_dif.pdbx_seq_db_name 
_struct_ref_seq_dif.pdbx_seq_db_accession_code 
_struct_ref_seq_dif.db_mon_id 
_struct_ref_seq_dif.pdbx_seq_db_seq_num 
_struct_ref_seq_dif.details 
_struct_ref_seq_dif.pdbx_auth_seq_num 
_struct_ref_seq_dif.pdbx_ordinal 
1 2YMY GLY A 1 ? UNP Q5EBH1 ? ? 'expression tag' 368 1 
1 2YMY SER A 2 ? UNP Q5EBH1 ? ? 'expression tag' 369 2 
2 2YMY GLY B 1 ? UNP Q5EBH1 ? ? 'expression tag' 368 3 
2 2YMY SER B 2 ? UNP Q5EBH1 ? ? 'expression tag' 369 4 
# 
_pdbx_struct_assembly.id                   1 
_pdbx_struct_assembly.details              author_and_software_defined_assembly 
_pdbx_struct_assembly.method_details       PISA 
_pdbx_struct_assembly.oligomeric_details   dimeric 
_pdbx_struct_assembly.oligomeric_count     2 
# 
loop_
_pdbx_struct_assembly_prop.biol_id 
_pdbx_struct_assembly_prop.type 
_pdbx_struct_assembly_prop.value 
_pdbx_struct_assembly_prop.details 
1 'ABSA (A^2)' 1670  ? 
1 MORE         -13.7 ? 
1 'SSA (A^2)'  6700  ? 
# 
_pdbx_struct_assembly_gen.assembly_id       1 
_pdbx_struct_assembly_gen.oper_expression   1 
_pdbx_struct_assembly_gen.asym_id_list      A,B,C,D,E,F,G 
# 
_pdbx_struct_oper_list.id                   1 
_pdbx_struct_oper_list.type                 'identity operation' 
_pdbx_struct_oper_list.name                 1_555 
_pdbx_struct_oper_list.symmetry_operation   x,y,z 
_pdbx_struct_oper_list.matrix[1][1]         1.0000000000 
_pdbx_struct_oper_list.matrix[1][2]         0.0000000000 
_pdbx_struct_oper_list.matrix[1][3]         0.0000000000 
_pdbx_struct_oper_list.vector[1]            0.0000000000 
_pdbx_struct_oper_list.matrix[2][1]         0.0000000000 
_pdbx_struct_oper_list.matrix[2][2]         1.0000000000 
_pdbx_struct_oper_list.matrix[2][3]         0.0000000000 
_pdbx_struct_oper_list.vector[2]            0.0000000000 
_pdbx_struct_oper_list.matrix[3][1]         0.0000000000 
_pdbx_struct_oper_list.matrix[3][2]         0.0000000000 
_pdbx_struct_oper_list.matrix[3][3]         1.0000000000 
_pdbx_struct_oper_list.vector[3]            0.0000000000 
# 
_struct_biol.id   1 
# 
loop_
_struct_conf.conf_type_id 
_struct_conf.id 
_struct_conf.pdbx_PDB_helix_id 
_struct_conf.beg_label_comp_id 
_struct_conf.beg_label_asym_id 
_struct_conf.beg_label_seq_id 
_struct_conf.pdbx_beg_PDB_ins_code 
_struct_conf.end_label_comp_id 
_struct_conf.end_label_asym_id 
_struct_conf.end_label_seq_id 
_struct_conf.pdbx_end_PDB_ins_code 
_struct_conf.beg_auth_comp_id 
_struct_conf.beg_auth_asym_id 
_struct_conf.beg_auth_seq_id 
_struct_conf.end_auth_comp_id 
_struct_conf.end_auth_asym_id 
_struct_conf.end_auth_seq_id 
_struct_conf.pdbx_PDB_helix_class 
_struct_conf.details 
_struct_conf.pdbx_PDB_helix_length 
HELX_P HELX_P1 1 SER A 2 ? ARG A 39 ? SER A 369 ARG A 406 1 ? 38 
HELX_P HELX_P2 2 SER B 2 ? GLU B 40 ? SER B 369 GLU B 407 1 ? 39 
# 
_struct_conf_type.id          HELX_P 
_struct_conf_type.criteria    ? 
_struct_conf_type.reference   ? 
# 
loop_
_struct_conn.id 
_struct_conn.conn_type_id 
_struct_conn.pdbx_leaving_atom_flag 
_struct_conn.pdbx_PDB_id 
_struct_conn.ptnr1_label_asym_id 
_struct_conn.ptnr1_label_comp_id 
_struct_conn.ptnr1_label_seq_id 
_struct_conn.ptnr1_label_atom_id 
_struct_conn.pdbx_ptnr1_label_alt_id 
_struct_conn.pdbx_ptnr1_PDB_ins_code 
_struct_conn.pdbx_ptnr1_standard_comp_id 
_struct_conn.ptnr1_symmetry 
_struct_conn.ptnr2_label_asym_id 
_struct_conn.ptnr2_label_comp_id 
_struct_conn.ptnr2_label_seq_id 
_struct_conn.ptnr2_label_atom_id 
_struct_conn.pdbx_ptnr2_label_alt_id 
_struct_conn.pdbx_ptnr2_PDB_ins_code 
_struct_conn.ptnr1_auth_asym_id 
_struct_conn.ptnr1_auth_comp_id 
_struct_conn.ptnr1_auth_seq_id 
_struct_conn.ptnr2_auth_asym_id 
_struct_conn.ptnr2_auth_comp_id 
_struct_conn.ptnr2_auth_seq_id 
_struct_conn.ptnr2_symmetry 
_struct_conn.pdbx_ptnr3_label_atom_id 
_struct_conn.pdbx_ptnr3_label_seq_id 
_struct_conn.pdbx_ptnr3_label_comp_id 
_struct_conn.pdbx_ptnr3_label_asym_id 
_struct_conn.pdbx_ptnr3_label_alt_id 
_struct_conn.pdbx_ptnr3_PDB_ins_code 
_struct_conn.details 
_struct_conn.pdbx_dist_value 
_struct_conn.pdbx_value_order 
_struct_conn.pdbx_role 
metalc1  metalc ? ? A GLU 40 OE2 ? ? ? 4_555 C CD  .  CD  ? ? A GLU 407  A CD  1409 1_555 ? ? ? ? ? ? ? 2.953 ? ? 
metalc2  metalc ? ? A GLU 40 OE1 ? ? ? 1_555 C CD  .  CD  ? ? A GLU 407  A CD  1409 1_555 ? ? ? ? ? ? ? 2.051 ? ? 
metalc3  metalc ? ? A GLU 40 OE1 ? ? ? 4_555 C CD  .  CD  ? ? A GLU 407  A CD  1409 1_555 ? ? ? ? ? ? ? 2.568 ? ? 
metalc4  metalc ? ? A GLU 40 OE2 ? ? ? 1_555 C CD  .  CD  ? ? A GLU 407  A CD  1409 1_555 ? ? ? ? ? ? ? 2.054 ? ? 
metalc5  metalc ? ? C CD  .  CD  ? ? ? 1_555 B GLU 36 OE2 ? ? A CD  1409 B GLU 403  5_545 ? ? ? ? ? ? ? 2.136 ? ? 
metalc6  metalc ? ? C CD  .  CD  ? ? ? 1_555 B GLU 36 OE2 ? ? A CD  1409 B GLU 403  8_555 ? ? ? ? ? ? ? 2.290 ? ? 
metalc7  metalc ? ? C CD  .  CD  ? ? ? 1_555 B GLU 36 OE1 ? ? A CD  1409 B GLU 403  5_545 ? ? ? ? ? ? ? 2.455 ? ? 
metalc8  metalc ? ? C CD  .  CD  ? ? ? 1_555 B GLU 36 OE1 ? ? A CD  1409 B GLU 403  8_555 ? ? ? ? ? ? ? 2.848 ? ? 
metalc9  metalc ? ? B HIS 21 NE2 ? ? ? 3_655 D CD  .  CD  ? ? B HIS 388  B CD  1409 1_555 ? ? ? ? ? ? ? 2.623 ? ? 
metalc10 metalc ? ? B HIS 21 NE2 ? ? ? 1_555 D CD  .  CD  ? ? B HIS 388  B CD  1409 1_555 ? ? ? ? ? ? ? 2.623 ? ? 
metalc11 metalc ? ? B GLU 36 OE2 ? ? ? 1_555 E CD  .  CD  ? ? B GLU 403  B CD  1410 1_555 ? ? ? ? ? ? ? 2.284 ? ? 
metalc12 metalc ? ? B GLU 36 OE2 ? ? ? 4_565 E CD  .  CD  ? ? B GLU 403  B CD  1410 1_555 ? ? ? ? ? ? ? 2.327 ? ? 
metalc13 metalc ? ? B GLU 40 OE1 ? ? ? 4_565 E CD  .  CD  ? ? B GLU 407  B CD  1410 1_555 ? ? ? ? ? ? ? 2.395 ? ? 
metalc14 metalc ? ? B GLU 40 OE2 ? ? ? 1_555 E CD  .  CD  ? ? B GLU 407  B CD  1410 1_555 ? ? ? ? ? ? ? 2.089 ? ? 
metalc15 metalc ? ? B GLU 40 OE2 ? ? ? 4_565 E CD  .  CD  ? ? B GLU 407  B CD  1410 1_555 ? ? ? ? ? ? ? 2.914 ? ? 
metalc16 metalc ? ? B GLU 40 OE1 ? ? ? 1_555 E CD  .  CD  ? ? B GLU 407  B CD  1410 1_555 ? ? ? ? ? ? ? 2.569 ? ? 
metalc17 metalc ? ? D CD  .  CD  ? ? ? 1_555 G HOH .  O   ? ? B CD  1409 B HOH 2024 3_655 ? ? ? ? ? ? ? 2.268 ? ? 
metalc18 metalc ? ? D CD  .  CD  ? ? ? 1_555 G HOH .  O   ? ? B CD  1409 B HOH 2024 1_555 ? ? ? ? ? ? ? 2.268 ? ? 
metalc19 metalc ? ? D CD  .  CD  ? ? ? 1_555 G HOH .  O   ? ? B CD  1409 B HOH 2044 3_655 ? ? ? ? ? ? ? 2.487 ? ? 
metalc20 metalc ? ? D CD  .  CD  ? ? ? 1_555 G HOH .  O   ? ? B CD  1409 B HOH 2044 1_555 ? ? ? ? ? ? ? 2.487 ? ? 
metalc21 metalc ? ? E CD  .  CD  ? ? ? 1_555 G HOH .  O   ? ? B CD  1410 B HOH 2042 1_555 ? ? ? ? ? ? ? 2.294 ? ? 
# 
_struct_conn_type.id          metalc 
_struct_conn_type.criteria    ? 
_struct_conn_type.reference   ? 
# 
loop_
_pdbx_struct_conn_angle.id 
_pdbx_struct_conn_angle.ptnr1_label_atom_id 
_pdbx_struct_conn_angle.ptnr1_label_alt_id 
_pdbx_struct_conn_angle.ptnr1_label_asym_id 
_pdbx_struct_conn_angle.ptnr1_label_comp_id 
_pdbx_struct_conn_angle.ptnr1_label_seq_id 
_pdbx_struct_conn_angle.ptnr1_auth_atom_id 
_pdbx_struct_conn_angle.ptnr1_auth_asym_id 
_pdbx_struct_conn_angle.ptnr1_auth_comp_id 
_pdbx_struct_conn_angle.ptnr1_auth_seq_id 
_pdbx_struct_conn_angle.ptnr1_PDB_ins_code 
_pdbx_struct_conn_angle.ptnr1_symmetry 
_pdbx_struct_conn_angle.ptnr2_label_atom_id 
_pdbx_struct_conn_angle.ptnr2_label_alt_id 
_pdbx_struct_conn_angle.ptnr2_label_asym_id 
_pdbx_struct_conn_angle.ptnr2_label_comp_id 
_pdbx_struct_conn_angle.ptnr2_label_seq_id 
_pdbx_struct_conn_angle.ptnr2_auth_atom_id 
_pdbx_struct_conn_angle.ptnr2_auth_asym_id 
_pdbx_struct_conn_angle.ptnr2_auth_comp_id 
_pdbx_struct_conn_angle.ptnr2_auth_seq_id 
_pdbx_struct_conn_angle.ptnr2_PDB_ins_code 
_pdbx_struct_conn_angle.ptnr2_symmetry 
_pdbx_struct_conn_angle.ptnr3_label_atom_id 
_pdbx_struct_conn_angle.ptnr3_label_alt_id 
_pdbx_struct_conn_angle.ptnr3_label_asym_id 
_pdbx_struct_conn_angle.ptnr3_label_comp_id 
_pdbx_struct_conn_angle.ptnr3_label_seq_id 
_pdbx_struct_conn_angle.ptnr3_auth_atom_id 
_pdbx_struct_conn_angle.ptnr3_auth_asym_id 
_pdbx_struct_conn_angle.ptnr3_auth_comp_id 
_pdbx_struct_conn_angle.ptnr3_auth_seq_id 
_pdbx_struct_conn_angle.ptnr3_PDB_ins_code 
_pdbx_struct_conn_angle.ptnr3_symmetry 
_pdbx_struct_conn_angle.value 
_pdbx_struct_conn_angle.value_esd 
1  OE2 ? A GLU 40 ? A GLU 407  ? 4_555 CD ? C CD . ? A CD 1409 ? 1_555 OE1 ? A GLU 40 ? A GLU 407  ? 1_555 119.1 ? 
2  OE2 ? A GLU 40 ? A GLU 407  ? 4_555 CD ? C CD . ? A CD 1409 ? 1_555 OE1 ? A GLU 40 ? A GLU 407  ? 4_555 46.6  ? 
3  OE1 ? A GLU 40 ? A GLU 407  ? 1_555 CD ? C CD . ? A CD 1409 ? 1_555 OE1 ? A GLU 40 ? A GLU 407  ? 4_555 77.1  ? 
4  OE2 ? A GLU 40 ? A GLU 407  ? 4_555 CD ? C CD . ? A CD 1409 ? 1_555 OE2 ? A GLU 40 ? A GLU 407  ? 1_555 173.6 ? 
5  OE1 ? A GLU 40 ? A GLU 407  ? 1_555 CD ? C CD . ? A CD 1409 ? 1_555 OE2 ? A GLU 40 ? A GLU 407  ? 1_555 65.2  ? 
6  OE1 ? A GLU 40 ? A GLU 407  ? 4_555 CD ? C CD . ? A CD 1409 ? 1_555 OE2 ? A GLU 40 ? A GLU 407  ? 1_555 139.4 ? 
7  OE2 ? A GLU 40 ? A GLU 407  ? 4_555 CD ? C CD . ? A CD 1409 ? 1_555 OE2 ? B GLU 36 ? B GLU 403  ? 5_545 81.7  ? 
8  OE1 ? A GLU 40 ? A GLU 407  ? 1_555 CD ? C CD . ? A CD 1409 ? 1_555 OE2 ? B GLU 36 ? B GLU 403  ? 5_545 153.7 ? 
9  OE1 ? A GLU 40 ? A GLU 407  ? 4_555 CD ? C CD . ? A CD 1409 ? 1_555 OE2 ? B GLU 36 ? B GLU 403  ? 5_545 113.8 ? 
10 OE2 ? A GLU 40 ? A GLU 407  ? 1_555 CD ? C CD . ? A CD 1409 ? 1_555 OE2 ? B GLU 36 ? B GLU 403  ? 5_545 95.6  ? 
11 OE2 ? A GLU 40 ? A GLU 407  ? 4_555 CD ? C CD . ? A CD 1409 ? 1_555 OE2 ? B GLU 36 ? B GLU 403  ? 8_555 71.3  ? 
12 OE1 ? A GLU 40 ? A GLU 407  ? 1_555 CD ? C CD . ? A CD 1409 ? 1_555 OE2 ? B GLU 36 ? B GLU 403  ? 8_555 130.8 ? 
13 OE1 ? A GLU 40 ? A GLU 407  ? 4_555 CD ? C CD . ? A CD 1409 ? 1_555 OE2 ? B GLU 36 ? B GLU 403  ? 8_555 114.0 ? 
14 OE2 ? A GLU 40 ? A GLU 407  ? 1_555 CD ? C CD . ? A CD 1409 ? 1_555 OE2 ? B GLU 36 ? B GLU 403  ? 8_555 102.3 ? 
15 OE2 ? B GLU 36 ? B GLU 403  ? 5_545 CD ? C CD . ? A CD 1409 ? 1_555 OE2 ? B GLU 36 ? B GLU 403  ? 8_555 68.5  ? 
16 OE2 ? A GLU 40 ? A GLU 407  ? 4_555 CD ? C CD . ? A CD 1409 ? 1_555 OE1 ? B GLU 36 ? B GLU 403  ? 5_545 98.6  ? 
17 OE1 ? A GLU 40 ? A GLU 407  ? 1_555 CD ? C CD . ? A CD 1409 ? 1_555 OE1 ? B GLU 36 ? B GLU 403  ? 5_545 102.0 ? 
18 OE1 ? A GLU 40 ? A GLU 407  ? 4_555 CD ? C CD . ? A CD 1409 ? 1_555 OE1 ? B GLU 36 ? B GLU 403  ? 5_545 89.0  ? 
19 OE2 ? A GLU 40 ? A GLU 407  ? 1_555 CD ? C CD . ? A CD 1409 ? 1_555 OE1 ? B GLU 36 ? B GLU 403  ? 5_545 84.6  ? 
20 OE2 ? B GLU 36 ? B GLU 403  ? 5_545 CD ? C CD . ? A CD 1409 ? 1_555 OE1 ? B GLU 36 ? B GLU 403  ? 5_545 56.4  ? 
21 OE2 ? B GLU 36 ? B GLU 403  ? 8_555 CD ? C CD . ? A CD 1409 ? 1_555 OE1 ? B GLU 36 ? B GLU 403  ? 5_545 124.9 ? 
22 OE2 ? A GLU 40 ? A GLU 407  ? 4_555 CD ? C CD . ? A CD 1409 ? 1_555 OE1 ? B GLU 36 ? B GLU 403  ? 8_555 63.4  ? 
23 OE1 ? A GLU 40 ? A GLU 407  ? 1_555 CD ? C CD . ? A CD 1409 ? 1_555 OE1 ? B GLU 36 ? B GLU 403  ? 8_555 90.4  ? 
24 OE1 ? A GLU 40 ? A GLU 407  ? 4_555 CD ? C CD . ? A CD 1409 ? 1_555 OE1 ? B GLU 36 ? B GLU 403  ? 8_555 80.6  ? 
25 OE2 ? A GLU 40 ? A GLU 407  ? 1_555 CD ? C CD . ? A CD 1409 ? 1_555 OE1 ? B GLU 36 ? B GLU 403  ? 8_555 113.1 ? 
26 OE2 ? B GLU 36 ? B GLU 403  ? 5_545 CD ? C CD . ? A CD 1409 ? 1_555 OE1 ? B GLU 36 ? B GLU 403  ? 8_555 114.4 ? 
27 OE2 ? B GLU 36 ? B GLU 403  ? 8_555 CD ? C CD . ? A CD 1409 ? 1_555 OE1 ? B GLU 36 ? B GLU 403  ? 8_555 48.9  ? 
28 OE1 ? B GLU 36 ? B GLU 403  ? 5_545 CD ? C CD . ? A CD 1409 ? 1_555 OE1 ? B GLU 36 ? B GLU 403  ? 8_555 161.7 ? 
29 NE2 ? B HIS 21 ? B HIS 388  ? 3_655 CD ? D CD . ? B CD 1409 ? 1_555 NE2 ? B HIS 21 ? B HIS 388  ? 1_555 159.7 ? 
30 NE2 ? B HIS 21 ? B HIS 388  ? 3_655 CD ? D CD . ? B CD 1409 ? 1_555 O   ? G HOH .  ? B HOH 2024 ? 3_655 77.1  ? 
31 NE2 ? B HIS 21 ? B HIS 388  ? 1_555 CD ? D CD . ? B CD 1409 ? 1_555 O   ? G HOH .  ? B HOH 2024 ? 3_655 86.2  ? 
32 NE2 ? B HIS 21 ? B HIS 388  ? 3_655 CD ? D CD . ? B CD 1409 ? 1_555 O   ? G HOH .  ? B HOH 2024 ? 1_555 86.2  ? 
33 NE2 ? B HIS 21 ? B HIS 388  ? 1_555 CD ? D CD . ? B CD 1409 ? 1_555 O   ? G HOH .  ? B HOH 2024 ? 1_555 77.1  ? 
34 O   ? G HOH .  ? B HOH 2024 ? 3_655 CD ? D CD . ? B CD 1409 ? 1_555 O   ? G HOH .  ? B HOH 2024 ? 1_555 69.3  ? 
35 NE2 ? B HIS 21 ? B HIS 388  ? 3_655 CD ? D CD . ? B CD 1409 ? 1_555 O   ? G HOH .  ? B HOH 2044 ? 3_655 113.4 ? 
36 NE2 ? B HIS 21 ? B HIS 388  ? 1_555 CD ? D CD . ? B CD 1409 ? 1_555 O   ? G HOH .  ? B HOH 2044 ? 3_655 82.0  ? 
37 O   ? G HOH .  ? B HOH 2024 ? 3_655 CD ? D CD . ? B CD 1409 ? 1_555 O   ? G HOH .  ? B HOH 2044 ? 3_655 167.3 ? 
38 O   ? G HOH .  ? B HOH 2024 ? 1_555 CD ? D CD . ? B CD 1409 ? 1_555 O   ? G HOH .  ? B HOH 2044 ? 3_655 103.2 ? 
39 NE2 ? B HIS 21 ? B HIS 388  ? 3_655 CD ? D CD . ? B CD 1409 ? 1_555 O   ? G HOH .  ? B HOH 2044 ? 1_555 82.0  ? 
40 NE2 ? B HIS 21 ? B HIS 388  ? 1_555 CD ? D CD . ? B CD 1409 ? 1_555 O   ? G HOH .  ? B HOH 2044 ? 1_555 113.4 ? 
41 O   ? G HOH .  ? B HOH 2024 ? 3_655 CD ? D CD . ? B CD 1409 ? 1_555 O   ? G HOH .  ? B HOH 2044 ? 1_555 103.2 ? 
42 O   ? G HOH .  ? B HOH 2024 ? 1_555 CD ? D CD . ? B CD 1409 ? 1_555 O   ? G HOH .  ? B HOH 2044 ? 1_555 167.3 ? 
43 O   ? G HOH .  ? B HOH 2044 ? 3_655 CD ? D CD . ? B CD 1409 ? 1_555 O   ? G HOH .  ? B HOH 2044 ? 1_555 86.0  ? 
44 OE2 ? B GLU 36 ? B GLU 403  ? 1_555 CD ? E CD . ? B CD 1410 ? 1_555 OE2 ? B GLU 36 ? B GLU 403  ? 4_565 65.5  ? 
45 OE2 ? B GLU 36 ? B GLU 403  ? 1_555 CD ? E CD . ? B CD 1410 ? 1_555 OE1 ? B GLU 40 ? B GLU 407  ? 4_565 159.2 ? 
46 OE2 ? B GLU 36 ? B GLU 403  ? 4_565 CD ? E CD . ? B CD 1410 ? 1_555 OE1 ? B GLU 40 ? B GLU 407  ? 4_565 99.7  ? 
47 OE2 ? B GLU 36 ? B GLU 403  ? 1_555 CD ? E CD . ? B CD 1410 ? 1_555 OE2 ? B GLU 40 ? B GLU 407  ? 1_555 106.2 ? 
48 OE2 ? B GLU 36 ? B GLU 403  ? 4_565 CD ? E CD . ? B CD 1410 ? 1_555 OE2 ? B GLU 40 ? B GLU 407  ? 1_555 160.6 ? 
49 OE1 ? B GLU 40 ? B GLU 407  ? 4_565 CD ? E CD . ? B CD 1410 ? 1_555 OE2 ? B GLU 40 ? B GLU 407  ? 1_555 92.2  ? 
50 OE2 ? B GLU 36 ? B GLU 403  ? 1_555 CD ? E CD . ? B CD 1410 ? 1_555 OE2 ? B GLU 40 ? B GLU 407  ? 4_565 113.2 ? 
51 OE2 ? B GLU 36 ? B GLU 403  ? 4_565 CD ? E CD . ? B CD 1410 ? 1_555 OE2 ? B GLU 40 ? B GLU 407  ? 4_565 83.0  ? 
52 OE1 ? B GLU 40 ? B GLU 407  ? 4_565 CD ? E CD . ? B CD 1410 ? 1_555 OE2 ? B GLU 40 ? B GLU 407  ? 4_565 47.9  ? 
53 OE2 ? B GLU 40 ? B GLU 407  ? 1_555 CD ? E CD . ? B CD 1410 ? 1_555 OE2 ? B GLU 40 ? B GLU 407  ? 4_565 116.3 ? 
54 OE2 ? B GLU 36 ? B GLU 403  ? 1_555 CD ? E CD . ? B CD 1410 ? 1_555 OE1 ? B GLU 40 ? B GLU 407  ? 1_555 96.0  ? 
55 OE2 ? B GLU 36 ? B GLU 403  ? 4_565 CD ? E CD . ? B CD 1410 ? 1_555 OE1 ? B GLU 40 ? B GLU 407  ? 1_555 140.1 ? 
56 OE1 ? B GLU 40 ? B GLU 407  ? 4_565 CD ? E CD . ? B CD 1410 ? 1_555 OE1 ? B GLU 40 ? B GLU 407  ? 1_555 86.4  ? 
57 OE2 ? B GLU 40 ? B GLU 407  ? 1_555 CD ? E CD . ? B CD 1410 ? 1_555 OE1 ? B GLU 40 ? B GLU 407  ? 1_555 55.4  ? 
58 OE2 ? B GLU 40 ? B GLU 407  ? 4_565 CD ? E CD . ? B CD 1410 ? 1_555 OE1 ? B GLU 40 ? B GLU 407  ? 1_555 72.1  ? 
59 OE2 ? B GLU 36 ? B GLU 403  ? 1_555 CD ? E CD . ? B CD 1410 ? 1_555 O   ? G HOH .  ? B HOH 2042 ? 1_555 93.1  ? 
60 OE2 ? B GLU 36 ? B GLU 403  ? 4_565 CD ? E CD . ? B CD 1410 ? 1_555 O   ? G HOH .  ? B HOH 2042 ? 1_555 84.3  ? 
61 OE1 ? B GLU 40 ? B GLU 407  ? 4_565 CD ? E CD . ? B CD 1410 ? 1_555 O   ? G HOH .  ? B HOH 2042 ? 1_555 100.2 ? 
62 OE2 ? B GLU 40 ? B GLU 407  ? 1_555 CD ? E CD . ? B CD 1410 ? 1_555 O   ? G HOH .  ? B HOH 2042 ? 1_555 78.6  ? 
63 OE2 ? B GLU 40 ? B GLU 407  ? 4_565 CD ? E CD . ? B CD 1410 ? 1_555 O   ? G HOH .  ? B HOH 2042 ? 1_555 142.3 ? 
64 OE1 ? B GLU 40 ? B GLU 407  ? 1_555 CD ? E CD . ? B CD 1410 ? 1_555 O   ? G HOH .  ? B HOH 2042 ? 1_555 133.8 ? 
# 
_struct_mon_prot_cis.pdbx_id                1 
_struct_mon_prot_cis.label_comp_id          GLY 
_struct_mon_prot_cis.label_seq_id           1 
_struct_mon_prot_cis.label_asym_id          B 
_struct_mon_prot_cis.label_alt_id           . 
_struct_mon_prot_cis.pdbx_PDB_ins_code      ? 
_struct_mon_prot_cis.auth_comp_id           GLY 
_struct_mon_prot_cis.auth_seq_id            368 
_struct_mon_prot_cis.auth_asym_id           B 
_struct_mon_prot_cis.pdbx_label_comp_id_2   SER 
_struct_mon_prot_cis.pdbx_label_seq_id_2    2 
_struct_mon_prot_cis.pdbx_label_asym_id_2   B 
_struct_mon_prot_cis.pdbx_PDB_ins_code_2    ? 
_struct_mon_prot_cis.pdbx_auth_comp_id_2    SER 
_struct_mon_prot_cis.pdbx_auth_seq_id_2     369 
_struct_mon_prot_cis.pdbx_auth_asym_id_2    B 
_struct_mon_prot_cis.pdbx_PDB_model_num     1 
_struct_mon_prot_cis.pdbx_omega_angle       -4.69 
# 
loop_
_struct_site.id 
_struct_site.pdbx_evidence_code 
_struct_site.pdbx_auth_asym_id 
_struct_site.pdbx_auth_comp_id 
_struct_site.pdbx_auth_seq_id 
_struct_site.pdbx_auth_ins_code 
_struct_site.pdbx_num_residues 
_struct_site.details 
AC1 Software B CD 1409 ? 6 'BINDING SITE FOR RESIDUE CD B 1409' 
AC2 Software B CD 1410 ? 6 'BINDING SITE FOR RESIDUE CD B 1410' 
AC3 Software A CD 1409 ? 5 'BINDING SITE FOR RESIDUE CD A 1409' 
# 
loop_
_struct_site_gen.id 
_struct_site_gen.site_id 
_struct_site_gen.pdbx_num_res 
_struct_site_gen.label_comp_id 
_struct_site_gen.label_asym_id 
_struct_site_gen.label_seq_id 
_struct_site_gen.pdbx_auth_ins_code 
_struct_site_gen.auth_comp_id 
_struct_site_gen.auth_asym_id 
_struct_site_gen.auth_seq_id 
_struct_site_gen.label_atom_id 
_struct_site_gen.label_alt_id 
_struct_site_gen.symmetry 
_struct_site_gen.details 
1  AC1 6 HIS B 21 ? HIS B 388  . ? 1_555 ? 
2  AC1 6 HIS B 21 ? HIS B 388  . ? 3_655 ? 
3  AC1 6 HOH G .  ? HOH B 2024 . ? 3_655 ? 
4  AC1 6 HOH G .  ? HOH B 2024 . ? 1_555 ? 
5  AC1 6 HOH G .  ? HOH B 2044 . ? 3_655 ? 
6  AC1 6 HOH G .  ? HOH B 2044 . ? 1_555 ? 
7  AC2 6 CD  C .  ? CD  A 1409 . ? 5_455 ? 
8  AC2 6 GLU B 36 ? GLU B 403  . ? 1_555 ? 
9  AC2 6 GLU B 36 ? GLU B 403  . ? 4_565 ? 
10 AC2 6 GLU B 40 ? GLU B 407  . ? 1_555 ? 
11 AC2 6 GLU B 40 ? GLU B 407  . ? 4_565 ? 
12 AC2 6 HOH G .  ? HOH B 2042 . ? 1_555 ? 
13 AC3 5 GLU A 40 ? GLU A 407  . ? 4_555 ? 
14 AC3 5 GLU A 40 ? GLU A 407  . ? 1_555 ? 
15 AC3 5 GLU B 36 ? GLU B 403  . ? 5_545 ? 
16 AC3 5 GLU B 36 ? GLU B 403  . ? 8_555 ? 
17 AC3 5 CD  E .  ? CD  B 1410 . ? 5_545 ? 
# 
loop_
_pdbx_validate_close_contact.id 
_pdbx_validate_close_contact.PDB_model_num 
_pdbx_validate_close_contact.auth_atom_id_1 
_pdbx_validate_close_contact.auth_asym_id_1 
_pdbx_validate_close_contact.auth_comp_id_1 
_pdbx_validate_close_contact.auth_seq_id_1 
_pdbx_validate_close_contact.PDB_ins_code_1 
_pdbx_validate_close_contact.label_alt_id_1 
_pdbx_validate_close_contact.auth_atom_id_2 
_pdbx_validate_close_contact.auth_asym_id_2 
_pdbx_validate_close_contact.auth_comp_id_2 
_pdbx_validate_close_contact.auth_seq_id_2 
_pdbx_validate_close_contact.PDB_ins_code_2 
_pdbx_validate_close_contact.label_alt_id_2 
_pdbx_validate_close_contact.dist 
1 1 HZ1 A LYS 386  ? ? O A HOH 2025 ? ? 1.58 
2 1 O   A HOH 2019 ? ? O B HOH 2032 ? ? 2.00 
3 1 OE2 A GLU 402  ? ? O A HOH 2043 ? ? 2.07 
4 1 OE2 A GLU 371  ? ? O A HOH 2008 ? ? 2.08 
5 1 OD1 B ASP 385  ? ? O B HOH 2020 ? ? 2.09 
6 1 OE2 B GLU 382  ? ? O B HOH 2022 ? ? 2.13 
# 
_pdbx_validate_symm_contact.id                1 
_pdbx_validate_symm_contact.PDB_model_num     1 
_pdbx_validate_symm_contact.auth_atom_id_1    O 
_pdbx_validate_symm_contact.auth_asym_id_1    A 
_pdbx_validate_symm_contact.auth_comp_id_1    HOH 
_pdbx_validate_symm_contact.auth_seq_id_1     2026 
_pdbx_validate_symm_contact.PDB_ins_code_1    ? 
_pdbx_validate_symm_contact.label_alt_id_1    ? 
_pdbx_validate_symm_contact.site_symmetry_1   1_555 
_pdbx_validate_symm_contact.auth_atom_id_2    O 
_pdbx_validate_symm_contact.auth_asym_id_2    B 
_pdbx_validate_symm_contact.auth_comp_id_2    HOH 
_pdbx_validate_symm_contact.auth_seq_id_2     2019 
_pdbx_validate_symm_contact.PDB_ins_code_2    ? 
_pdbx_validate_symm_contact.label_alt_id_2    ? 
_pdbx_validate_symm_contact.site_symmetry_2   3_655 
_pdbx_validate_symm_contact.dist              1.80 
# 
loop_
_pdbx_struct_special_symmetry.id 
_pdbx_struct_special_symmetry.PDB_model_num 
_pdbx_struct_special_symmetry.auth_asym_id 
_pdbx_struct_special_symmetry.auth_comp_id 
_pdbx_struct_special_symmetry.auth_seq_id 
_pdbx_struct_special_symmetry.PDB_ins_code 
_pdbx_struct_special_symmetry.label_asym_id 
_pdbx_struct_special_symmetry.label_comp_id 
_pdbx_struct_special_symmetry.label_seq_id 
1 1 B CD  1409 ? D CD  . 
2 1 A HOH 2005 ? F HOH . 
3 1 A HOH 2031 ? F HOH . 
4 1 A HOH 2036 ? F HOH . 
5 1 B HOH 2023 ? G HOH . 
6 1 B HOH 2041 ? G HOH . 
# 
loop_
_pdbx_unobs_or_zero_occ_residues.id 
_pdbx_unobs_or_zero_occ_residues.PDB_model_num 
_pdbx_unobs_or_zero_occ_residues.polymer_flag 
_pdbx_unobs_or_zero_occ_residues.occupancy_flag 
_pdbx_unobs_or_zero_occ_residues.auth_asym_id 
_pdbx_unobs_or_zero_occ_residues.auth_comp_id 
_pdbx_unobs_or_zero_occ_residues.auth_seq_id 
_pdbx_unobs_or_zero_occ_residues.PDB_ins_code 
_pdbx_unobs_or_zero_occ_residues.label_asym_id 
_pdbx_unobs_or_zero_occ_residues.label_comp_id 
_pdbx_unobs_or_zero_occ_residues.label_seq_id 
1  1 Y 1 A GLY 368 ? A GLY 1  
2  1 Y 1 A GLN 409 ? A GLN 42 
3  1 Y 1 A GLY 410 ? A GLY 43 
4  1 Y 1 A LYS 411 ? A LYS 44 
5  1 Y 1 A PRO 412 ? A PRO 45 
6  1 Y 1 A GLY 413 ? A GLY 46 
7  1 Y 1 B GLN 409 ? B GLN 42 
8  1 Y 1 B GLY 410 ? B GLY 43 
9  1 Y 1 B LYS 411 ? B LYS 44 
10 1 Y 1 B PRO 412 ? B PRO 45 
11 1 Y 1 B GLY 413 ? B GLY 46 
# 
loop_
_chem_comp_atom.comp_id 
_chem_comp_atom.atom_id 
_chem_comp_atom.type_symbol 
_chem_comp_atom.pdbx_aromatic_flag 
_chem_comp_atom.pdbx_stereo_config 
_chem_comp_atom.pdbx_ordinal 
ALA N    N  N N 1   
ALA CA   C  N S 2   
ALA C    C  N N 3   
ALA O    O  N N 4   
ALA CB   C  N N 5   
ALA OXT  O  N N 6   
ALA H    H  N N 7   
ALA H2   H  N N 8   
ALA HA   H  N N 9   
ALA HB1  H  N N 10  
ALA HB2  H  N N 11  
ALA HB3  H  N N 12  
ALA HXT  H  N N 13  
ARG N    N  N N 14  
ARG CA   C  N S 15  
ARG C    C  N N 16  
ARG O    O  N N 17  
ARG CB   C  N N 18  
ARG CG   C  N N 19  
ARG CD   C  N N 20  
ARG NE   N  N N 21  
ARG CZ   C  N N 22  
ARG NH1  N  N N 23  
ARG NH2  N  N N 24  
ARG OXT  O  N N 25  
ARG H    H  N N 26  
ARG H2   H  N N 27  
ARG HA   H  N N 28  
ARG HB2  H  N N 29  
ARG HB3  H  N N 30  
ARG HG2  H  N N 31  
ARG HG3  H  N N 32  
ARG HD2  H  N N 33  
ARG HD3  H  N N 34  
ARG HE   H  N N 35  
ARG HH11 H  N N 36  
ARG HH12 H  N N 37  
ARG HH21 H  N N 38  
ARG HH22 H  N N 39  
ARG HXT  H  N N 40  
ASN N    N  N N 41  
ASN CA   C  N S 42  
ASN C    C  N N 43  
ASN O    O  N N 44  
ASN CB   C  N N 45  
ASN CG   C  N N 46  
ASN OD1  O  N N 47  
ASN ND2  N  N N 48  
ASN OXT  O  N N 49  
ASN H    H  N N 50  
ASN H2   H  N N 51  
ASN HA   H  N N 52  
ASN HB2  H  N N 53  
ASN HB3  H  N N 54  
ASN HD21 H  N N 55  
ASN HD22 H  N N 56  
ASN HXT  H  N N 57  
ASP N    N  N N 58  
ASP CA   C  N S 59  
ASP C    C  N N 60  
ASP O    O  N N 61  
ASP CB   C  N N 62  
ASP CG   C  N N 63  
ASP OD1  O  N N 64  
ASP OD2  O  N N 65  
ASP OXT  O  N N 66  
ASP H    H  N N 67  
ASP H2   H  N N 68  
ASP HA   H  N N 69  
ASP HB2  H  N N 70  
ASP HB3  H  N N 71  
ASP HD2  H  N N 72  
ASP HXT  H  N N 73  
CD  CD   CD N N 74  
GLN N    N  N N 75  
GLN CA   C  N S 76  
GLN C    C  N N 77  
GLN O    O  N N 78  
GLN CB   C  N N 79  
GLN CG   C  N N 80  
GLN CD   C  N N 81  
GLN OE1  O  N N 82  
GLN NE2  N  N N 83  
GLN OXT  O  N N 84  
GLN H    H  N N 85  
GLN H2   H  N N 86  
GLN HA   H  N N 87  
GLN HB2  H  N N 88  
GLN HB3  H  N N 89  
GLN HG2  H  N N 90  
GLN HG3  H  N N 91  
GLN HE21 H  N N 92  
GLN HE22 H  N N 93  
GLN HXT  H  N N 94  
GLU N    N  N N 95  
GLU CA   C  N S 96  
GLU C    C  N N 97  
GLU O    O  N N 98  
GLU CB   C  N N 99  
GLU CG   C  N N 100 
GLU CD   C  N N 101 
GLU OE1  O  N N 102 
GLU OE2  O  N N 103 
GLU OXT  O  N N 104 
GLU H    H  N N 105 
GLU H2   H  N N 106 
GLU HA   H  N N 107 
GLU HB2  H  N N 108 
GLU HB3  H  N N 109 
GLU HG2  H  N N 110 
GLU HG3  H  N N 111 
GLU HE2  H  N N 112 
GLU HXT  H  N N 113 
GLY N    N  N N 114 
GLY CA   C  N N 115 
GLY C    C  N N 116 
GLY O    O  N N 117 
GLY OXT  O  N N 118 
GLY H    H  N N 119 
GLY H2   H  N N 120 
GLY HA2  H  N N 121 
GLY HA3  H  N N 122 
GLY HXT  H  N N 123 
HIS N    N  N N 124 
HIS CA   C  N S 125 
HIS C    C  N N 126 
HIS O    O  N N 127 
HIS CB   C  N N 128 
HIS CG   C  Y N 129 
HIS ND1  N  Y N 130 
HIS CD2  C  Y N 131 
HIS CE1  C  Y N 132 
HIS NE2  N  Y N 133 
HIS OXT  O  N N 134 
HIS H    H  N N 135 
HIS H2   H  N N 136 
HIS HA   H  N N 137 
HIS HB2  H  N N 138 
HIS HB3  H  N N 139 
HIS HD1  H  N N 140 
HIS HD2  H  N N 141 
HIS HE1  H  N N 142 
HIS HE2  H  N N 143 
HIS HXT  H  N N 144 
HOH O    O  N N 145 
HOH H1   H  N N 146 
HOH H2   H  N N 147 
ILE N    N  N N 148 
ILE CA   C  N S 149 
ILE C    C  N N 150 
ILE O    O  N N 151 
ILE CB   C  N S 152 
ILE CG1  C  N N 153 
ILE CG2  C  N N 154 
ILE CD1  C  N N 155 
ILE OXT  O  N N 156 
ILE H    H  N N 157 
ILE H2   H  N N 158 
ILE HA   H  N N 159 
ILE HB   H  N N 160 
ILE HG12 H  N N 161 
ILE HG13 H  N N 162 
ILE HG21 H  N N 163 
ILE HG22 H  N N 164 
ILE HG23 H  N N 165 
ILE HD11 H  N N 166 
ILE HD12 H  N N 167 
ILE HD13 H  N N 168 
ILE HXT  H  N N 169 
LEU N    N  N N 170 
LEU CA   C  N S 171 
LEU C    C  N N 172 
LEU O    O  N N 173 
LEU CB   C  N N 174 
LEU CG   C  N N 175 
LEU CD1  C  N N 176 
LEU CD2  C  N N 177 
LEU OXT  O  N N 178 
LEU H    H  N N 179 
LEU H2   H  N N 180 
LEU HA   H  N N 181 
LEU HB2  H  N N 182 
LEU HB3  H  N N 183 
LEU HG   H  N N 184 
LEU HD11 H  N N 185 
LEU HD12 H  N N 186 
LEU HD13 H  N N 187 
LEU HD21 H  N N 188 
LEU HD22 H  N N 189 
LEU HD23 H  N N 190 
LEU HXT  H  N N 191 
LYS N    N  N N 192 
LYS CA   C  N S 193 
LYS C    C  N N 194 
LYS O    O  N N 195 
LYS CB   C  N N 196 
LYS CG   C  N N 197 
LYS CD   C  N N 198 
LYS CE   C  N N 199 
LYS NZ   N  N N 200 
LYS OXT  O  N N 201 
LYS H    H  N N 202 
LYS H2   H  N N 203 
LYS HA   H  N N 204 
LYS HB2  H  N N 205 
LYS HB3  H  N N 206 
LYS HG2  H  N N 207 
LYS HG3  H  N N 208 
LYS HD2  H  N N 209 
LYS HD3  H  N N 210 
LYS HE2  H  N N 211 
LYS HE3  H  N N 212 
LYS HZ1  H  N N 213 
LYS HZ2  H  N N 214 
LYS HZ3  H  N N 215 
LYS HXT  H  N N 216 
PHE N    N  N N 217 
PHE CA   C  N S 218 
PHE C    C  N N 219 
PHE O    O  N N 220 
PHE CB   C  N N 221 
PHE CG   C  Y N 222 
PHE CD1  C  Y N 223 
PHE CD2  C  Y N 224 
PHE CE1  C  Y N 225 
PHE CE2  C  Y N 226 
PHE CZ   C  Y N 227 
PHE OXT  O  N N 228 
PHE H    H  N N 229 
PHE H2   H  N N 230 
PHE HA   H  N N 231 
PHE HB2  H  N N 232 
PHE HB3  H  N N 233 
PHE HD1  H  N N 234 
PHE HD2  H  N N 235 
PHE HE1  H  N N 236 
PHE HE2  H  N N 237 
PHE HZ   H  N N 238 
PHE HXT  H  N N 239 
PRO N    N  N N 240 
PRO CA   C  N S 241 
PRO C    C  N N 242 
PRO O    O  N N 243 
PRO CB   C  N N 244 
PRO CG   C  N N 245 
PRO CD   C  N N 246 
PRO OXT  O  N N 247 
PRO H    H  N N 248 
PRO HA   H  N N 249 
PRO HB2  H  N N 250 
PRO HB3  H  N N 251 
PRO HG2  H  N N 252 
PRO HG3  H  N N 253 
PRO HD2  H  N N 254 
PRO HD3  H  N N 255 
PRO HXT  H  N N 256 
SER N    N  N N 257 
SER CA   C  N S 258 
SER C    C  N N 259 
SER O    O  N N 260 
SER CB   C  N N 261 
SER OG   O  N N 262 
SER OXT  O  N N 263 
SER H    H  N N 264 
SER H2   H  N N 265 
SER HA   H  N N 266 
SER HB2  H  N N 267 
SER HB3  H  N N 268 
SER HG   H  N N 269 
SER HXT  H  N N 270 
THR N    N  N N 271 
THR CA   C  N S 272 
THR C    C  N N 273 
THR O    O  N N 274 
THR CB   C  N R 275 
THR OG1  O  N N 276 
THR CG2  C  N N 277 
THR OXT  O  N N 278 
THR H    H  N N 279 
THR H2   H  N N 280 
THR HA   H  N N 281 
THR HB   H  N N 282 
THR HG1  H  N N 283 
THR HG21 H  N N 284 
THR HG22 H  N N 285 
THR HG23 H  N N 286 
THR HXT  H  N N 287 
TYR N    N  N N 288 
TYR CA   C  N S 289 
TYR C    C  N N 290 
TYR O    O  N N 291 
TYR CB   C  N N 292 
TYR CG   C  Y N 293 
TYR CD1  C  Y N 294 
TYR CD2  C  Y N 295 
TYR CE1  C  Y N 296 
TYR CE2  C  Y N 297 
TYR CZ   C  Y N 298 
TYR OH   O  N N 299 
TYR OXT  O  N N 300 
TYR H    H  N N 301 
TYR H2   H  N N 302 
TYR HA   H  N N 303 
TYR HB2  H  N N 304 
TYR HB3  H  N N 305 
TYR HD1  H  N N 306 
TYR HD2  H  N N 307 
TYR HE1  H  N N 308 
TYR HE2  H  N N 309 
TYR HH   H  N N 310 
TYR HXT  H  N N 311 
# 
loop_
_chem_comp_bond.comp_id 
_chem_comp_bond.atom_id_1 
_chem_comp_bond.atom_id_2 
_chem_comp_bond.value_order 
_chem_comp_bond.pdbx_aromatic_flag 
_chem_comp_bond.pdbx_stereo_config 
_chem_comp_bond.pdbx_ordinal 
ALA N   CA   sing N N 1   
ALA N   H    sing N N 2   
ALA N   H2   sing N N 3   
ALA CA  C    sing N N 4   
ALA CA  CB   sing N N 5   
ALA CA  HA   sing N N 6   
ALA C   O    doub N N 7   
ALA C   OXT  sing N N 8   
ALA CB  HB1  sing N N 9   
ALA CB  HB2  sing N N 10  
ALA CB  HB3  sing N N 11  
ALA OXT HXT  sing N N 12  
ARG N   CA   sing N N 13  
ARG N   H    sing N N 14  
ARG N   H2   sing N N 15  
ARG CA  C    sing N N 16  
ARG CA  CB   sing N N 17  
ARG CA  HA   sing N N 18  
ARG C   O    doub N N 19  
ARG C   OXT  sing N N 20  
ARG CB  CG   sing N N 21  
ARG CB  HB2  sing N N 22  
ARG CB  HB3  sing N N 23  
ARG CG  CD   sing N N 24  
ARG CG  HG2  sing N N 25  
ARG CG  HG3  sing N N 26  
ARG CD  NE   sing N N 27  
ARG CD  HD2  sing N N 28  
ARG CD  HD3  sing N N 29  
ARG NE  CZ   sing N N 30  
ARG NE  HE   sing N N 31  
ARG CZ  NH1  sing N N 32  
ARG CZ  NH2  doub N N 33  
ARG NH1 HH11 sing N N 34  
ARG NH1 HH12 sing N N 35  
ARG NH2 HH21 sing N N 36  
ARG NH2 HH22 sing N N 37  
ARG OXT HXT  sing N N 38  
ASN N   CA   sing N N 39  
ASN N   H    sing N N 40  
ASN N   H2   sing N N 41  
ASN CA  C    sing N N 42  
ASN CA  CB   sing N N 43  
ASN CA  HA   sing N N 44  
ASN C   O    doub N N 45  
ASN C   OXT  sing N N 46  
ASN CB  CG   sing N N 47  
ASN CB  HB2  sing N N 48  
ASN CB  HB3  sing N N 49  
ASN CG  OD1  doub N N 50  
ASN CG  ND2  sing N N 51  
ASN ND2 HD21 sing N N 52  
ASN ND2 HD22 sing N N 53  
ASN OXT HXT  sing N N 54  
ASP N   CA   sing N N 55  
ASP N   H    sing N N 56  
ASP N   H2   sing N N 57  
ASP CA  C    sing N N 58  
ASP CA  CB   sing N N 59  
ASP CA  HA   sing N N 60  
ASP C   O    doub N N 61  
ASP C   OXT  sing N N 62  
ASP CB  CG   sing N N 63  
ASP CB  HB2  sing N N 64  
ASP CB  HB3  sing N N 65  
ASP CG  OD1  doub N N 66  
ASP CG  OD2  sing N N 67  
ASP OD2 HD2  sing N N 68  
ASP OXT HXT  sing N N 69  
GLN N   CA   sing N N 70  
GLN N   H    sing N N 71  
GLN N   H2   sing N N 72  
GLN CA  C    sing N N 73  
GLN CA  CB   sing N N 74  
GLN CA  HA   sing N N 75  
GLN C   O    doub N N 76  
GLN C   OXT  sing N N 77  
GLN CB  CG   sing N N 78  
GLN CB  HB2  sing N N 79  
GLN CB  HB3  sing N N 80  
GLN CG  CD   sing N N 81  
GLN CG  HG2  sing N N 82  
GLN CG  HG3  sing N N 83  
GLN CD  OE1  doub N N 84  
GLN CD  NE2  sing N N 85  
GLN NE2 HE21 sing N N 86  
GLN NE2 HE22 sing N N 87  
GLN OXT HXT  sing N N 88  
GLU N   CA   sing N N 89  
GLU N   H    sing N N 90  
GLU N   H2   sing N N 91  
GLU CA  C    sing N N 92  
GLU CA  CB   sing N N 93  
GLU CA  HA   sing N N 94  
GLU C   O    doub N N 95  
GLU C   OXT  sing N N 96  
GLU CB  CG   sing N N 97  
GLU CB  HB2  sing N N 98  
GLU CB  HB3  sing N N 99  
GLU CG  CD   sing N N 100 
GLU CG  HG2  sing N N 101 
GLU CG  HG3  sing N N 102 
GLU CD  OE1  doub N N 103 
GLU CD  OE2  sing N N 104 
GLU OE2 HE2  sing N N 105 
GLU OXT HXT  sing N N 106 
GLY N   CA   sing N N 107 
GLY N   H    sing N N 108 
GLY N   H2   sing N N 109 
GLY CA  C    sing N N 110 
GLY CA  HA2  sing N N 111 
GLY CA  HA3  sing N N 112 
GLY C   O    doub N N 113 
GLY C   OXT  sing N N 114 
GLY OXT HXT  sing N N 115 
HIS N   CA   sing N N 116 
HIS N   H    sing N N 117 
HIS N   H2   sing N N 118 
HIS CA  C    sing N N 119 
HIS CA  CB   sing N N 120 
HIS CA  HA   sing N N 121 
HIS C   O    doub N N 122 
HIS C   OXT  sing N N 123 
HIS CB  CG   sing N N 124 
HIS CB  HB2  sing N N 125 
HIS CB  HB3  sing N N 126 
HIS CG  ND1  sing Y N 127 
HIS CG  CD2  doub Y N 128 
HIS ND1 CE1  doub Y N 129 
HIS ND1 HD1  sing N N 130 
HIS CD2 NE2  sing Y N 131 
HIS CD2 HD2  sing N N 132 
HIS CE1 NE2  sing Y N 133 
HIS CE1 HE1  sing N N 134 
HIS NE2 HE2  sing N N 135 
HIS OXT HXT  sing N N 136 
HOH O   H1   sing N N 137 
HOH O   H2   sing N N 138 
ILE N   CA   sing N N 139 
ILE N   H    sing N N 140 
ILE N   H2   sing N N 141 
ILE CA  C    sing N N 142 
ILE CA  CB   sing N N 143 
ILE CA  HA   sing N N 144 
ILE C   O    doub N N 145 
ILE C   OXT  sing N N 146 
ILE CB  CG1  sing N N 147 
ILE CB  CG2  sing N N 148 
ILE CB  HB   sing N N 149 
ILE CG1 CD1  sing N N 150 
ILE CG1 HG12 sing N N 151 
ILE CG1 HG13 sing N N 152 
ILE CG2 HG21 sing N N 153 
ILE CG2 HG22 sing N N 154 
ILE CG2 HG23 sing N N 155 
ILE CD1 HD11 sing N N 156 
ILE CD1 HD12 sing N N 157 
ILE CD1 HD13 sing N N 158 
ILE OXT HXT  sing N N 159 
LEU N   CA   sing N N 160 
LEU N   H    sing N N 161 
LEU N   H2   sing N N 162 
LEU CA  C    sing N N 163 
LEU CA  CB   sing N N 164 
LEU CA  HA   sing N N 165 
LEU C   O    doub N N 166 
LEU C   OXT  sing N N 167 
LEU CB  CG   sing N N 168 
LEU CB  HB2  sing N N 169 
LEU CB  HB3  sing N N 170 
LEU CG  CD1  sing N N 171 
LEU CG  CD2  sing N N 172 
LEU CG  HG   sing N N 173 
LEU CD1 HD11 sing N N 174 
LEU CD1 HD12 sing N N 175 
LEU CD1 HD13 sing N N 176 
LEU CD2 HD21 sing N N 177 
LEU CD2 HD22 sing N N 178 
LEU CD2 HD23 sing N N 179 
LEU OXT HXT  sing N N 180 
LYS N   CA   sing N N 181 
LYS N   H    sing N N 182 
LYS N   H2   sing N N 183 
LYS CA  C    sing N N 184 
LYS CA  CB   sing N N 185 
LYS CA  HA   sing N N 186 
LYS C   O    doub N N 187 
LYS C   OXT  sing N N 188 
LYS CB  CG   sing N N 189 
LYS CB  HB2  sing N N 190 
LYS CB  HB3  sing N N 191 
LYS CG  CD   sing N N 192 
LYS CG  HG2  sing N N 193 
LYS CG  HG3  sing N N 194 
LYS CD  CE   sing N N 195 
LYS CD  HD2  sing N N 196 
LYS CD  HD3  sing N N 197 
LYS CE  NZ   sing N N 198 
LYS CE  HE2  sing N N 199 
LYS CE  HE3  sing N N 200 
LYS NZ  HZ1  sing N N 201 
LYS NZ  HZ2  sing N N 202 
LYS NZ  HZ3  sing N N 203 
LYS OXT HXT  sing N N 204 
PHE N   CA   sing N N 205 
PHE N   H    sing N N 206 
PHE N   H2   sing N N 207 
PHE CA  C    sing N N 208 
PHE CA  CB   sing N N 209 
PHE CA  HA   sing N N 210 
PHE C   O    doub N N 211 
PHE C   OXT  sing N N 212 
PHE CB  CG   sing N N 213 
PHE CB  HB2  sing N N 214 
PHE CB  HB3  sing N N 215 
PHE CG  CD1  doub Y N 216 
PHE CG  CD2  sing Y N 217 
PHE CD1 CE1  sing Y N 218 
PHE CD1 HD1  sing N N 219 
PHE CD2 CE2  doub Y N 220 
PHE CD2 HD2  sing N N 221 
PHE CE1 CZ   doub Y N 222 
PHE CE1 HE1  sing N N 223 
PHE CE2 CZ   sing Y N 224 
PHE CE2 HE2  sing N N 225 
PHE CZ  HZ   sing N N 226 
PHE OXT HXT  sing N N 227 
PRO N   CA   sing N N 228 
PRO N   CD   sing N N 229 
PRO N   H    sing N N 230 
PRO CA  C    sing N N 231 
PRO CA  CB   sing N N 232 
PRO CA  HA   sing N N 233 
PRO C   O    doub N N 234 
PRO C   OXT  sing N N 235 
PRO CB  CG   sing N N 236 
PRO CB  HB2  sing N N 237 
PRO CB  HB3  sing N N 238 
PRO CG  CD   sing N N 239 
PRO CG  HG2  sing N N 240 
PRO CG  HG3  sing N N 241 
PRO CD  HD2  sing N N 242 
PRO CD  HD3  sing N N 243 
PRO OXT HXT  sing N N 244 
SER N   CA   sing N N 245 
SER N   H    sing N N 246 
SER N   H2   sing N N 247 
SER CA  C    sing N N 248 
SER CA  CB   sing N N 249 
SER CA  HA   sing N N 250 
SER C   O    doub N N 251 
SER C   OXT  sing N N 252 
SER CB  OG   sing N N 253 
SER CB  HB2  sing N N 254 
SER CB  HB3  sing N N 255 
SER OG  HG   sing N N 256 
SER OXT HXT  sing N N 257 
THR N   CA   sing N N 258 
THR N   H    sing N N 259 
THR N   H2   sing N N 260 
THR CA  C    sing N N 261 
THR CA  CB   sing N N 262 
THR CA  HA   sing N N 263 
THR C   O    doub N N 264 
THR C   OXT  sing N N 265 
THR CB  OG1  sing N N 266 
THR CB  CG2  sing N N 267 
THR CB  HB   sing N N 268 
THR OG1 HG1  sing N N 269 
THR CG2 HG21 sing N N 270 
THR CG2 HG22 sing N N 271 
THR CG2 HG23 sing N N 272 
THR OXT HXT  sing N N 273 
TYR N   CA   sing N N 274 
TYR N   H    sing N N 275 
TYR N   H2   sing N N 276 
TYR CA  C    sing N N 277 
TYR CA  CB   sing N N 278 
TYR CA  HA   sing N N 279 
TYR C   O    doub N N 280 
TYR C   OXT  sing N N 281 
TYR CB  CG   sing N N 282 
TYR CB  HB2  sing N N 283 
TYR CB  HB3  sing N N 284 
TYR CG  CD1  doub Y N 285 
TYR CG  CD2  sing Y N 286 
TYR CD1 CE1  sing Y N 287 
TYR CD1 HD1  sing N N 288 
TYR CD2 CE2  doub Y N 289 
TYR CD2 HD2  sing N N 290 
TYR CE1 CZ   doub Y N 291 
TYR CE1 HE1  sing N N 292 
TYR CE2 CZ   sing Y N 293 
TYR CE2 HE2  sing N N 294 
TYR CZ  OH   sing N N 295 
TYR OH  HH   sing N N 296 
TYR OXT HXT  sing N N 297 
# 
_atom_sites.entry_id                    2YMY 
_atom_sites.fract_transf_matrix[1][1]   -0.00263742 
_atom_sites.fract_transf_matrix[1][2]   -0.00059784 
_atom_sites.fract_transf_matrix[1][3]   0.01385861 
_atom_sites.fract_transf_matrix[2][1]   0.01039104 
_atom_sites.fract_transf_matrix[2][2]   -0.00541633 
_atom_sites.fract_transf_matrix[2][3]   0.00174386 
_atom_sites.fract_transf_matrix[3][1]   0.01127652 
_atom_sites.fract_transf_matrix[3][2]   0.02263898 
_atom_sites.fract_transf_matrix[3][3]   0.00312263 
_atom_sites.fract_transf_vector[1]      0.443847 
_atom_sites.fract_transf_vector[2]      0.261214 
_atom_sites.fract_transf_vector[3]      0.118782 
# 
loop_
_atom_type.symbol 
C  
CD 
H  
N  
O  
# 
loop_
_atom_site.group_PDB 
_atom_site.id 
_atom_site.type_symbol 
_atom_site.label_atom_id 
_atom_site.label_alt_id 
_atom_site.label_comp_id 
_atom_site.label_asym_id 
_atom_site.label_entity_id 
_atom_site.label_seq_id 
_atom_site.pdbx_PDB_ins_code 
_atom_site.Cartn_x 
_atom_site.Cartn_y 
_atom_site.Cartn_z 
_atom_site.occupancy 
_atom_site.B_iso_or_equiv 
_atom_site.pdbx_formal_charge 
_atom_site.auth_seq_id 
_atom_site.auth_comp_id 
_atom_site.auth_asym_id 
_atom_site.auth_atom_id 
_atom_site.pdbx_PDB_model_num 
ATOM   1    N  N    . SER A 1 2  ? 15.911  3.645   -21.847 1.00 60.63 ? 369  SER A N    1 
ATOM   2    C  CA   . SER A 1 2  ? 15.123  3.762   -23.066 1.00 61.66 ? 369  SER A CA   1 
ATOM   3    C  C    . SER A 1 2  ? 13.714  4.239   -22.748 1.00 69.17 ? 369  SER A C    1 
ATOM   4    O  O    . SER A 1 2  ? 13.286  4.198   -21.591 1.00 55.67 ? 369  SER A O    1 
ATOM   5    C  CB   . SER A 1 2  ? 15.030  2.409   -23.771 1.00 60.87 ? 369  SER A CB   1 
ATOM   6    O  OG   . SER A 1 2  ? 14.205  1.515   -23.036 1.00 45.88 ? 369  SER A OG   1 
ATOM   7    H  HA   . SER A 1 2  ? 15.544  4.404   -23.673 1.00 73.99 ? 369  SER A HA   1 
ATOM   8    H  HB2  . SER A 1 2  ? 14.648  2.539   -24.654 1.00 73.05 ? 369  SER A HB2  1 
ATOM   9    H  HB3  . SER A 1 2  ? 15.919  2.031   -23.846 1.00 73.05 ? 369  SER A HB3  1 
ATOM   10   H  HG   . SER A 1 2  ? 14.161  0.792   -23.423 1.00 55.06 ? 369  SER A HG   1 
ATOM   11   N  N    . PRO A 1 3  ? 12.989  4.693   -23.783 1.00 61.44 ? 370  PRO A N    1 
ATOM   12   C  CA   . PRO A 1 3  ? 11.566  5.051   -23.726 1.00 53.88 ? 370  PRO A CA   1 
ATOM   13   C  C    . PRO A 1 3  ? 10.672  3.906   -23.234 1.00 60.94 ? 370  PRO A C    1 
ATOM   14   O  O    . PRO A 1 3  ? 9.827   4.118   -22.356 1.00 41.04 ? 370  PRO A O    1 
ATOM   15   C  CB   . PRO A 1 3  ? 11.242  5.394   -25.184 1.00 56.39 ? 370  PRO A CB   1 
ATOM   16   C  CG   . PRO A 1 3  ? 12.529  5.896   -25.739 1.00 41.43 ? 370  PRO A CG   1 
ATOM   17   C  CD   . PRO A 1 3  ? 13.602  5.087   -25.065 1.00 67.45 ? 370  PRO A CD   1 
ATOM   18   H  HA   . PRO A 1 3  ? 11.430  5.842   -23.163 1.00 64.66 ? 370  PRO A HA   1 
ATOM   19   H  HB2  . PRO A 1 3  ? 10.952  4.595   -25.654 1.00 67.66 ? 370  PRO A HB2  1 
ATOM   20   H  HB3  . PRO A 1 3  ? 10.559  6.081   -25.217 1.00 67.66 ? 370  PRO A HB3  1 
ATOM   21   H  HG2  . PRO A 1 3  ? 12.546  5.755   -26.698 1.00 49.71 ? 370  PRO A HG2  1 
ATOM   22   H  HG3  . PRO A 1 3  ? 12.628  6.838   -25.528 1.00 49.71 ? 370  PRO A HG3  1 
ATOM   23   H  HD2  . PRO A 1 3  ? 13.815  4.301   -25.593 1.00 80.94 ? 370  PRO A HD2  1 
ATOM   24   H  HD3  . PRO A 1 3  ? 14.388  5.633   -24.909 1.00 80.94 ? 370  PRO A HD3  1 
ATOM   25   N  N    . GLU A 1 4  ? 10.849  2.714   -23.808 1.00 51.67 ? 371  GLU A N    1 
ATOM   26   C  CA   . GLU A 1 4  ? 10.086  1.549   -23.388 1.00 50.67 ? 371  GLU A CA   1 
ATOM   27   C  C    . GLU A 1 4  ? 10.275  1.364   -21.892 1.00 38.32 ? 371  GLU A C    1 
ATOM   28   O  O    . GLU A 1 4  ? 9.322   1.054   -21.174 1.00 30.08 ? 371  GLU A O    1 
ATOM   29   C  CB   . GLU A 1 4  ? 10.542  0.279   -24.118 1.00 49.26 ? 371  GLU A CB   1 
ATOM   30   C  CG   . GLU A 1 4  ? 10.231  0.246   -25.610 1.00 56.94 ? 371  GLU A CG   1 
ATOM   31   C  CD   . GLU A 1 4  ? 11.474  0.417   -26.472 1.00 71.46 ? 371  GLU A CD   1 
ATOM   32   O  OE1  . GLU A 1 4  ? 12.503  0.914   -25.953 1.00 64.82 ? 371  GLU A OE1  1 
ATOM   33   O  OE2  . GLU A 1 4  ? 11.423  0.056   -27.672 1.00 72.40 ? 371  GLU A OE2  1 
ATOM   34   H  H    . GLU A 1 4  ? 11.407  2.558   -24.444 1.00 62.00 ? 371  GLU A H    1 
ATOM   35   H  HA   . GLU A 1 4  ? 9.135   1.692   -23.570 1.00 60.81 ? 371  GLU A HA   1 
ATOM   36   H  HB2  . GLU A 1 4  ? 11.504  0.193   -24.019 1.00 59.11 ? 371  GLU A HB2  1 
ATOM   37   H  HB3  . GLU A 1 4  ? 10.105  -0.485  -23.712 1.00 59.11 ? 371  GLU A HB3  1 
ATOM   38   H  HG2  . GLU A 1 4  ? 9.827   -0.607  -25.829 1.00 68.32 ? 371  GLU A HG2  1 
ATOM   39   H  HG3  . GLU A 1 4  ? 9.617   0.968   -25.820 1.00 68.32 ? 371  GLU A HG3  1 
ATOM   40   N  N    . LEU A 1 5  ? 11.506  1.556   -21.416 1.00 29.21 ? 372  LEU A N    1 
ATOM   41   C  CA   . LEU A 1 5  ? 11.769  1.378   -19.987 1.00 45.96 ? 372  LEU A CA   1 
ATOM   42   C  C    . LEU A 1 5  ? 10.973  2.396   -19.181 1.00 45.41 ? 372  LEU A C    1 
ATOM   43   O  O    . LEU A 1 5  ? 10.332  2.045   -18.171 1.00 31.42 ? 372  LEU A O    1 
ATOM   44   C  CB   . LEU A 1 5  ? 13.264  1.496   -19.656 1.00 46.52 ? 372  LEU A CB   1 
ATOM   45   C  CG   . LEU A 1 5  ? 13.599  1.094   -18.210 1.00 43.23 ? 372  LEU A CG   1 
ATOM   46   C  CD1  . LEU A 1 5  ? 13.271  -0.380  -17.982 1.00 44.86 ? 372  LEU A CD1  1 
ATOM   47   C  CD2  . LEU A 1 5  ? 15.050  1.366   -17.852 1.00 45.94 ? 372  LEU A CD2  1 
ATOM   48   H  H    . LEU A 1 5  ? 12.190  1.783   -21.886 1.00 35.06 ? 372  LEU A H    1 
ATOM   49   H  HA   . LEU A 1 5  ? 11.472  0.484   -19.720 1.00 55.15 ? 372  LEU A HA   1 
ATOM   50   H  HB2  . LEU A 1 5  ? 13.764  0.916   -20.250 1.00 55.83 ? 372  LEU A HB2  1 
ATOM   51   H  HB3  . LEU A 1 5  ? 13.541  2.418   -19.781 1.00 55.83 ? 372  LEU A HB3  1 
ATOM   52   H  HG   . LEU A 1 5  ? 13.045  1.615   -17.607 1.00 51.88 ? 372  LEU A HG   1 
ATOM   53   H  HD11 . LEU A 1 5  ? 13.791  -0.912  -18.589 1.00 53.84 ? 372  LEU A HD11 1 
ATOM   54   H  HD12 . LEU A 1 5  ? 13.488  -0.611  -17.075 1.00 53.84 ? 372  LEU A HD12 1 
ATOM   55   H  HD13 . LEU A 1 5  ? 12.336  -0.520  -18.142 1.00 53.84 ? 372  LEU A HD13 1 
ATOM   56   H  HD21 . LEU A 1 5  ? 15.224  2.305   -17.951 1.00 55.12 ? 372  LEU A HD21 1 
ATOM   57   H  HD22 . LEU A 1 5  ? 15.204  1.098   -16.943 1.00 55.12 ? 372  LEU A HD22 1 
ATOM   58   H  HD23 . LEU A 1 5  ? 15.616  0.863   -18.443 1.00 55.12 ? 372  LEU A HD23 1 
ATOM   59   N  N    . GLN A 1 6  ? 11.001  3.656   -19.624 1.00 41.82 ? 373  GLN A N    1 
ATOM   60   C  CA   . GLN A 1 6  ? 10.289  4.720   -18.906 1.00 50.80 ? 373  GLN A CA   1 
ATOM   61   C  C    . GLN A 1 6  ? 8.796   4.416   -18.878 1.00 39.48 ? 373  GLN A C    1 
ATOM   62   O  O    . GLN A 1 6  ? 8.163   4.502   -17.822 1.00 33.67 ? 373  GLN A O    1 
ATOM   63   C  CB   . GLN A 1 6  ? 10.517  6.110   -19.525 1.00 58.88 ? 373  GLN A CB   1 
ATOM   64   C  CG   . GLN A 1 6  ? 11.951  6.432   -19.972 1.00 71.87 ? 373  GLN A CG   1 
ATOM   65   C  CD   . GLN A 1 6  ? 12.970  6.469   -18.837 1.00 78.00 ? 373  GLN A CD   1 
ATOM   66   O  OE1  . GLN A 1 6  ? 12.862  5.735   -17.850 1.00 69.58 ? 373  GLN A OE1  1 
ATOM   67   N  NE2  . GLN A 1 6  ? 13.975  7.330   -18.983 1.00 76.36 ? 373  GLN A NE2  1 
ATOM   68   H  H    . GLN A 1 6  ? 11.419  3.919   -20.327 1.00 50.18 ? 373  GLN A H    1 
ATOM   69   H  HA   . GLN A 1 6  ? 10.608  4.746   -17.980 1.00 60.97 ? 373  GLN A HA   1 
ATOM   70   H  HB2  . GLN A 1 6  ? 9.947   6.192   -20.307 1.00 70.66 ? 373  GLN A HB2  1 
ATOM   71   H  HB3  . GLN A 1 6  ? 10.262  6.780   -18.872 1.00 70.66 ? 373  GLN A HB3  1 
ATOM   72   H  HG2  . GLN A 1 6  ? 12.239  5.755   -20.605 1.00 86.24 ? 373  GLN A HG2  1 
ATOM   73   H  HG3  . GLN A 1 6  ? 11.956  7.302   -20.400 1.00 86.24 ? 373  GLN A HG3  1 
ATOM   74   H  HE21 . GLN A 1 6  ? 14.020  7.823   -19.686 1.00 91.63 ? 373  GLN A HE21 1 
ATOM   75   H  HE22 . GLN A 1 6  ? 14.579  7.394   -18.374 1.00 91.63 ? 373  GLN A HE22 1 
ATOM   76   N  N    . ASN A 1 7  ? 8.238   4.051   -20.031 1.00 24.10 ? 374  ASN A N    1 
ATOM   77   C  CA   . ASN A 1 7  ? 6.824   3.740   -20.124 1.00 31.53 ? 374  ASN A CA   1 
ATOM   78   C  C    . ASN A 1 7  ? 6.515   2.619   -19.149 1.00 22.25 ? 374  ASN A C    1 
ATOM   79   O  O    . ASN A 1 7  ? 5.619   2.738   -18.304 1.00 20.13 ? 374  ASN A O    1 
ATOM   80   C  CB   . ASN A 1 7  ? 6.431   3.322   -21.546 1.00 36.03 ? 374  ASN A CB   1 
ATOM   81   C  CG   . ASN A 1 7  ? 4.959   2.948   -21.657 1.00 37.38 ? 374  ASN A CG   1 
ATOM   82   O  OD1  . ASN A 1 7  ? 4.082   3.683   -21.194 1.00 53.36 ? 374  ASN A OD1  1 
ATOM   83   N  ND2  . ASN A 1 7  ? 4.684   1.790   -22.246 1.00 34.61 ? 374  ASN A ND2  1 
ATOM   84   H  H    . ASN A 1 7  ? 8.663   3.977   -20.775 1.00 28.92 ? 374  ASN A H    1 
ATOM   85   H  HA   . ASN A 1 7  ? 6.297   4.527   -19.872 1.00 37.84 ? 374  ASN A HA   1 
ATOM   86   H  HB2  . ASN A 1 7  ? 6.600   4.061   -22.150 1.00 43.24 ? 374  ASN A HB2  1 
ATOM   87   H  HB3  . ASN A 1 7  ? 6.958   2.551   -21.806 1.00 43.24 ? 374  ASN A HB3  1 
ATOM   88   H  HD21 . ASN A 1 7  ? 5.321   1.295   -22.541 1.00 41.53 ? 374  ASN A HD21 1 
ATOM   89   H  HD22 . ASN A 1 7  ? 3.867   1.536   -22.332 1.00 41.53 ? 374  ASN A HD22 1 
ATOM   90   N  N    . PHE A 1 8  ? 7.305   1.547   -19.203 1.00 16.48 ? 375  PHE A N    1 
ATOM   91   C  CA   . PHE A 1 8  ? 6.926   0.367   -18.441 1.00 16.73 ? 375  PHE A CA   1 
ATOM   92   C  C    . PHE A 1 8  ? 7.125   0.606   -16.949 1.00 18.73 ? 375  PHE A C    1 
ATOM   93   O  O    . PHE A 1 8  ? 6.328   0.148   -16.125 1.00 15.88 ? 375  PHE A O    1 
ATOM   94   C  CB   . PHE A 1 8  ? 7.734   -0.858  -18.878 1.00 16.50 ? 375  PHE A CB   1 
ATOM   95   C  CG   . PHE A 1 8  ? 7.336   -1.422  -20.202 1.00 18.18 ? 375  PHE A CG   1 
ATOM   96   C  CD1  . PHE A 1 8  ? 6.220   -0.988  -20.883 1.00 25.91 ? 375  PHE A CD1  1 
ATOM   97   C  CD2  . PHE A 1 8  ? 8.123   -2.401  -20.789 1.00 27.34 ? 375  PHE A CD2  1 
ATOM   98   C  CE1  . PHE A 1 8  ? 5.897   -1.511  -22.109 1.00 23.04 ? 375  PHE A CE1  1 
ATOM   99   C  CE2  . PHE A 1 8  ? 7.795   -2.933  -22.010 1.00 30.77 ? 375  PHE A CE2  1 
ATOM   100  C  CZ   . PHE A 1 8  ? 6.689   -2.488  -22.674 1.00 31.69 ? 375  PHE A CZ   1 
ATOM   101  H  H    . PHE A 1 8  ? 8.033   1.481   -19.655 1.00 19.77 ? 375  PHE A H    1 
ATOM   102  H  HA   . PHE A 1 8  ? 5.977   0.176   -18.595 1.00 20.08 ? 375  PHE A HA   1 
ATOM   103  H  HB2  . PHE A 1 8  ? 8.669   -0.608  -18.934 1.00 19.80 ? 375  PHE A HB2  1 
ATOM   104  H  HB3  . PHE A 1 8  ? 7.621   -1.556  -18.214 1.00 19.80 ? 375  PHE A HB3  1 
ATOM   105  H  HD1  . PHE A 1 8  ? 5.684   -0.325  -20.511 1.00 31.09 ? 375  PHE A HD1  1 
ATOM   106  H  HD2  . PHE A 1 8  ? 8.881   -2.706  -20.346 1.00 32.81 ? 375  PHE A HD2  1 
ATOM   107  H  HE1  . PHE A 1 8  ? 5.138   -1.212  -22.555 1.00 27.65 ? 375  PHE A HE1  1 
ATOM   108  H  HE2  . PHE A 1 8  ? 8.332   -3.590  -22.389 1.00 36.93 ? 375  PHE A HE2  1 
ATOM   109  H  HZ   . PHE A 1 8  ? 6.465   -2.850  -23.500 1.00 38.03 ? 375  PHE A HZ   1 
ATOM   110  N  N    . LEU A 1 9  ? 8.194   1.299   -16.566 1.00 13.93 ? 376  LEU A N    1 
ATOM   111  C  CA   . LEU A 1 9  ? 8.401   1.539   -15.144 1.00 21.78 ? 376  LEU A CA   1 
ATOM   112  C  C    . LEU A 1 9  ? 7.297   2.440   -14.602 1.00 13.35 ? 376  LEU A C    1 
ATOM   113  O  O    . LEU A 1 9  ? 6.849   2.242   -13.466 1.00 19.52 ? 376  LEU A O    1 
ATOM   114  C  CB   . LEU A 1 9  ? 9.778   2.139   -14.853 1.00 19.51 ? 376  LEU A CB   1 
ATOM   115  C  CG   . LEU A 1 9  ? 10.964  1.197   -15.007 1.00 24.28 ? 376  LEU A CG   1 
ATOM   116  C  CD1  . LEU A 1 9  ? 12.266  1.946   -14.755 1.00 39.32 ? 376  LEU A CD1  1 
ATOM   117  C  CD2  . LEU A 1 9  ? 10.844  0.037   -14.081 1.00 31.81 ? 376  LEU A CD2  1 
ATOM   118  H  H    . LEU A 1 9  ? 8.793   1.628   -17.088 1.00 16.71 ? 376  LEU A H    1 
ATOM   119  H  HA   . LEU A 1 9  ? 8.346   0.683   -14.671 1.00 26.14 ? 376  LEU A HA   1 
ATOM   120  H  HB2  . LEU A 1 9  ? 9.919   2.885   -15.457 1.00 23.41 ? 376  LEU A HB2  1 
ATOM   121  H  HB3  . LEU A 1 9  ? 9.782   2.462   -13.938 1.00 23.41 ? 376  LEU A HB3  1 
ATOM   122  H  HG   . LEU A 1 9  ? 10.984  0.858   -15.916 1.00 29.14 ? 376  LEU A HG   1 
ATOM   123  H  HD11 . LEU A 1 9  ? 12.254  2.300   -13.862 1.00 47.19 ? 376  LEU A HD11 1 
ATOM   124  H  HD12 . LEU A 1 9  ? 13.001  1.337   -14.856 1.00 47.19 ? 376  LEU A HD12 1 
ATOM   125  H  HD13 . LEU A 1 9  ? 12.343  2.661   -15.390 1.00 47.19 ? 376  LEU A HD13 1 
ATOM   126  H  HD21 . LEU A 1 9  ? 10.037  -0.442  -14.283 1.00 38.17 ? 376  LEU A HD21 1 
ATOM   127  H  HD22 . LEU A 1 9  ? 11.604  -0.538  -14.201 1.00 38.17 ? 376  LEU A HD22 1 
ATOM   128  H  HD23 . LEU A 1 9  ? 10.817  0.360   -13.178 1.00 38.17 ? 376  LEU A HD23 1 
ATOM   129  N  N    . THR A 1 10 ? 6.875   3.458   -15.343 1.00 17.02 ? 377  THR A N    1 
ATOM   130  C  CA   . THR A 1 10 ? 5.793   4.314   -14.819 1.00 18.01 ? 377  THR A CA   1 
ATOM   131  C  C    . THR A 1 10 ? 4.461   3.584   -14.708 1.00 18.94 ? 377  THR A C    1 
ATOM   132  O  O    . THR A 1 10 ? 3.636   3.902   -13.832 1.00 16.92 ? 377  THR A O    1 
ATOM   133  C  CB   . THR A 1 10 ? 5.580   5.583   -15.656 1.00 33.53 ? 377  THR A CB   1 
ATOM   134  O  OG1  . THR A 1 10 ? 5.049   5.217   -16.929 1.00 32.31 ? 377  THR A OG1  1 
ATOM   135  C  CG2  . THR A 1 10 ? 6.892   6.348   -15.835 1.00 33.32 ? 377  THR A CG2  1 
ATOM   136  H  H    . THR A 1 10 ? 7.177   3.675   -16.119 1.00 20.43 ? 377  THR A H    1 
ATOM   137  H  HA   . THR A 1 10 ? 6.042   4.601   -13.915 1.00 21.61 ? 377  THR A HA   1 
ATOM   138  H  HB   . THR A 1 10 ? 4.949   6.163   -15.202 1.00 40.23 ? 377  THR A HB   1 
ATOM   139  H  HG1  . THR A 1 10 ? 5.571   4.719   -17.318 1.00 38.77 ? 377  THR A HG1  1 
ATOM   140  H  HG21 . THR A 1 10 ? 7.537   5.795   -16.281 1.00 39.98 ? 377  THR A HG21 1 
ATOM   141  H  HG22 . THR A 1 10 ? 6.743   7.138   -16.360 1.00 39.98 ? 377  THR A HG22 1 
ATOM   142  H  HG23 . THR A 1 10 ? 7.242   6.605   -14.978 1.00 39.98 ? 377  THR A HG23 1 
ATOM   143  N  N    . ILE A 1 11 ? 4.223   2.623   -15.586 1.00 15.24 ? 378  ILE A N    1 
ATOM   144  C  CA   . ILE A 1 11 ? 3.072   1.738   -15.453 1.00 13.52 ? 378  ILE A CA   1 
ATOM   145  C  C    . ILE A 1 11 ? 3.119   1.008   -14.107 1.00 15.32 ? 378  ILE A C    1 
ATOM   146  O  O    . ILE A 1 11 ? 2.127   0.971   -13.385 1.00 17.65 ? 378  ILE A O    1 
ATOM   147  C  CB   . ILE A 1 11 ? 2.989   0.759   -16.638 1.00 20.09 ? 378  ILE A CB   1 
ATOM   148  C  CG1  . ILE A 1 11 ? 2.621   1.533   -17.905 1.00 22.19 ? 378  ILE A CG1  1 
ATOM   149  C  CG2  . ILE A 1 11 ? 1.953   -0.273  -16.405 1.00 16.98 ? 378  ILE A CG2  1 
ATOM   150  C  CD1  . ILE A 1 11 ? 2.806   0.737   -19.167 1.00 24.43 ? 378  ILE A CD1  1 
ATOM   151  H  H    . ILE A 1 11 ? 4.715   2.459   -16.272 1.00 18.29 ? 378  ILE A H    1 
ATOM   152  H  HA   . ILE A 1 11 ? 2.258   2.284   -15.464 1.00 16.22 ? 378  ILE A HA   1 
ATOM   153  H  HB   . ILE A 1 11 ? 3.850   0.329   -16.762 1.00 24.11 ? 378  ILE A HB   1 
ATOM   154  H  HG12 . ILE A 1 11 ? 1.689   1.796   -17.853 1.00 26.62 ? 378  ILE A HG12 1 
ATOM   155  H  HG13 . ILE A 1 11 ? 3.182   2.322   -17.966 1.00 26.62 ? 378  ILE A HG13 1 
ATOM   156  H  HG21 . ILE A 1 11 ? 1.102   0.159   -16.298 1.00 20.38 ? 378  ILE A HG21 1 
ATOM   157  H  HG22 . ILE A 1 11 ? 1.927   -0.865  -17.160 1.00 20.38 ? 378  ILE A HG22 1 
ATOM   158  H  HG23 . ILE A 1 11 ? 2.174   -0.763  -15.610 1.00 20.38 ? 378  ILE A HG23 1 
ATOM   159  H  HD11 . ILE A 1 11 ? 2.248   -0.044  -19.128 1.00 29.31 ? 378  ILE A HD11 1 
ATOM   160  H  HD12 . ILE A 1 11 ? 2.558   1.281   -19.919 1.00 29.31 ? 378  ILE A HD12 1 
ATOM   161  H  HD13 . ILE A 1 11 ? 3.728   0.477   -19.241 1.00 29.31 ? 378  ILE A HD13 1 
ATOM   162  N  N    . LEU A 1 12 ? 4.278   0.441   -13.776 1.00 11.98 ? 379  LEU A N    1 
ATOM   163  C  CA   . LEU A 1 12 ? 4.444   -0.310  -12.545 1.00 11.20 ? 379  LEU A CA   1 
ATOM   164  C  C    . LEU A 1 12 ? 4.278   0.612   -11.351 1.00 13.21 ? 379  LEU A C    1 
ATOM   165  O  O    . LEU A 1 12 ? 3.690   0.227   -10.336 1.00 14.67 ? 379  LEU A O    1 
ATOM   166  C  CB   . LEU A 1 12 ? 5.842   -0.930  -12.488 1.00 14.78 ? 379  LEU A CB   1 
ATOM   167  C  CG   . LEU A 1 12 ? 6.084   -2.424  -12.692 1.00 46.70 ? 379  LEU A CG   1 
ATOM   168  C  CD1  . LEU A 1 12 ? 7.314   -2.859  -11.858 1.00 31.32 ? 379  LEU A CD1  1 
ATOM   169  C  CD2  . LEU A 1 12 ? 4.876   -3.244  -12.321 1.00 34.47 ? 379  LEU A CD2  1 
ATOM   170  H  H    . LEU A 1 12 ? 4.989   0.479   -14.259 1.00 14.38 ? 379  LEU A H    1 
ATOM   171  H  HA   . LEU A 1 12 ? 3.775   -1.024  -12.493 1.00 13.44 ? 379  LEU A HA   1 
ATOM   172  H  HB2  . LEU A 1 12 ? 6.378   -0.480  -13.161 1.00 17.74 ? 379  LEU A HB2  1 
ATOM   173  H  HB3  . LEU A 1 12 ? 6.209   -0.719  -11.616 1.00 17.74 ? 379  LEU A HB3  1 
ATOM   174  H  HG   . LEU A 1 12 ? 6.282   -2.589  -13.627 1.00 56.03 ? 379  LEU A HG   1 
ATOM   175  H  HD11 . LEU A 1 12 ? 7.142   -2.679  -10.931 1.00 37.59 ? 379  LEU A HD11 1 
ATOM   176  H  HD12 . LEU A 1 12 ? 7.464   -3.798  -11.987 1.00 37.59 ? 379  LEU A HD12 1 
ATOM   177  H  HD13 . LEU A 1 12 ? 8.081   -2.361  -12.150 1.00 37.59 ? 379  LEU A HD13 1 
ATOM   178  H  HD21 . LEU A 1 12 ? 4.136   -2.976  -12.871 1.00 41.36 ? 379  LEU A HD21 1 
ATOM   179  H  HD22 . LEU A 1 12 ? 5.073   -4.172  -12.464 1.00 41.36 ? 379  LEU A HD22 1 
ATOM   180  H  HD23 . LEU A 1 12 ? 4.669   -3.092  -11.396 1.00 41.36 ? 379  LEU A HD23 1 
ATOM   181  N  N    . GLU A 1 13 ? 4.839   1.815   -11.433 1.00 12.53 ? 380  GLU A N    1 
ATOM   182  C  CA   . GLU A 1 13 ? 4.758   2.755   -10.310 1.00 12.11 ? 380  GLU A CA   1 
ATOM   183  C  C    . GLU A 1 13 ? 3.288   3.105   -10.065 1.00 14.03 ? 380  GLU A C    1 
ATOM   184  O  O    . GLU A 1 13 ? 2.849   3.154   -8.901  1.00 14.17 ? 380  GLU A O    1 
ATOM   185  C  CB   . GLU A 1 13 ? 5.581   4.020   -10.602 1.00 17.33 ? 380  GLU A CB   1 
ATOM   186  C  CG   . GLU A 1 13 ? 7.086   3.776   -10.537 1.00 17.34 ? 380  GLU A CG   1 
ATOM   187  C  CD   . GLU A 1 13 ? 7.929   4.847   -11.212 1.00 33.79 ? 380  GLU A CD   1 
ATOM   188  O  OE1  . GLU A 1 13 ? 7.406   5.948   -11.509 1.00 24.25 ? 380  GLU A OE1  1 
ATOM   189  O  OE2  . GLU A 1 13 ? 9.134   4.567   -11.450 1.00 42.24 ? 380  GLU A OE2  1 
ATOM   190  H  H    . GLU A 1 13 ? 5.267   2.112   -12.117 1.00 15.04 ? 380  GLU A H    1 
ATOM   191  H  HA   . GLU A 1 13 ? 5.116   2.332   -9.503  1.00 14.53 ? 380  GLU A HA   1 
ATOM   192  H  HB2  . GLU A 1 13 ? 5.367   4.338   -11.494 1.00 20.80 ? 380  GLU A HB2  1 
ATOM   193  H  HB3  . GLU A 1 13 ? 5.358   4.699   -9.946  1.00 20.80 ? 380  GLU A HB3  1 
ATOM   194  H  HG2  . GLU A 1 13 ? 7.354   3.735   -9.605  1.00 20.80 ? 380  GLU A HG2  1 
ATOM   195  H  HG3  . GLU A 1 13 ? 7.282   2.930   -10.970 1.00 20.80 ? 380  GLU A HG3  1 
ATOM   196  N  N    . LYS A 1 14 ? 2.528   3.328   -11.118 1.00 11.87 ? 381  LYS A N    1 
ATOM   197  C  CA   . LYS A 1 14 ? 1.120   3.689   -10.948 1.00 11.68 ? 381  LYS A CA   1 
ATOM   198  C  C    . LYS A 1 14 ? 0.364   2.527   -10.333 1.00 12.57 ? 381  LYS A C    1 
ATOM   199  O  O    . LYS A 1 14 ? -0.478  2.701   -9.402  1.00 14.34 ? 381  LYS A O    1 
ATOM   200  C  CB   . LYS A 1 14 ? 0.472   4.085   -12.279 1.00 17.56 ? 381  LYS A CB   1 
ATOM   201  C  CG   . LYS A 1 14 ? -1.027  4.329   -12.112 1.00 18.17 ? 381  LYS A CG   1 
ATOM   202  C  CD   . LYS A 1 14 ? -1.658  4.800   -13.407 1.00 24.23 ? 381  LYS A CD   1 
ATOM   203  C  CE   . LYS A 1 14 ? -3.185  4.691   -13.347 1.00 33.50 ? 381  LYS A CE   1 
ATOM   204  N  NZ   . LYS A 1 14 ? -3.740  5.354   -12.156 1.00 38.85 ? 381  LYS A NZ   1 
ATOM   205  H  H    . LYS A 1 14 ? 2.790   3.280   -11.936 1.00 14.24 ? 381  LYS A H    1 
ATOM   206  H  HA   . LYS A 1 14 ? 1.055   4.453   -10.338 1.00 14.02 ? 381  LYS A HA   1 
ATOM   207  H  HB2  . LYS A 1 14 ? 0.880   4.902   -12.603 1.00 21.07 ? 381  LYS A HB2  1 
ATOM   208  H  HB3  . LYS A 1 14 ? 0.595   3.369   -12.921 1.00 21.07 ? 381  LYS A HB3  1 
ATOM   209  H  HG2  . LYS A 1 14 ? -1.458  3.502   -11.846 1.00 21.81 ? 381  LYS A HG2  1 
ATOM   210  H  HG3  . LYS A 1 14 ? -1.167  5.012   -11.437 1.00 21.81 ? 381  LYS A HG3  1 
ATOM   211  H  HD2  . LYS A 1 14 ? -1.424  5.730   -13.558 1.00 29.08 ? 381  LYS A HD2  1 
ATOM   212  H  HD3  . LYS A 1 14 ? -1.341  4.249   -14.139 1.00 29.08 ? 381  LYS A HD3  1 
ATOM   213  H  HE2  . LYS A 1 14 ? -3.565  5.114   -14.133 1.00 40.20 ? 381  LYS A HE2  1 
ATOM   214  H  HE3  . LYS A 1 14 ? -3.435  3.755   -13.316 1.00 40.20 ? 381  LYS A HE3  1 
ATOM   215  H  HZ1  . LYS A 1 14 ? -3.528  6.219   -12.163 1.00 46.62 ? 381  LYS A HZ1  1 
ATOM   216  H  HZ2  . LYS A 1 14 ? -4.627  5.274   -12.150 1.00 46.62 ? 381  LYS A HZ2  1 
ATOM   217  H  HZ3  . LYS A 1 14 ? -3.411  4.982   -11.419 1.00 46.62 ? 381  LYS A HZ3  1 
ATOM   218  N  N    . GLU A 1 15 ? 0.631   1.330   -10.830 1.00 12.14 ? 382  GLU A N    1 
ATOM   219  C  CA   . GLU A 1 15 ? -0.034  0.149   -10.265 1.00 14.82 ? 382  GLU A CA   1 
ATOM   220  C  C    . GLU A 1 15 ? 0.217   -0.002  -8.757  1.00 14.63 ? 382  GLU A C    1 
ATOM   221  O  O    . GLU A 1 15 ? -0.727  -0.233  -7.977  1.00 13.29 ? 382  GLU A O    1 
ATOM   222  C  CB   . GLU A 1 15 ? 0.364   -1.111  -11.036 1.00 17.49 ? 382  GLU A CB   1 
ATOM   223  C  CG   . GLU A 1 15 ? -0.334  -1.116  -12.369 1.00 22.83 ? 382  GLU A CG   1 
ATOM   224  C  CD   . GLU A 1 15 ? 0.033   -2.310  -13.232 1.00 35.04 ? 382  GLU A CD   1 
ATOM   225  O  OE1  . GLU A 1 15 ? 1.217   -2.732  -13.200 1.00 31.09 ? 382  GLU A OE1  1 
ATOM   226  O  OE2  . GLU A 1 15 ? -0.868  -2.805  -13.949 1.00 52.59 ? 382  GLU A OE2  1 
ATOM   227  H  H    . GLU A 1 15 ? 1.176   1.169   -11.476 1.00 14.57 ? 382  GLU A H    1 
ATOM   228  H  HA   . GLU A 1 15 ? -1.000  0.262   -10.383 1.00 17.79 ? 382  GLU A HA   1 
ATOM   229  H  HB2  . GLU A 1 15 ? 1.323   -1.114  -11.188 1.00 20.99 ? 382  GLU A HB2  1 
ATOM   230  H  HB3  . GLU A 1 15 ? 0.094   -1.899  -10.540 1.00 20.99 ? 382  GLU A HB3  1 
ATOM   231  H  HG2  . GLU A 1 15 ? -1.293  -1.139  -12.221 1.00 27.40 ? 382  GLU A HG2  1 
ATOM   232  H  HG3  . GLU A 1 15 ? -0.092  -0.312  -12.853 1.00 27.40 ? 382  GLU A HG3  1 
ATOM   233  N  N    . GLU A 1 16 ? 1.478   0.101   -8.353  1.00 9.46  ? 383  GLU A N    1 
ATOM   234  C  CA   . GLU A 1 16 ? 1.848   -0.106  -6.950  1.00 9.20  ? 383  GLU A CA   1 
ATOM   235  C  C    . GLU A 1 16 ? 1.219   1.010   -6.123  1.00 11.88 ? 383  GLU A C    1 
ATOM   236  O  O    . GLU A 1 16 ? 0.643   0.772   -5.049  1.00 12.40 ? 383  GLU A O    1 
ATOM   237  C  CB   . GLU A 1 16 ? 3.358   0.003   -6.794  1.00 13.33 ? 383  GLU A CB   1 
ATOM   238  C  CG   . GLU A 1 16 ? 3.817   -0.182  -5.362  1.00 12.62 ? 383  GLU A CG   1 
ATOM   239  C  CD   . GLU A 1 16 ? 5.319   -0.049  -5.181  1.00 22.24 ? 383  GLU A CD   1 
ATOM   240  O  OE1  . GLU A 1 16 ? 6.069   0.292   -6.153  1.00 20.39 ? 383  GLU A OE1  1 
ATOM   241  O  OE2  . GLU A 1 16 ? 5.762   -0.319  -4.052  1.00 19.84 ? 383  GLU A OE2  1 
ATOM   242  H  H    . GLU A 1 16 ? 2.141   0.289   -8.869  1.00 11.35 ? 383  GLU A H    1 
ATOM   243  H  HA   . GLU A 1 16 ? 1.539   -0.978  -6.629  1.00 11.03 ? 383  GLU A HA   1 
ATOM   244  H  HB2  . GLU A 1 16 ? 3.781   -0.681  -7.336  1.00 16.00 ? 383  GLU A HB2  1 
ATOM   245  H  HB3  . GLU A 1 16 ? 3.643   0.883   -7.089  1.00 16.00 ? 383  GLU A HB3  1 
ATOM   246  H  HG2  . GLU A 1 16 ? 3.390   0.490   -4.807  1.00 15.14 ? 383  GLU A HG2  1 
ATOM   247  H  HG3  . GLU A 1 16 ? 3.559   -1.069  -5.062  1.00 15.14 ? 383  GLU A HG3  1 
ATOM   248  N  N    . GLN A 1 17 ? 1.397   2.249   -6.585  1.00 11.63 ? 384  GLN A N    1 
ATOM   249  C  CA   . GLN A 1 17 ? 0.958   3.375   -5.756  1.00 13.23 ? 384  GLN A CA   1 
ATOM   250  C  C    . GLN A 1 17 ? -0.564  3.381   -5.606  1.00 16.48 ? 384  GLN A C    1 
ATOM   251  O  O    . GLN A 1 17 ? -1.106  3.658   -4.508  1.00 14.25 ? 384  GLN A O    1 
ATOM   252  C  CB   . GLN A 1 17 ? 1.503   4.713   -6.330  1.00 15.50 ? 384  GLN A CB   1 
ATOM   253  C  CG   . GLN A 1 17 ? 2.980   4.828   -6.112  1.00 16.47 ? 384  GLN A CG   1 
ATOM   254  C  CD   . GLN A 1 17 ? 3.627   5.907   -6.925  1.00 21.31 ? 384  GLN A CD   1 
ATOM   255  O  OE1  . GLN A 1 17 ? 2.999   6.921   -7.242  1.00 22.12 ? 384  GLN A OE1  1 
ATOM   256  N  NE2  . GLN A 1 17 ? 4.875   5.682   -7.288  1.00 20.95 ? 384  GLN A NE2  1 
ATOM   257  H  H    . GLN A 1 17 ? 1.753   2.459   -7.339  1.00 13.96 ? 384  GLN A H    1 
ATOM   258  H  HA   . GLN A 1 17 ? 1.340   3.265   -4.859  1.00 15.88 ? 384  GLN A HA   1 
ATOM   259  H  HB2  . GLN A 1 17 ? 1.332   4.747   -7.284  1.00 18.60 ? 384  GLN A HB2  1 
ATOM   260  H  HB3  . GLN A 1 17 ? 1.069   5.455   -5.882  1.00 18.60 ? 384  GLN A HB3  1 
ATOM   261  H  HG2  . GLN A 1 17 ? 3.144   5.023   -5.176  1.00 19.76 ? 384  GLN A HG2  1 
ATOM   262  H  HG3  . GLN A 1 17 ? 3.398   3.987   -6.351  1.00 19.76 ? 384  GLN A HG3  1 
ATOM   263  H  HE21 . GLN A 1 17 ? 5.265   4.952   -7.057  1.00 25.14 ? 384  GLN A HE21 1 
ATOM   264  H  HE22 . GLN A 1 17 ? 5.298   6.267   -7.756  1.00 25.14 ? 384  GLN A HE22 1 
ATOM   265  N  N    . ASP A 1 18 ? -1.281  3.064   -6.681  1.00 12.67 ? 385  ASP A N    1 
ATOM   266  C  CA   . ASP A 1 18 ? -2.746  2.998   -6.634  1.00 15.02 ? 385  ASP A CA   1 
ATOM   267  C  C    . ASP A 1 18 ? -3.186  1.965   -5.584  1.00 16.61 ? 385  ASP A C    1 
ATOM   268  O  O    . ASP A 1 18 ? -4.106  2.222   -4.773  1.00 18.53 ? 385  ASP A O    1 
ATOM   269  C  CB   . ASP A 1 18 ? -3.335  2.631   -8.008  1.00 15.21 ? 385  ASP A CB   1 
ATOM   270  C  CG   . ASP A 1 18 ? -3.332  3.806   -9.004  1.00 31.71 ? 385  ASP A CG   1 
ATOM   271  O  OD1  . ASP A 1 18 ? -2.934  4.928   -8.610  1.00 24.92 ? 385  ASP A OD1  1 
ATOM   272  O  OD2  . ASP A 1 18 ? -3.722  3.606   -10.196 1.00 25.91 ? 385  ASP A OD2  1 
ATOM   273  H  H    . ASP A 1 18 ? -0.946  2.884   -7.451  1.00 15.21 ? 385  ASP A H    1 
ATOM   274  H  HA   . ASP A 1 18 ? -3.102  3.873   -6.372  1.00 18.03 ? 385  ASP A HA   1 
ATOM   275  H  HB2  . ASP A 1 18 ? -2.811  1.912   -8.392  1.00 18.26 ? 385  ASP A HB2  1 
ATOM   276  H  HB3  . ASP A 1 18 ? -4.254  2.343   -7.889  1.00 18.26 ? 385  ASP A HB3  1 
ATOM   277  N  N    . LYS A 1 19 ? -2.529  0.810   -5.565  1.00 14.32 ? 386  LYS A N    1 
ATOM   278  C  CA   . LYS A 1 19 ? -2.905  -0.241  -4.607  1.00 15.40 ? 386  LYS A CA   1 
ATOM   279  C  C    . LYS A 1 19 ? -2.614  0.173   -3.174  1.00 16.75 ? 386  LYS A C    1 
ATOM   280  O  O    . LYS A 1 19 ? -3.438  -0.043  -2.256  1.00 18.67 ? 386  LYS A O    1 
ATOM   281  C  CB   . LYS A 1 19 ? -2.189  -1.532  -4.908  1.00 19.14 ? 386  LYS A CB   1 
ATOM   282  C  CG   . LYS A 1 19 ? -2.644  -2.158  -6.162  1.00 32.09 ? 386  LYS A CG   1 
ATOM   283  C  CD   . LYS A 1 19 ? -1.872  -3.405  -6.402  1.00 30.60 ? 386  LYS A CD   1 
ATOM   284  C  CE   . LYS A 1 19 ? -2.118  -3.954  -7.799  1.00 42.32 ? 386  LYS A CE   1 
ATOM   285  N  NZ   . LYS A 1 19 ? -1.196  -5.096  -8.021  1.00 46.25 ? 386  LYS A NZ   1 
ATOM   286  H  H    . LYS A 1 19 ? -1.875  0.607   -6.083  1.00 17.18 ? 386  LYS A H    1 
ATOM   287  H  HA   . LYS A 1 19 ? -3.868  -0.407  -4.682  1.00 18.48 ? 386  LYS A HA   1 
ATOM   288  H  HB2  . LYS A 1 19 ? -1.239  -1.355  -4.988  1.00 22.97 ? 386  LYS A HB2  1 
ATOM   289  H  HB3  . LYS A 1 19 ? -2.351  -2.158  -4.185  1.00 22.97 ? 386  LYS A HB3  1 
ATOM   290  H  HG2  . LYS A 1 19 ? -3.584  -2.384  -6.092  1.00 38.51 ? 386  LYS A HG2  1 
ATOM   291  H  HG3  . LYS A 1 19 ? -2.491  -1.552  -6.904  1.00 38.51 ? 386  LYS A HG3  1 
ATOM   292  H  HD2  . LYS A 1 19 ? -0.925  -3.218  -6.312  1.00 36.72 ? 386  LYS A HD2  1 
ATOM   293  H  HD3  . LYS A 1 19 ? -2.144  -4.079  -5.760  1.00 36.72 ? 386  LYS A HD3  1 
ATOM   294  H  HE2  . LYS A 1 19 ? -3.032  -4.269  -7.874  1.00 50.78 ? 386  LYS A HE2  1 
ATOM   295  H  HE3  . LYS A 1 19 ? -1.934  -3.269  -8.460  1.00 50.78 ? 386  LYS A HE3  1 
ATOM   296  H  HZ1  . LYS A 1 19 ? -1.349  -5.732  -7.416  1.00 55.50 ? 386  LYS A HZ1  1 
ATOM   297  H  HZ2  . LYS A 1 19 ? -1.322  -5.434  -8.834  1.00 55.50 ? 386  LYS A HZ2  1 
ATOM   298  H  HZ3  . LYS A 1 19 ? -0.352  -4.824  -7.948  1.00 55.50 ? 386  LYS A HZ3  1 
ATOM   299  N  N    . ILE A 1 20 ? -1.455  0.774   -2.951  1.00 12.70 ? 387  ILE A N    1 
ATOM   300  C  CA   . ILE A 1 20 ? -1.110  1.233   -1.601  1.00 12.15 ? 387  ILE A CA   1 
ATOM   301  C  C    . ILE A 1 20 ? -2.047  2.354   -1.120  1.00 11.69 ? 387  ILE A C    1 
ATOM   302  O  O    . ILE A 1 20 ? -2.505  2.358   0.042   1.00 15.42 ? 387  ILE A O    1 
ATOM   303  C  CB   . ILE A 1 20 ? 0.345   1.724   -1.513  1.00 17.42 ? 387  ILE A CB   1 
ATOM   304  C  CG1  . ILE A 1 20 ? 1.268   0.524   -1.723  1.00 19.25 ? 387  ILE A CG1  1 
ATOM   305  C  CG2  . ILE A 1 20 ? 0.592   2.434   -0.127  1.00 17.42 ? 387  ILE A CG2  1 
ATOM   306  C  CD1  . ILE A 1 20 ? 2.743   0.891   -1.848  1.00 18.76 ? 387  ILE A CD1  1 
ATOM   307  H  H    . ILE A 1 20 ? -0.856  0.928   -3.547  1.00 15.25 ? 387  ILE A H    1 
ATOM   308  H  HA   . ILE A 1 20 ? -1.207  0.480   -0.980  1.00 14.58 ? 387  ILE A HA   1 
ATOM   309  H  HB   . ILE A 1 20 ? 0.502   2.366   -2.225  1.00 20.91 ? 387  ILE A HB   1 
ATOM   310  H  HG12 . ILE A 1 20 ? 1.175   -0.077  -0.968  1.00 23.10 ? 387  ILE A HG12 1 
ATOM   311  H  HG13 . ILE A 1 20 ? 1.007   0.068   -2.539  1.00 23.10 ? 387  ILE A HG13 1 
ATOM   312  H  HG21 . ILE A 1 20 ? 0.424   1.806   0.579   1.00 20.91 ? 387  ILE A HG21 1 
ATOM   313  H  HG22 . ILE A 1 20 ? 1.503   2.735   -0.087  1.00 20.91 ? 387  ILE A HG22 1 
ATOM   314  H  HG23 . ILE A 1 20 ? -0.004  3.182   -0.049  1.00 20.91 ? 387  ILE A HG23 1 
ATOM   315  H  HD11 . ILE A 1 20 ? 3.023   1.334   -1.043  1.00 22.52 ? 387  ILE A HD11 1 
ATOM   316  H  HD12 . ILE A 1 20 ? 3.255   0.090   -1.977  1.00 22.52 ? 387  ILE A HD12 1 
ATOM   317  H  HD13 . ILE A 1 20 ? 2.856   1.478   -2.600  1.00 22.52 ? 387  ILE A HD13 1 
ATOM   318  N  N    . HIS A 1 21 ? -2.369  3.281   -2.010  1.00 11.79 ? 388  HIS A N    1 
ATOM   319  C  CA   . HIS A 1 21 ? -3.159  4.455   -1.597  1.00 10.68 ? 388  HIS A CA   1 
ATOM   320  C  C    . HIS A 1 21 ? -4.593  4.054   -1.356  1.00 14.11 ? 388  HIS A C    1 
ATOM   321  O  O    . HIS A 1 21 ? -5.279  4.651   -0.486  1.00 15.63 ? 388  HIS A O    1 
ATOM   322  C  CB   . HIS A 1 21 ? -3.058  5.558   -2.623  1.00 15.33 ? 388  HIS A CB   1 
ATOM   323  C  CG   . HIS A 1 21 ? -1.683  6.113   -2.733  1.00 20.97 ? 388  HIS A CG   1 
ATOM   324  N  ND1  . HIS A 1 21 ? -1.206  6.695   -3.886  1.00 27.21 ? 388  HIS A ND1  1 
ATOM   325  C  CD2  . HIS A 1 21 ? -0.686  6.194   -1.826  1.00 26.39 ? 388  HIS A CD2  1 
ATOM   326  C  CE1  . HIS A 1 21 ? 0.031   7.104   -3.681  1.00 22.47 ? 388  HIS A CE1  1 
ATOM   327  N  NE2  . HIS A 1 21 ? 0.374   6.809   -2.445  1.00 24.45 ? 388  HIS A NE2  1 
ATOM   328  H  H    . HIS A 1 21 ? -2.155  3.264   -2.843  1.00 14.15 ? 388  HIS A H    1 
ATOM   329  H  HA   . HIS A 1 21 ? -2.797  4.796   -0.753  1.00 12.82 ? 388  HIS A HA   1 
ATOM   330  H  HB2  . HIS A 1 21 ? -3.311  5.207   -3.492  1.00 18.40 ? 388  HIS A HB2  1 
ATOM   331  H  HB3  . HIS A 1 21 ? -3.654  6.280   -2.369  1.00 18.40 ? 388  HIS A HB3  1 
ATOM   332  H  HD1  . HIS A 1 21 ? -1.646  6.779   -4.621  1.00 32.65 ? 388  HIS A HD1  1 
ATOM   333  H  HD2  . HIS A 1 21 ? -0.709  5.883   -0.949  1.00 31.67 ? 388  HIS A HD2  1 
ATOM   334  H  HE1  . HIS A 1 21 ? 0.573   7.525   -4.308  1.00 26.96 ? 388  HIS A HE1  1 
ATOM   335  H  HE2  . HIS A 1 21 ? 1.135   6.979   -2.084  1.00 29.34 ? 388  HIS A HE2  1 
ATOM   336  N  N    A GLN A 1 22 ? -5.081  3.053   -2.077  0.63 15.56 ? 389  GLN A N    1 
ATOM   337  N  N    B GLN A 1 22 ? -5.036  3.055   -2.116  0.37 15.81 ? 389  GLN A N    1 
ATOM   338  C  CA   A GLN A 1 22 ? -6.442  2.585   -1.846  0.63 22.94 ? 389  GLN A CA   1 
ATOM   339  C  CA   B GLN A 1 22 ? -6.341  2.424   -1.959  0.37 22.44 ? 389  GLN A CA   1 
ATOM   340  C  C    A GLN A 1 22 ? -6.521  1.864   -0.507  0.63 20.80 ? 389  GLN A C    1 
ATOM   341  C  C    B GLN A 1 22 ? -6.468  1.916   -0.540  0.37 20.74 ? 389  GLN A C    1 
ATOM   342  O  O    A GLN A 1 22 ? -7.539  1.950   0.189   0.63 18.41 ? 389  GLN A O    1 
ATOM   343  O  O    B GLN A 1 22 ? -7.448  2.198   0.162   0.37 19.07 ? 389  GLN A O    1 
ATOM   344  C  CB   A GLN A 1 22 ? -6.947  1.681   -2.968  0.63 24.71 ? 389  GLN A CB   1 
ATOM   345  C  CB   B GLN A 1 22 ? -6.456  1.221   -2.897  0.37 25.69 ? 389  GLN A CB   1 
ATOM   346  C  CG   A GLN A 1 22 ? -7.239  2.428   -4.271  0.63 31.17 ? 389  GLN A CG   1 
ATOM   347  C  CG   B GLN A 1 22 ? -7.821  1.026   -3.526  0.37 37.27 ? 389  GLN A CG   1 
ATOM   348  C  CD   A GLN A 1 22 ? -8.281  3.531   -4.105  0.63 34.81 ? 389  GLN A CD   1 
ATOM   349  C  CD   B GLN A 1 22 ? -7.990  -0.346  -4.172  0.37 40.12 ? 389  GLN A CD   1 
ATOM   350  O  OE1  A GLN A 1 22 ? -9.378  3.304   -3.577  0.63 37.95 ? 389  GLN A OE1  1 
ATOM   351  O  OE1  B GLN A 1 22 ? -9.042  -0.970  -4.040  0.37 42.23 ? 389  GLN A OE1  1 
ATOM   352  N  NE2  A GLN A 1 22 ? -7.932  4.736   -4.542  0.63 39.58 ? 389  GLN A NE2  1 
ATOM   353  N  NE2  B GLN A 1 22 ? -6.961  -0.812  -4.883  0.37 38.26 ? 389  GLN A NE2  1 
ATOM   354  H  H    A GLN A 1 22 ? -4.654  2.634   -2.695  0.63 18.67 ? 389  GLN A H    1 
ATOM   355  H  H    B GLN A 1 22 ? -4.575  2.712   -2.758  0.37 18.97 ? 389  GLN A H    1 
ATOM   356  H  HA   A GLN A 1 22 ? -7.036  3.362   -1.800  0.63 27.53 ? 389  GLN A HA   1 
ATOM   357  H  HA   B GLN A 1 22 ? -7.059  3.062   -2.149  0.37 26.92 ? 389  GLN A HA   1 
ATOM   358  H  HB2  A GLN A 1 22 ? -6.275  1.008   -3.156  0.63 29.65 ? 389  GLN A HB2  1 
ATOM   359  H  HB2  B GLN A 1 22 ? -5.815  1.328   -3.617  0.37 30.82 ? 389  GLN A HB2  1 
ATOM   360  H  HB3  A GLN A 1 22 ? -7.770  1.255   -2.681  0.63 29.65 ? 389  GLN A HB3  1 
ATOM   361  H  HB3  B GLN A 1 22 ? -6.247  0.417   -2.395  0.37 30.82 ? 389  GLN A HB3  1 
ATOM   362  H  HG2  A GLN A 1 22 ? -6.419  2.837   -4.591  0.63 37.40 ? 389  GLN A HG2  1 
ATOM   363  H  HG2  B GLN A 1 22 ? -8.500  1.119   -2.840  0.37 44.73 ? 389  GLN A HG2  1 
ATOM   364  H  HG3  A GLN A 1 22 ? -7.572  1.797   -4.929  0.63 37.40 ? 389  GLN A HG3  1 
ATOM   365  H  HG3  B GLN A 1 22 ? -7.950  1.697   -4.213  0.37 44.73 ? 389  GLN A HG3  1 
ATOM   366  H  HE21 A GLN A 1 22 ? -7.157  4.858   -4.895  0.63 47.49 ? 389  GLN A HE21 1 
ATOM   367  H  HE21 B GLN A 1 22 ? -6.244  -0.344  -4.961  0.37 45.91 ? 389  GLN A HE21 1 
ATOM   368  H  HE22 A GLN A 1 22 ? -8.482  5.394   -4.473  0.63 47.49 ? 389  GLN A HE22 1 
ATOM   369  H  HE22 B GLN A 1 22 ? -7.014  -1.582  -5.265  0.37 45.91 ? 389  GLN A HE22 1 
ATOM   370  N  N    . LEU A 1 23 ? -5.467  1.140   -0.139  1.00 16.02 ? 390  LEU A N    1 
ATOM   371  C  CA   . LEU A 1 23 ? -5.439  0.521   1.190   1.00 12.74 ? 390  LEU A CA   1 
ATOM   372  C  C    . LEU A 1 23 ? -5.417  1.574   2.276   1.00 17.41 ? 390  LEU A C    1 
ATOM   373  O  O    . LEU A 1 23 ? -6.163  1.477   3.295   1.00 16.59 ? 390  LEU A O    1 
ATOM   374  C  CB   . LEU A 1 23 ? -4.207  -0.400  1.295   1.00 22.80 ? 390  LEU A CB   1 
ATOM   375  C  CG   . LEU A 1 23 ? -4.219  -1.652  2.177   1.00 44.95 ? 390  LEU A CG   1 
ATOM   376  C  CD1  . LEU A 1 23 ? -5.336  -2.604  1.792   1.00 34.27 ? 390  LEU A CD1  1 
ATOM   377  C  CD2  . LEU A 1 23 ? -2.874  -2.372  2.072   1.00 40.28 ? 390  LEU A CD2  1 
ATOM   378  H  H    . LEU A 1 23 ? -4.777  0.975   -0.623  0.37 19.23 ? 390  LEU A H    1 
ATOM   379  H  HA   . LEU A 1 23 ? -6.243  -0.027  1.309   1.00 15.28 ? 390  LEU A HA   1 
ATOM   380  H  HB2  . LEU A 1 23 ? -4.000  -0.704  0.399   1.00 27.36 ? 390  LEU A HB2  1 
ATOM   381  H  HB3  . LEU A 1 23 ? -3.470  0.146   1.613   1.00 27.36 ? 390  LEU A HB3  1 
ATOM   382  H  HG   . LEU A 1 23 ? -4.351  -1.390  3.102   1.00 53.94 ? 390  LEU A HG   1 
ATOM   383  H  HD11 . LEU A 1 23 ? -5.215  -2.874  0.879   1.00 41.12 ? 390  LEU A HD11 1 
ATOM   384  H  HD12 . LEU A 1 23 ? -5.306  -3.371  2.368   1.00 41.12 ? 390  LEU A HD12 1 
ATOM   385  H  HD13 . LEU A 1 23 ? -6.178  -2.153  1.891   1.00 41.12 ? 390  LEU A HD13 1 
ATOM   386  H  HD21 . LEU A 1 23 ? -2.180  -1.779  2.366   1.00 48.33 ? 390  LEU A HD21 1 
ATOM   387  H  HD22 . LEU A 1 23 ? -2.895  -3.154  2.628   1.00 48.33 ? 390  LEU A HD22 1 
ATOM   388  H  HD23 . LEU A 1 23 ? -2.725  -2.624  1.158   1.00 48.33 ? 390  LEU A HD23 1 
ATOM   389  N  N    . GLN A 1 24 ? -4.577  2.590   2.099   1.00 13.88 ? 391  GLN A N    1 
ATOM   390  C  CA   . GLN A 1 24 ? -4.481  3.665   3.078   1.00 12.89 ? 391  GLN A CA   1 
ATOM   391  C  C    . GLN A 1 24 ? -5.863  4.304   3.240   1.00 13.97 ? 391  GLN A C    1 
ATOM   392  O  O    . GLN A 1 24 ? -6.325  4.509   4.354   1.00 15.54 ? 391  GLN A O    1 
ATOM   393  C  CB   . GLN A 1 24 ? -3.474  4.732   2.685   1.00 16.74 ? 391  GLN A CB   1 
ATOM   394  C  CG   . GLN A 1 24 ? -2.054  4.269   2.652   1.00 15.35 ? 391  GLN A CG   1 
ATOM   395  C  CD   . GLN A 1 24 ? -1.161  5.295   2.004   1.00 17.75 ? 391  GLN A CD   1 
ATOM   396  O  OE1  . GLN A 1 24 ? -1.629  6.136   1.237   1.00 19.11 ? 391  GLN A OE1  1 
ATOM   397  N  NE2  . GLN A 1 24 ? 0.131   5.253   2.326   1.00 18.68 ? 391  GLN A NE2  1 
ATOM   398  H  H    . GLN A 1 24 ? -4.054  2.680   1.422   1.00 16.65 ? 391  GLN A H    1 
ATOM   399  H  HA   . GLN A 1 24 ? -4.211  3.291   3.943   1.00 15.47 ? 391  GLN A HA   1 
ATOM   400  H  HB2  . GLN A 1 24 ? -3.696  5.058   1.798   1.00 20.09 ? 391  GLN A HB2  1 
ATOM   401  H  HB3  . GLN A 1 24 ? -3.529  5.461   3.323   1.00 20.09 ? 391  GLN A HB3  1 
ATOM   402  H  HG2  . GLN A 1 24 ? -1.743  4.123   3.560   1.00 18.42 ? 391  GLN A HG2  1 
ATOM   403  H  HG3  . GLN A 1 24 ? -1.997  3.447   2.141   1.00 18.42 ? 391  GLN A HG3  1 
ATOM   404  H  HE21 . GLN A 1 24 ? 0.418   4.660   2.880   1.00 22.41 ? 391  GLN A HE21 1 
ATOM   405  H  HE22 . GLN A 1 24 ? 0.679   5.819   1.981   1.00 22.41 ? 391  GLN A HE22 1 
ATOM   406  N  N    . LYS A 1 25 ? -6.516  4.618   2.118   1.00 11.83 ? 392  LYS A N    1 
ATOM   407  C  CA   . LYS A 1 25 ? -7.873  5.181   2.157   1.00 16.00 ? 392  LYS A CA   1 
ATOM   408  C  C    . LYS A 1 25 ? -8.910  4.279   2.861   1.00 14.50 ? 392  LYS A C    1 
ATOM   409  O  O    . LYS A 1 25 ? -9.719  4.762   3.679   1.00 17.89 ? 392  LYS A O    1 
ATOM   410  C  CB   . LYS A 1 25 ? -8.328  5.545   0.718   1.00 17.89 ? 392  LYS A CB   1 
ATOM   411  C  CG   . LYS A 1 25 ? -9.552  6.465   0.722   1.00 32.86 ? 392  LYS A CG   1 
ATOM   412  C  CD   . LYS A 1 25 ? -9.854  7.072   -0.640  1.00 37.89 ? 392  LYS A CD   1 
ATOM   413  C  CE   . LYS A 1 25 ? -11.177 7.854   -0.598  1.00 51.55 ? 392  LYS A CE   1 
ATOM   414  N  NZ   . LYS A 1 25 ? -11.470 8.566   -1.881  1.00 66.25 ? 392  LYS A NZ   1 
ATOM   415  H  H    . LYS A 1 25 ? -6.199  4.517   1.325   1.00 14.19 ? 392  LYS A H    1 
ATOM   416  H  HA   . LYS A 1 25 ? -7.836  6.019   2.665   1.00 19.20 ? 392  LYS A HA   1 
ATOM   417  H  HB2  . LYS A 1 25 ? -7.605  6.003   0.262   1.00 21.47 ? 392  LYS A HB2  1 
ATOM   418  H  HB3  . LYS A 1 25 ? -8.561  4.732   0.242   1.00 21.47 ? 392  LYS A HB3  1 
ATOM   419  H  HG2  . LYS A 1 25 ? -10.329 5.954   0.999   1.00 39.43 ? 392  LYS A HG2  1 
ATOM   420  H  HG3  . LYS A 1 25 ? -9.397  7.192   1.344   1.00 39.43 ? 392  LYS A HG3  1 
ATOM   421  H  HD2  . LYS A 1 25 ? -9.143  7.684   -0.886  1.00 45.46 ? 392  LYS A HD2  1 
ATOM   422  H  HD3  . LYS A 1 25 ? -9.935  6.365   -1.298  1.00 45.46 ? 392  LYS A HD3  1 
ATOM   423  H  HE2  . LYS A 1 25 ? -11.904 7.235   -0.426  1.00 61.86 ? 392  LYS A HE2  1 
ATOM   424  H  HE3  . LYS A 1 25 ? -11.131 8.517   0.109   1.00 61.86 ? 392  LYS A HE3  1 
ATOM   425  H  HZ1  . LYS A 1 25 ? -11.527 7.981   -2.548  1.00 79.50 ? 392  LYS A HZ1  1 
ATOM   426  H  HZ2  . LYS A 1 25 ? -12.242 9.005   -1.815  1.00 79.50 ? 392  LYS A HZ2  1 
ATOM   427  H  HZ3  . LYS A 1 25 ? -10.821 9.148   -2.060  1.00 79.50 ? 392  LYS A HZ3  1 
ATOM   428  N  N    . LYS A 1 26 ? -8.882  2.979   2.601   1.00 13.57 ? 393  LYS A N    1 
ATOM   429  C  CA   . LYS A 1 26 ? -9.833  2.044   3.161   1.00 15.77 ? 393  LYS A CA   1 
ATOM   430  C  C    . LYS A 1 26 ? -9.666  1.984   4.667   1.00 16.05 ? 393  LYS A C    1 
ATOM   431  O  O    . LYS A 1 26 ? -10.642 2.048   5.425   1.00 15.23 ? 393  LYS A O    1 
ATOM   432  C  CB   . LYS A 1 26 ? -9.554  0.670   2.599   1.00 16.24 ? 393  LYS A CB   1 
ATOM   433  C  CG   . LYS A 1 26 ? -10.563 -0.405  2.899   1.00 38.90 ? 393  LYS A CG   1 
ATOM   434  C  CD   . LYS A 1 26 ? -10.630 -1.403  1.722   1.00 49.34 ? 393  LYS A CD   1 
ATOM   435  C  CE   . LYS A 1 26 ? -10.395 -2.857  2.146   1.00 55.81 ? 393  LYS A CE   1 
ATOM   436  N  NZ   . LYS A 1 26 ? -11.410 -3.391  3.104   1.00 55.54 ? 393  LYS A NZ   1 
ATOM   437  H  H    . LYS A 1 26 ? -8.301  2.608   2.088   1.00 16.29 ? 393  LYS A H    1 
ATOM   438  H  HA   . LYS A 1 26 ? -10.751 2.311   2.942   1.00 18.92 ? 393  LYS A HA   1 
ATOM   439  H  HB2  . LYS A 1 26 ? -9.494  0.745   1.634   1.00 19.49 ? 393  LYS A HB2  1 
ATOM   440  H  HB3  . LYS A 1 26 ? -8.702  0.367   2.950   1.00 19.49 ? 393  LYS A HB3  1 
ATOM   441  H  HG2  . LYS A 1 26 ? -10.298 -0.887  3.697   1.00 46.68 ? 393  LYS A HG2  1 
ATOM   442  H  HG3  . LYS A 1 26 ? -11.440 -0.006  3.015   1.00 46.68 ? 393  LYS A HG3  1 
ATOM   443  H  HD2  . LYS A 1 26 ? -11.509 -1.349  1.315   1.00 59.21 ? 393  LYS A HD2  1 
ATOM   444  H  HD3  . LYS A 1 26 ? -9.950  -1.168  1.072   1.00 59.21 ? 393  LYS A HD3  1 
ATOM   445  H  HE2  . LYS A 1 26 ? -10.411 -3.418  1.355   1.00 66.97 ? 393  LYS A HE2  1 
ATOM   446  H  HE3  . LYS A 1 26 ? -9.526  -2.919  2.573   1.00 66.97 ? 393  LYS A HE3  1 
ATOM   447  H  HZ1  . LYS A 1 26 ? -12.221 -3.360  2.736   1.00 66.64 ? 393  LYS A HZ1  1 
ATOM   448  H  HZ2  . LYS A 1 26 ? -11.218 -4.235  3.310   1.00 66.64 ? 393  LYS A HZ2  1 
ATOM   449  H  HZ3  . LYS A 1 26 ? -11.412 -2.904  3.849   1.00 66.64 ? 393  LYS A HZ3  1 
ATOM   450  N  N    . TYR A 1 27 ? -8.426  1.879   5.109   1.00 12.27 ? 394  TYR A N    1 
ATOM   451  C  CA   . TYR A 1 27 ? -8.227  1.897   6.563   1.00 10.36 ? 394  TYR A CA   1 
ATOM   452  C  C    . TYR A 1 27 ? -8.596  3.234   7.204   1.00 11.84 ? 394  TYR A C    1 
ATOM   453  O  O    . TYR A 1 27 ? -9.168  3.262   8.322   1.00 14.86 ? 394  TYR A O    1 
ATOM   454  C  CB   . TYR A 1 27 ? -6.793  1.540   6.951   1.00 13.87 ? 394  TYR A CB   1 
ATOM   455  C  CG   . TYR A 1 27 ? -6.493  0.075   6.932   1.00 14.37 ? 394  TYR A CG   1 
ATOM   456  C  CD1  . TYR A 1 27 ? -6.736  -0.728  8.038   1.00 14.68 ? 394  TYR A CD1  1 
ATOM   457  C  CD2  . TYR A 1 27 ? -5.916  -0.512  5.827   1.00 16.56 ? 394  TYR A CD2  1 
ATOM   458  C  CE1  . TYR A 1 27 ? -6.429  -2.089  8.024   1.00 19.68 ? 394  TYR A CE1  1 
ATOM   459  C  CE2  . TYR A 1 27 ? -5.608  -1.877  5.818   1.00 17.41 ? 394  TYR A CE2  1 
ATOM   460  C  CZ   . TYR A 1 27 ? -5.867  -2.654  6.887   1.00 19.76 ? 394  TYR A CZ   1 
ATOM   461  O  OH   . TYR A 1 27 ? -5.569  -4.014  6.914   1.00 23.35 ? 394  TYR A OH   1 
ATOM   462  H  H    . TYR A 1 27 ? -7.717  1.802   4.630   1.00 14.72 ? 394  TYR A H    1 
ATOM   463  H  HA   . TYR A 1 27 ? -8.811  1.216   6.958   1.00 12.44 ? 394  TYR A HA   1 
ATOM   464  H  HB2  . TYR A 1 27 ? -6.187  1.973   6.329   1.00 16.64 ? 394  TYR A HB2  1 
ATOM   465  H  HB3  . TYR A 1 27 ? -6.625  1.863   7.850   1.00 16.64 ? 394  TYR A HB3  1 
ATOM   466  H  HD1  . TYR A 1 27 ? -7.117  -0.353  8.799   1.00 17.62 ? 394  TYR A HD1  1 
ATOM   467  H  HD2  . TYR A 1 27 ? -5.733  0.004   5.076   1.00 19.88 ? 394  TYR A HD2  1 
ATOM   468  H  HE1  . TYR A 1 27 ? -6.608  -2.616  8.769   1.00 23.61 ? 394  TYR A HE1  1 
ATOM   469  H  HE2  . TYR A 1 27 ? -5.228  -2.256  5.058   1.00 20.90 ? 394  TYR A HE2  1 
ATOM   470  H  HH   . TYR A 1 27 ? -6.255  -4.448  7.031   1.00 28.03 ? 394  TYR A HH   1 
ATOM   471  N  N    . ASN A 1 28 ? -8.299  4.358   6.551   1.00 14.98 ? 395  ASN A N    1 
ATOM   472  C  CA   . ASN A 1 28 ? -8.563  5.649   7.154   1.00 14.70 ? 395  ASN A CA   1 
ATOM   473  C  C    . ASN A 1 28 ? -10.075 5.887   7.209   1.00 12.60 ? 395  ASN A C    1 
ATOM   474  O  O    . ASN A 1 28 ? -10.568 6.420   8.196   1.00 14.57 ? 395  ASN A O    1 
ATOM   475  C  CB   . ASN A 1 28 ? -7.841  6.783   6.390   1.00 16.47 ? 395  ASN A CB   1 
ATOM   476  C  CG   . ASN A 1 28 ? -6.400  7.006   6.873   1.00 20.93 ? 395  ASN A CG   1 
ATOM   477  O  OD1  . ASN A 1 28 ? -6.053  6.662   8.002   1.00 21.40 ? 395  ASN A OD1  1 
ATOM   478  N  ND2  . ASN A 1 28 ? -5.568  7.617   6.023   1.00 18.53 ? 395  ASN A ND2  1 
ATOM   479  H  H    . ASN A 1 28 ? -7.948  4.394   5.766   1.00 17.98 ? 395  ASN A H    1 
ATOM   480  H  HA   . ASN A 1 28 ? -8.225  5.644   8.074   1.00 17.64 ? 395  ASN A HA   1 
ATOM   481  H  HB2  . ASN A 1 28 ? -7.810  6.557   5.447   1.00 19.76 ? 395  ASN A HB2  1 
ATOM   482  H  HB3  . ASN A 1 28 ? -8.331  7.611   6.516   1.00 19.76 ? 395  ASN A HB3  1 
ATOM   483  H  HD21 . ASN A 1 28 ? -5.849  7.864   5.249   1.00 22.23 ? 395  ASN A HD21 1 
ATOM   484  H  HD22 . ASN A 1 28 ? -4.752  7.763   6.251   1.00 22.23 ? 395  ASN A HD22 1 
ATOM   485  N  N    . LYS A 1 29 ? -10.790 5.496   6.162   1.00 13.56 ? 396  LYS A N    1 
ATOM   486  C  CA   . LYS A 1 29 ? -12.254 5.694   6.170   1.00 19.42 ? 396  LYS A CA   1 
ATOM   487  C  C    . LYS A 1 29 ? -12.903 4.878   7.288   1.00 15.96 ? 396  LYS A C    1 
ATOM   488  O  O    . LYS A 1 29 ? -13.825 5.361   8.001   1.00 13.93 ? 396  LYS A O    1 
ATOM   489  C  CB   . LYS A 1 29 ? -12.833 5.279   4.846   1.00 16.58 ? 396  LYS A CB   1 
ATOM   490  C  CG   . LYS A 1 29 ? -12.568 6.312   3.746   1.00 37.32 ? 396  LYS A CG   1 
ATOM   491  C  CD   . LYS A 1 29 ? -13.039 7.705   4.215   1.00 53.62 ? 396  LYS A CD   1 
ATOM   492  C  CE   . LYS A 1 29 ? -12.988 8.778   3.132   1.00 62.48 ? 396  LYS A CE   1 
ATOM   493  N  NZ   . LYS A 1 29 ? -13.239 10.134  3.729   1.00 64.59 ? 396  LYS A NZ   1 
ATOM   494  H  H    . LYS A 1 29 ? -10.474 5.126   5.453   1.00 16.28 ? 396  LYS A H    1 
ATOM   495  H  HA   . LYS A 1 29 ? -12.456 6.641   6.317   1.00 23.31 ? 396  LYS A HA   1 
ATOM   496  H  HB2  . LYS A 1 29 ? -12.431 4.439   4.573   1.00 19.90 ? 396  LYS A HB2  1 
ATOM   497  H  HB3  . LYS A 1 29 ? -13.793 5.175   4.937   1.00 19.90 ? 396  LYS A HB3  1 
ATOM   498  H  HG2  . LYS A 1 29 ? -11.618 6.354   3.560   1.00 44.78 ? 396  LYS A HG2  1 
ATOM   499  H  HG3  . LYS A 1 29 ? -13.062 6.072   2.947   1.00 44.78 ? 396  LYS A HG3  1 
ATOM   500  H  HD2  . LYS A 1 29 ? -13.957 7.636   4.519   1.00 64.34 ? 396  LYS A HD2  1 
ATOM   501  H  HD3  . LYS A 1 29 ? -12.473 7.995   4.946   1.00 64.34 ? 396  LYS A HD3  1 
ATOM   502  H  HE2  . LYS A 1 29 ? -12.110 8.782   2.719   1.00 74.98 ? 396  LYS A HE2  1 
ATOM   503  H  HE3  . LYS A 1 29 ? -13.673 8.603   2.468   1.00 74.98 ? 396  LYS A HE3  1 
ATOM   504  H  HZ1  . LYS A 1 29 ? -12.620 10.316  4.343   1.00 77.51 ? 396  LYS A HZ1  1 
ATOM   505  H  HZ2  . LYS A 1 29 ? -13.208 10.757  3.095   1.00 77.51 ? 396  LYS A HZ2  1 
ATOM   506  H  HZ3  . LYS A 1 29 ? -14.042 10.153  4.114   1.00 77.51 ? 396  LYS A HZ3  1 
ATOM   507  N  N    . PHE A 1 30 ? -12.434 3.644   7.459   1.00 9.91  ? 397  PHE A N    1 
ATOM   508  C  CA   . PHE A 1 30 ? -12.937 2.790   8.551   1.00 14.63 ? 397  PHE A CA   1 
ATOM   509  C  C    . PHE A 1 30 ? -12.618 3.369   9.915   1.00 14.53 ? 397  PHE A C    1 
ATOM   510  O  O    . PHE A 1 30 ? -13.505 3.423   10.828  1.00 13.81 ? 397  PHE A O    1 
ATOM   511  C  CB   . PHE A 1 30 ? -12.388 1.352   8.432   1.00 12.19 ? 397  PHE A CB   1 
ATOM   512  C  CG   . PHE A 1 30 ? -12.661 0.529   9.618   1.00 13.66 ? 397  PHE A CG   1 
ATOM   513  C  CD1  . PHE A 1 30 ? -13.916 0.051   9.869   1.00 17.63 ? 397  PHE A CD1  1 
ATOM   514  C  CD2  . PHE A 1 30 ? -11.663 0.270   10.509  1.00 15.99 ? 397  PHE A CD2  1 
ATOM   515  C  CE1  . PHE A 1 30 ? -14.173 -0.654  11.030  1.00 18.07 ? 397  PHE A CE1  1 
ATOM   516  C  CE2  . PHE A 1 30 ? -11.916 -0.457  11.656  1.00 29.31 ? 397  PHE A CE2  1 
ATOM   517  C  CZ   . PHE A 1 30 ? -13.174 -0.920  11.896  1.00 23.47 ? 397  PHE A CZ   1 
ATOM   518  H  H    . PHE A 1 30 ? -11.832 3.276   6.968   1.00 11.89 ? 397  PHE A H    1 
ATOM   519  H  HA   . PHE A 1 30 ? -13.913 2.737   8.476   1.00 17.56 ? 397  PHE A HA   1 
ATOM   520  H  HB2  . PHE A 1 30 ? -12.800 0.920   7.668   1.00 14.62 ? 397  PHE A HB2  1 
ATOM   521  H  HB3  . PHE A 1 30 ? -11.426 1.392   8.312   1.00 14.62 ? 397  PHE A HB3  1 
ATOM   522  H  HD1  . PHE A 1 30 ? -14.611 0.243   9.281   1.00 21.15 ? 397  PHE A HD1  1 
ATOM   523  H  HD2  . PHE A 1 30 ? -10.806 0.597   10.349  1.00 19.18 ? 397  PHE A HD2  1 
ATOM   524  H  HE1  . PHE A 1 30 ? -15.026 -0.989  11.192  1.00 21.68 ? 397  PHE A HE1  1 
ATOM   525  H  HE2  . PHE A 1 30 ? -11.229 -0.636  12.257  1.00 35.17 ? 397  PHE A HE2  1 
ATOM   526  H  HZ   . PHE A 1 30 ? -13.345 -1.420  12.662  1.00 28.17 ? 397  PHE A HZ   1 
ATOM   527  N  N    . ARG A 1 31 ? -11.389 3.832   10.117  1.00 10.72 ? 398  ARG A N    1 
ATOM   528  C  CA   . ARG A 1 31 ? -11.057 4.406   11.411  1.00 12.46 ? 398  ARG A CA   1 
ATOM   529  C  C    . ARG A 1 31 ? -11.893 5.644   11.691  1.00 14.35 ? 398  ARG A C    1 
ATOM   530  O  O    . ARG A 1 31 ? -12.330 5.870   12.834  1.00 17.68 ? 398  ARG A O    1 
ATOM   531  C  CB   . ARG A 1 31 ? -9.592  4.808   11.473  1.00 21.68 ? 398  ARG A CB   1 
ATOM   532  C  CG   . ARG A 1 31 ? -8.629  3.672   11.531  1.00 23.44 ? 398  ARG A CG   1 
ATOM   533  C  CD   . ARG A 1 31 ? -7.222  4.252   11.297  1.00 31.04 ? 398  ARG A CD   1 
ATOM   534  N  NE   . ARG A 1 31 ? -6.271  3.176   11.224  1.00 49.06 ? 398  ARG A NE   1 
ATOM   535  C  CZ   . ARG A 1 31 ? -5.427  2.975   10.229  1.00 28.60 ? 398  ARG A CZ   1 
ATOM   536  N  NH1  . ARG A 1 31 ? -5.366  3.822   9.178   1.00 29.48 ? 398  ARG A NH1  1 
ATOM   537  N  NH2  . ARG A 1 31 ? -4.628  1.923   10.312  1.00 34.25 ? 398  ARG A NH2  1 
ATOM   538  H  H    . ARG A 1 31 ? -10.750 3.826   9.541   1.00 12.86 ? 398  ARG A H    1 
ATOM   539  H  HA   . ARG A 1 31 ? -11.229 3.747   12.115  1.00 14.95 ? 398  ARG A HA   1 
ATOM   540  H  HB2  . ARG A 1 31 ? -9.381  5.331   10.684  1.00 26.01 ? 398  ARG A HB2  1 
ATOM   541  H  HB3  . ARG A 1 31 ? -9.454  5.349   12.268  1.00 26.01 ? 398  ARG A HB3  1 
ATOM   542  H  HG2  . ARG A 1 31 ? -8.658  3.255   12.406  1.00 28.12 ? 398  ARG A HG2  1 
ATOM   543  H  HG3  . ARG A 1 31 ? -8.829  3.031   10.832  1.00 28.12 ? 398  ARG A HG3  1 
ATOM   544  H  HD2  . ARG A 1 31 ? -7.206  4.739   10.458  1.00 37.25 ? 398  ARG A HD2  1 
ATOM   545  H  HD3  . ARG A 1 31 ? -6.981  4.833   12.036  1.00 37.25 ? 398  ARG A HD3  1 
ATOM   546  H  HE   . ARG A 1 31 ? -6.249  2.621   11.880  1.00 58.87 ? 398  ARG A HE   1 
ATOM   547  H  HH11 . ARG A 1 31 ? -5.895  4.500   9.140   1.00 35.38 ? 398  ARG A HH11 1 
ATOM   548  H  HH12 . ARG A 1 31 ? -4.805  3.679   8.542   1.00 35.38 ? 398  ARG A HH12 1 
ATOM   549  H  HH21 . ARG A 1 31 ? -4.676  1.399   10.992  1.00 41.10 ? 398  ARG A HH21 1 
ATOM   550  H  HH22 . ARG A 1 31 ? -4.057  1.767   9.689   1.00 41.10 ? 398  ARG A HH22 1 
ATOM   551  N  N    . GLN A 1 32 ? -12.108 6.453   10.658  1.00 13.86 ? 399  GLN A N    1 
ATOM   552  C  CA   . GLN A 1 32 ? -12.931 7.668   10.832  1.00 16.89 ? 399  GLN A CA   1 
ATOM   553  C  C    . GLN A 1 32 ? -14.338 7.267   11.224  1.00 18.66 ? 399  GLN A C    1 
ATOM   554  O  O    . GLN A 1 32 ? -14.897 7.869   12.157  1.00 19.03 ? 399  GLN A O    1 
ATOM   555  C  CB   . GLN A 1 32 ? -12.992 8.521   9.565   1.00 20.59 ? 399  GLN A CB   1 
ATOM   556  C  CG   . GLN A 1 32 ? -11.679 9.206   9.169   1.00 37.03 ? 399  GLN A CG   1 
ATOM   557  C  CD   . GLN A 1 32 ? -11.736 9.806   7.757   1.00 58.26 ? 399  GLN A CD   1 
ATOM   558  O  OE1  . GLN A 1 32 ? -12.619 10.607  7.445   1.00 67.10 ? 399  GLN A OE1  1 
ATOM   559  N  NE2  . GLN A 1 32 ? -10.801 9.400   6.895   1.00 47.19 ? 399  GLN A NE2  1 
ATOM   560  H  H    . GLN A 1 32 ? -11.803 6.334   9.863   1.00 16.64 ? 399  GLN A H    1 
ATOM   561  H  HA   . GLN A 1 32 ? -12.553 8.213   11.553  1.00 20.27 ? 399  GLN A HA   1 
ATOM   562  H  HB2  . GLN A 1 32 ? -13.258 7.953   8.825   1.00 24.70 ? 399  GLN A HB2  1 
ATOM   563  H  HB3  . GLN A 1 32 ? -13.656 9.216   9.695   1.00 24.70 ? 399  GLN A HB3  1 
ATOM   564  H  HG2  . GLN A 1 32 ? -11.495 9.924   9.795   1.00 44.43 ? 399  GLN A HG2  1 
ATOM   565  H  HG3  . GLN A 1 32 ? -10.963 8.554   9.191   1.00 44.43 ? 399  GLN A HG3  1 
ATOM   566  H  HE21 . GLN A 1 32 ? -10.207 8.829   7.143   1.00 56.63 ? 399  GLN A HE21 1 
ATOM   567  H  HE22 . GLN A 1 32 ? -10.792 9.709   6.093   1.00 56.63 ? 399  GLN A HE22 1 
ATOM   568  N  N    . LYS A 1 33 ? -14.910 6.277   10.538  1.00 13.37 ? 400  LYS A N    1 
ATOM   569  C  CA   . LYS A 1 33 ? -16.268 5.817   10.854  1.00 17.10 ? 400  LYS A CA   1 
ATOM   570  C  C    . LYS A 1 33 ? -16.354 5.216   12.259  1.00 17.03 ? 400  LYS A C    1 
ATOM   571  O  O    . LYS A 1 33 ? -17.359 5.441   12.991  1.00 15.83 ? 400  LYS A O    1 
ATOM   572  C  CB   . LYS A 1 33 ? -16.813 4.804   9.859   1.00 18.36 ? 400  LYS A CB   1 
ATOM   573  C  CG   . LYS A 1 33 ? -17.244 5.412   8.498   1.00 35.34 ? 400  LYS A CG   1 
ATOM   574  C  CD   . LYS A 1 33 ? -18.468 6.342   8.614   1.00 43.32 ? 400  LYS A CD   1 
ATOM   575  C  CE   . LYS A 1 33 ? -19.808 5.583   8.667   1.00 54.63 ? 400  LYS A CE   1 
ATOM   576  N  NZ   . LYS A 1 33 ? -21.010 6.504   8.741   1.00 55.52 ? 400  LYS A NZ   1 
ATOM   577  H  H    . LYS A 1 33 ? -14.536 5.855   9.888   1.00 16.04 ? 400  LYS A H    1 
ATOM   578  H  HA   . LYS A 1 33 ? -16.866 6.594   10.833  1.00 20.52 ? 400  LYS A HA   1 
ATOM   579  H  HB2  . LYS A 1 33 ? -16.127 4.142   9.682   1.00 22.03 ? 400  LYS A HB2  1 
ATOM   580  H  HB3  . LYS A 1 33 ? -17.590 4.374   10.248  1.00 22.03 ? 400  LYS A HB3  1 
ATOM   581  H  HG2  . LYS A 1 33 ? -16.507 5.930   8.136   1.00 42.41 ? 400  LYS A HG2  1 
ATOM   582  H  HG3  . LYS A 1 33 ? -17.472 4.692   7.889   1.00 42.41 ? 400  LYS A HG3  1 
ATOM   583  H  HD2  . LYS A 1 33 ? -18.388 6.866   9.427   1.00 51.99 ? 400  LYS A HD2  1 
ATOM   584  H  HD3  . LYS A 1 33 ? -18.489 6.931   7.842   1.00 51.99 ? 400  LYS A HD3  1 
ATOM   585  H  HE2  . LYS A 1 33 ? -19.896 5.043   7.867   1.00 65.55 ? 400  LYS A HE2  1 
ATOM   586  H  HE3  . LYS A 1 33 ? -19.818 5.016   9.453   1.00 65.55 ? 400  LYS A HE3  1 
ATOM   587  H  HZ1  . LYS A 1 33 ? -21.033 7.033   8.026   1.00 66.62 ? 400  LYS A HZ1  1 
ATOM   588  H  HZ2  . LYS A 1 33 ? -21.759 6.023   8.770   1.00 66.62 ? 400  LYS A HZ2  1 
ATOM   589  H  HZ3  . LYS A 1 33 ? -20.961 7.008   9.472   1.00 66.62 ? 400  LYS A HZ3  1 
ATOM   590  N  N    . LEU A 1 34 ? -15.332 4.456   12.647  1.00 14.54 ? 401  LEU A N    1 
ATOM   591  C  CA   . LEU A 1 34 ? -15.350 3.849   13.984  1.00 15.55 ? 401  LEU A CA   1 
ATOM   592  C  C    . LEU A 1 34 ? -15.276 4.893   15.077  1.00 15.17 ? 401  LEU A C    1 
ATOM   593  O  O    . LEU A 1 34 ? -15.971 4.812   16.127  1.00 15.57 ? 401  LEU A O    1 
ATOM   594  C  CB   . LEU A 1 34 ? -14.167 2.898   14.151  1.00 13.45 ? 401  LEU A CB   1 
ATOM   595  C  CG   . LEU A 1 34 ? -14.045 2.224   15.506  1.00 12.26 ? 401  LEU A CG   1 
ATOM   596  C  CD1  . LEU A 1 34 ? -15.195 1.354   15.775  1.00 15.59 ? 401  LEU A CD1  1 
ATOM   597  C  CD2  . LEU A 1 34 ? -12.782 1.393   15.468  1.00 16.99 ? 401  LEU A CD2  1 
ATOM   598  H  H    . LEU A 1 34 ? -14.635 4.280   12.175  1.00 17.45 ? 401  LEU A H    1 
ATOM   599  H  HA   . LEU A 1 34 ? -16.178 3.337   14.099  1.00 18.66 ? 401  LEU A HA   1 
ATOM   600  H  HB2  . LEU A 1 34 ? -14.240 2.197   13.484  1.00 16.14 ? 401  LEU A HB2  1 
ATOM   601  H  HB3  . LEU A 1 34 ? -13.349 3.400   14.002  1.00 16.14 ? 401  LEU A HB3  1 
ATOM   602  H  HG   . LEU A 1 34 ? -13.971 2.889   16.209  1.00 14.71 ? 401  LEU A HG   1 
ATOM   603  H  HD11 . LEU A 1 34 ? -15.239 0.677   15.097  1.00 18.71 ? 401  LEU A HD11 1 
ATOM   604  H  HD12 . LEU A 1 34 ? -15.082 0.947   16.638  1.00 18.71 ? 401  LEU A HD12 1 
ATOM   605  H  HD13 . LEU A 1 34 ? -15.996 1.882   15.765  1.00 18.71 ? 401  LEU A HD13 1 
ATOM   606  H  HD21 . LEU A 1 34 ? -12.033 1.971   15.302  1.00 20.39 ? 401  LEU A HD21 1 
ATOM   607  H  HD22 . LEU A 1 34 ? -12.674 0.951   16.313  1.00 20.39 ? 401  LEU A HD22 1 
ATOM   608  H  HD23 . LEU A 1 34 ? -12.856 0.744   14.765  1.00 20.39 ? 401  LEU A HD23 1 
ATOM   609  N  N    . GLU A 1 35 ? -14.430 5.891   14.878  1.00 12.69 ? 402  GLU A N    1 
ATOM   610  C  CA   . GLU A 1 35 ? -14.320 6.977   15.855  1.00 17.51 ? 402  GLU A CA   1 
ATOM   611  C  C    . GLU A 1 35 ? -15.636 7.717   15.980  1.00 22.60 ? 402  GLU A C    1 
ATOM   612  O  O    . GLU A 1 35 ? -16.080 8.046   17.095  1.00 18.74 ? 402  GLU A O    1 
ATOM   613  C  CB   . GLU A 1 35 ? -13.176 7.926   15.475  1.00 19.83 ? 402  GLU A CB   1 
ATOM   614  C  CG   . GLU A 1 35 ? -11.811 7.196   15.620  1.00 26.64 ? 402  GLU A CG   1 
ATOM   615  C  CD   . GLU A 1 35 ? -10.672 7.817   14.831  1.00 59.21 ? 402  GLU A CD   1 
ATOM   616  O  OE1  . GLU A 1 35 ? -10.842 8.940   14.293  1.00 51.23 ? 402  GLU A OE1  1 
ATOM   617  O  OE2  . GLU A 1 35 ? -9.603  7.162   14.748  1.00 40.54 ? 402  GLU A OE2  1 
ATOM   618  H  H    . GLU A 1 35 ? -13.912 5.969   14.196  1.00 15.23 ? 402  GLU A H    1 
ATOM   619  H  HA   . GLU A 1 35 ? -14.109 6.592   16.732  1.00 21.02 ? 402  GLU A HA   1 
ATOM   620  H  HB2  . GLU A 1 35 ? -13.281 8.208   14.552  1.00 23.79 ? 402  GLU A HB2  1 
ATOM   621  H  HB3  . GLU A 1 35 ? -13.181 8.694   16.068  1.00 23.79 ? 402  GLU A HB3  1 
ATOM   622  H  HG2  . GLU A 1 35 ? -11.556 7.198   16.556  1.00 31.97 ? 402  GLU A HG2  1 
ATOM   623  H  HG3  . GLU A 1 35 ? -11.915 6.281   15.314  1.00 31.97 ? 402  GLU A HG3  1 
ATOM   624  N  N    . GLU A 1 36 ? -16.267 7.959   14.839  1.00 17.56 ? 403  GLU A N    1 
ATOM   625  C  CA   . GLU A 1 36 ? -17.564 8.661   14.791  1.00 16.43 ? 403  GLU A CA   1 
ATOM   626  C  C    . GLU A 1 36 ? -18.629 7.850   15.510  1.00 19.80 ? 403  GLU A C    1 
ATOM   627  O  O    . GLU A 1 36 ? -19.430 8.401   16.286  1.00 20.66 ? 403  GLU A O    1 
ATOM   628  C  CB   . GLU A 1 36 ? -17.922 8.875   13.317  1.00 22.74 ? 403  GLU A CB   1 
ATOM   629  C  CG   . GLU A 1 36 ? -19.333 9.215   12.949  1.00 30.74 ? 403  GLU A CG   1 
ATOM   630  C  CD   . GLU A 1 36 ? -19.459 9.247   11.438  1.00 55.40 ? 403  GLU A CD   1 
ATOM   631  O  OE1  . GLU A 1 36 ? -18.435 9.621   10.810  1.00 40.29 ? 403  GLU A OE1  1 
ATOM   632  O  OE2  . GLU A 1 36 ? -20.526 8.870   10.891  1.00 48.72 ? 403  GLU A OE2  1 
ATOM   633  H  H    . GLU A 1 36 ? -15.968 7.729   14.066  1.00 21.07 ? 403  GLU A H    1 
ATOM   634  H  HA   . GLU A 1 36 ? -17.485 9.535   15.227  1.00 19.72 ? 403  GLU A HA   1 
ATOM   635  H  HB2  . GLU A 1 36 ? -17.366 9.596   12.982  1.00 27.28 ? 403  GLU A HB2  1 
ATOM   636  H  HB3  . GLU A 1 36 ? -17.699 8.060   12.839  1.00 27.28 ? 403  GLU A HB3  1 
ATOM   637  H  HG2  . GLU A 1 36 ? -19.934 8.539   13.297  1.00 36.89 ? 403  GLU A HG2  1 
ATOM   638  H  HG3  . GLU A 1 36 ? -19.561 10.091  13.300  1.00 36.89 ? 403  GLU A HG3  1 
ATOM   639  N  N    . ALA A 1 37 ? -18.662 6.551   15.269  1.00 13.08 ? 404  ALA A N    1 
ATOM   640  C  CA   . ALA A 1 37 ? -19.681 5.703   15.885  1.00 15.04 ? 404  ALA A CA   1 
ATOM   641  C  C    . ALA A 1 37 ? -19.428 5.628   17.387  1.00 12.37 ? 404  ALA A C    1 
ATOM   642  O  O    . ALA A 1 37 ? -20.385 5.686   18.216  1.00 13.07 ? 404  ALA A O    1 
ATOM   643  C  CB   . ALA A 1 37 ? -19.660 4.317   15.262  1.00 19.05 ? 404  ALA A CB   1 
ATOM   644  H  H    . ALA A 1 37 ? -18.113 6.133   14.757  1.00 15.70 ? 404  ALA A H    1 
ATOM   645  H  HA   . ALA A 1 37 ? -20.566 6.096   15.739  1.00 18.05 ? 404  ALA A HA   1 
ATOM   646  H  HB1  . ALA A 1 37 ? -18.795 3.926   15.401  1.00 22.86 ? 404  ALA A HB1  1 
ATOM   647  H  HB2  . ALA A 1 37 ? -20.335 3.778   15.680  1.00 22.86 ? 404  ALA A HB2  1 
ATOM   648  H  HB3  . ALA A 1 37 ? -19.838 4.395   14.322  1.00 22.86 ? 404  ALA A HB3  1 
ATOM   649  N  N    . LEU A 1 38 ? -18.167 5.554   17.799  1.00 11.39 ? 405  LEU A N    1 
ATOM   650  C  CA   . LEU A 1 38 ? -17.894 5.491   19.254  1.00 13.48 ? 405  LEU A CA   1 
ATOM   651  C  C    . LEU A 1 38 ? -18.308 6.744   20.013  1.00 26.00 ? 405  LEU A C    1 
ATOM   652  O  O    . LEU A 1 38 ? -18.678 6.678   21.193  1.00 21.06 ? 405  LEU A O    1 
ATOM   653  C  CB   . LEU A 1 38 ? -16.447 5.198   19.521  1.00 16.10 ? 405  LEU A CB   1 
ATOM   654  C  CG   . LEU A 1 38 ? -16.166 3.724   19.312  1.00 14.72 ? 405  LEU A CG   1 
ATOM   655  C  CD1  . LEU A 1 38 ? -14.643 3.562   19.152  1.00 20.25 ? 405  LEU A CD1  1 
ATOM   656  C  CD2  . LEU A 1 38 ? -16.722 2.797   20.361  1.00 16.64 ? 405  LEU A CD2  1 
ATOM   657  H  H    . LEU A 1 38 ? -17.473 5.537   17.292  1.00 13.66 ? 405  LEU A H    1 
ATOM   658  H  HA   . LEU A 1 38 ? -18.412 4.746   19.625  1.00 16.18 ? 405  LEU A HA   1 
ATOM   659  H  HB2  . LEU A 1 38 ? -15.894 5.707   18.908  1.00 19.31 ? 405  LEU A HB2  1 
ATOM   660  H  HB3  . LEU A 1 38 ? -16.234 5.426   20.440  1.00 19.31 ? 405  LEU A HB3  1 
ATOM   661  H  HG   . LEU A 1 38 ? -16.567 3.462   18.468  1.00 17.66 ? 405  LEU A HG   1 
ATOM   662  H  HD11 . LEU A 1 38 ? -14.210 3.881   19.947  1.00 24.30 ? 405  LEU A HD11 1 
ATOM   663  H  HD12 . LEU A 1 38 ? -14.440 2.633   19.018  1.00 24.30 ? 405  LEU A HD12 1 
ATOM   664  H  HD13 . LEU A 1 38 ? -14.354 4.074   18.393  1.00 24.30 ? 405  LEU A HD13 1 
ATOM   665  H  HD21 . LEU A 1 38 ? -17.678 2.893   20.386  1.00 19.97 ? 405  LEU A HD21 1 
ATOM   666  H  HD22 . LEU A 1 38 ? -16.489 1.894   20.134  1.00 19.97 ? 405  LEU A HD22 1 
ATOM   667  H  HD23 . LEU A 1 38 ? -16.347 3.029   21.213  1.00 19.97 ? 405  LEU A HD23 1 
ATOM   668  N  N    . ARG A 1 39 ? -18.241 7.882   19.345  1.00 21.46 ? 406  ARG A N    1 
ATOM   669  C  CA   . ARG A 1 39 ? -18.587 9.145   19.984  1.00 23.80 ? 406  ARG A CA   1 
ATOM   670  C  C    . ARG A 1 39 ? -20.084 9.260   20.208  1.00 29.70 ? 406  ARG A C    1 
ATOM   671  O  O    . ARG A 1 39 ? -20.550 10.147  20.918  1.00 29.24 ? 406  ARG A O    1 
ATOM   672  C  CB   . ARG A 1 39 ? -18.090 10.315  19.134  1.00 31.79 ? 406  ARG A CB   1 
ATOM   673  C  CG   . ARG A 1 39 ? -16.612 10.580  19.363  1.00 36.62 ? 406  ARG A CG   1 
ATOM   674  C  CD   . ARG A 1 39 ? -16.149 11.873  18.725  1.00 49.40 ? 406  ARG A CD   1 
ATOM   675  N  NE   . ARG A 1 39 ? -15.665 11.656  17.369  1.00 60.77 ? 406  ARG A NE   1 
ATOM   676  C  CZ   . ARG A 1 39 ? -16.276 12.082  16.268  1.00 67.24 ? 406  ARG A CZ   1 
ATOM   677  N  NH1  . ARG A 1 39 ? -17.408 12.779  16.339  1.00 65.53 ? 406  ARG A NH1  1 
ATOM   678  N  NH2  . ARG A 1 39 ? -15.738 11.815  15.085  1.00 57.50 ? 406  ARG A NH2  1 
ATOM   679  H  H    . ARG A 1 39 ? -17.999 7.954   18.523  1.00 25.75 ? 406  ARG A H    1 
ATOM   680  H  HA   . ARG A 1 39 ? -18.145 9.194   20.857  1.00 28.56 ? 406  ARG A HA   1 
ATOM   681  H  HB2  . ARG A 1 39 ? -18.220 10.107  18.195  1.00 38.15 ? 406  ARG A HB2  1 
ATOM   682  H  HB3  . ARG A 1 39 ? -18.582 11.116  19.371  1.00 38.15 ? 406  ARG A HB3  1 
ATOM   683  H  HG2  . ARG A 1 39 ? -16.444 10.638  20.317  1.00 43.95 ? 406  ARG A HG2  1 
ATOM   684  H  HG3  . ARG A 1 39 ? -16.096 9.854   18.979  1.00 43.95 ? 406  ARG A HG3  1 
ATOM   685  H  HD2  . ARG A 1 39 ? -16.893 12.495  18.686  1.00 59.28 ? 406  ARG A HD2  1 
ATOM   686  H  HD3  . ARG A 1 39 ? -15.425 12.248  19.250  1.00 59.28 ? 406  ARG A HD3  1 
ATOM   687  H  HE   . ARG A 1 39 ? -14.931 11.218  17.274  1.00 72.92 ? 406  ARG A HE   1 
ATOM   688  H  HH11 . ARG A 1 39 ? -17.758 12.952  17.106  1.00 78.63 ? 406  ARG A HH11 1 
ATOM   689  H  HH12 . ARG A 1 39 ? -17.792 13.052  15.620  1.00 78.63 ? 406  ARG A HH12 1 
ATOM   690  H  HH21 . ARG A 1 39 ? -15.005 11.368  15.037  1.00 69.01 ? 406  ARG A HH21 1 
ATOM   691  H  HH22 . ARG A 1 39 ? -16.121 12.091  14.366  1.00 69.01 ? 406  ARG A HH22 1 
ATOM   692  N  N    . GLU A 1 40 ? -20.841 8.356   19.611  1.00 21.57 ? 407  GLU A N    1 
ATOM   693  C  CA   . GLU A 1 40 ? -22.291 8.371   19.747  1.00 17.06 ? 407  GLU A CA   1 
ATOM   694  C  C    . GLU A 1 40 ? -22.694 8.018   21.153  1.00 24.97 ? 407  GLU A C    1 
ATOM   695  O  O    . GLU A 1 40 ? -23.709 8.523   21.633  1.00 27.74 ? 407  GLU A O    1 
ATOM   696  C  CB   . GLU A 1 40 ? -22.973 7.399   18.791  1.00 19.02 ? 407  GLU A CB   1 
ATOM   697  C  CG   . GLU A 1 40 ? -22.821 7.781   17.339  1.00 18.81 ? 407  GLU A CG   1 
ATOM   698  C  CD   . GLU A 1 40 ? -23.468 6.813   16.391  1.00 17.73 ? 407  GLU A CD   1 
ATOM   699  O  OE1  . GLU A 1 40 ? -24.089 5.839   16.860  1.00 19.56 ? 407  GLU A OE1  1 
ATOM   700  O  OE2  . GLU A 1 40 ? -23.345 7.026   15.147  1.00 18.96 ? 407  GLU A OE2  1 
ATOM   701  H  H    . GLU A 1 40 ? -20.540 7.718   19.118  1.00 25.89 ? 407  GLU A H    1 
ATOM   702  H  HA   . GLU A 1 40 ? -22.621 9.273   19.552  1.00 20.47 ? 407  GLU A HA   1 
ATOM   703  H  HB2  . GLU A 1 40 ? -22.584 6.518   18.910  1.00 22.82 ? 407  GLU A HB2  1 
ATOM   704  H  HB3  . GLU A 1 40 ? -23.921 7.371   18.995  1.00 22.82 ? 407  GLU A HB3  1 
ATOM   705  H  HG2  . GLU A 1 40 ? -23.230 8.650   17.200  1.00 22.57 ? 407  GLU A HG2  1 
ATOM   706  H  HG3  . GLU A 1 40 ? -21.877 7.823   17.122  1.00 22.57 ? 407  GLU A HG3  1 
ATOM   707  N  N    . SER A 1 41 ? -21.916 7.129   21.765  1.00 24.17 ? 408  SER A N    1 
ATOM   708  C  CA   . SER A 1 41 ? -22.222 6.576   23.097  1.00 38.25 ? 408  SER A CA   1 
ATOM   709  C  C    . SER A 1 41 ? -21.363 7.154   24.227  1.00 50.10 ? 408  SER A C    1 
ATOM   710  O  O    . SER A 1 41 ? -20.419 7.911   23.995  1.00 43.86 ? 408  SER A O    1 
ATOM   711  C  CB   . SER A 1 41 ? -22.069 5.048   23.072  1.00 46.42 ? 408  SER A CB   1 
ATOM   712  O  OG   . SER A 1 41 ? -20.792 4.648   22.587  1.00 60.11 ? 408  SER A OG   1 
ATOM   713  H  H    . SER A 1 41 ? -21.188 6.822   21.428  1.00 29.01 ? 408  SER A H    1 
ATOM   714  H  HA   . SER A 1 41 ? -23.158 6.776   23.309  1.00 45.90 ? 408  SER A HA   1 
ATOM   715  H  HB2  . SER A 1 41 ? -22.181 4.708   23.973  1.00 55.71 ? 408  SER A HB2  1 
ATOM   716  H  HB3  . SER A 1 41 ? -22.754 4.675   22.493  1.00 55.71 ? 408  SER A HB3  1 
ATOM   717  H  HG   . SER A 1 41 ? -20.344 5.308   22.400  1.00 72.13 ? 408  SER A HG   1 
ATOM   718  N  N    . GLY B 1 1  ? -8.688  7.548   28.682  1.00 64.74 ? 368  GLY B N    1 
ATOM   719  C  CA   . GLY B 1 1  ? -9.357  6.822   27.616  1.00 57.17 ? 368  GLY B CA   1 
ATOM   720  C  C    . GLY B 1 1  ? -8.922  7.289   26.236  1.00 64.35 ? 368  GLY B C    1 
ATOM   721  O  O    . GLY B 1 1  ? -8.371  8.383   26.100  1.00 67.68 ? 368  GLY B O    1 
ATOM   722  H  HA2  . GLY B 1 1  ? -9.161  5.876   27.698  1.00 68.61 ? 368  GLY B HA2  1 
ATOM   723  H  HA3  . GLY B 1 1  ? -10.316 6.946   27.694  1.00 68.61 ? 368  GLY B HA3  1 
ATOM   724  N  N    . SER B 1 2  ? -9.144  6.469   25.206  1.00 64.47 ? 369  SER B N    1 
ATOM   725  C  CA   . SER B 1 2  ? -9.688  5.119   25.342  1.00 49.95 ? 369  SER B CA   1 
ATOM   726  C  C    . SER B 1 2  ? -8.602  4.117   25.003  1.00 51.46 ? 369  SER B C    1 
ATOM   727  O  O    . SER B 1 2  ? -8.254  3.953   23.825  1.00 40.21 ? 369  SER B O    1 
ATOM   728  C  CB   . SER B 1 2  ? -10.877 4.925   24.394  1.00 46.10 ? 369  SER B CB   1 
ATOM   729  O  OG   . SER B 1 2  ? -11.255 3.553   24.283  1.00 39.15 ? 369  SER B OG   1 
ATOM   730  H  H    . SER B 1 2  ? -8.981  6.684   24.389  1.00 77.37 ? 369  SER B H    1 
ATOM   731  H  HA   . SER B 1 2  ? -9.986  4.968   26.264  1.00 59.94 ? 369  SER B HA   1 
ATOM   732  H  HB2  . SER B 1 2  ? -11.633 5.430   24.732  1.00 55.32 ? 369  SER B HB2  1 
ATOM   733  H  HB3  . SER B 1 2  ? -10.631 5.252   23.514  1.00 55.32 ? 369  SER B HB3  1 
ATOM   734  H  HG   . SER B 1 2  ? -11.891 3.478   23.771  1.00 46.97 ? 369  SER B HG   1 
ATOM   735  N  N    . PRO B 1 3  ? -8.044  3.459   26.030  1.00 45.35 ? 370  PRO B N    1 
ATOM   736  C  CA   . PRO B 1 3  ? -7.034  2.420   25.827  1.00 44.67 ? 370  PRO B CA   1 
ATOM   737  C  C    . PRO B 1 3  ? -7.589  1.258   25.015  1.00 47.06 ? 370  PRO B C    1 
ATOM   738  O  O    . PRO B 1 3  ? -6.855  0.723   24.194  1.00 30.04 ? 370  PRO B O    1 
ATOM   739  C  CB   . PRO B 1 3  ? -6.703  1.968   27.248  1.00 51.61 ? 370  PRO B CB   1 
ATOM   740  C  CG   . PRO B 1 3  ? -7.918  2.312   28.035  1.00 44.00 ? 370  PRO B CG   1 
ATOM   741  C  CD   . PRO B 1 3  ? -8.411  3.586   27.450  1.00 47.83 ? 370  PRO B CD   1 
ATOM   742  H  HA   . PRO B 1 3  ? -6.233  2.784   25.394  1.00 53.61 ? 370  PRO B HA   1 
ATOM   743  H  HB2  . PRO B 1 3  ? -6.542  1.011   27.262  1.00 61.93 ? 370  PRO B HB2  1 
ATOM   744  H  HB3  . PRO B 1 3  ? -5.930  2.454   27.577  1.00 61.93 ? 370  PRO B HB3  1 
ATOM   745  H  HG2  . PRO B 1 3  ? -8.581  1.611   27.936  1.00 52.80 ? 370  PRO B HG2  1 
ATOM   746  H  HG3  . PRO B 1 3  ? -7.681  2.432   28.968  1.00 52.80 ? 370  PRO B HG3  1 
ATOM   747  H  HD2  . PRO B 1 3  ? -9.373  3.655   27.548  1.00 57.39 ? 370  PRO B HD2  1 
ATOM   748  H  HD3  . PRO B 1 3  ? -7.955  4.343   27.852  1.00 57.39 ? 370  PRO B HD3  1 
ATOM   749  N  N    . GLU B 1 4  ? -8.852  0.897   25.247  1.00 40.91 ? 371  GLU B N    1 
ATOM   750  C  CA   . GLU B 1 4  ? -9.520  -0.172  24.511  1.00 38.08 ? 371  GLU B CA   1 
ATOM   751  C  C    . GLU B 1 4  ? -9.447  0.073   23.020  1.00 31.50 ? 371  GLU B C    1 
ATOM   752  O  O    . GLU B 1 4  ? -9.095  -0.820  22.243  1.00 22.58 ? 371  GLU B O    1 
ATOM   753  C  CB   . GLU B 1 4  ? -10.994 -0.245  24.910  1.00 33.91 ? 371  GLU B CB   1 
ATOM   754  C  CG   . GLU B 1 4  ? -11.246 -0.731  26.349  1.00 57.81 ? 371  GLU B CG   1 
ATOM   755  C  CD   . GLU B 1 4  ? -11.252 0.393   27.398  1.00 65.50 ? 371  GLU B CD   1 
ATOM   756  O  OE1  . GLU B 1 4  ? -11.365 1.584   27.019  1.00 54.73 ? 371  GLU B OE1  1 
ATOM   757  O  OE2  . GLU B 1 4  ? -11.164 0.072   28.609  1.00 65.33 ? 371  GLU B OE2  1 
ATOM   758  H  H    . GLU B 1 4  ? -9.353  1.267   25.841  1.00 49.09 ? 371  GLU B H    1 
ATOM   759  H  HA   . GLU B 1 4  ? -9.093  -1.032  24.713  1.00 45.69 ? 371  GLU B HA   1 
ATOM   760  H  HB2  . GLU B 1 4  ? -11.381 0.641   24.827  1.00 40.69 ? 371  GLU B HB2  1 
ATOM   761  H  HB3  . GLU B 1 4  ? -11.447 -0.857  24.310  1.00 40.69 ? 371  GLU B HB3  1 
ATOM   762  H  HG2  . GLU B 1 4  ? -12.109 -1.171  26.382  1.00 69.37 ? 371  GLU B HG2  1 
ATOM   763  H  HG3  . GLU B 1 4  ? -10.548 -1.359  26.593  1.00 69.37 ? 371  GLU B HG3  1 
ATOM   764  N  N    . LEU B 1 5  ? -9.830  1.280   22.629  1.00 23.36 ? 372  LEU B N    1 
ATOM   765  C  CA   . LEU B 1 5  ? -9.859  1.645   21.233  1.00 29.88 ? 372  LEU B CA   1 
ATOM   766  C  C    . LEU B 1 5  ? -8.454  1.582   20.677  1.00 23.57 ? 372  LEU B C    1 
ATOM   767  O  O    . LEU B 1 5  ? -8.233  0.990   19.611  1.00 19.29 ? 372  LEU B O    1 
ATOM   768  C  CB   . LEU B 1 5  ? -10.429 3.052   21.037  1.00 28.71 ? 372  LEU B CB   1 
ATOM   769  C  CG   . LEU B 1 5  ? -10.373 3.601   19.609  1.00 25.44 ? 372  LEU B CG   1 
ATOM   770  C  CD1  . LEU B 1 5  ? -11.154 2.772   18.583  1.00 22.64 ? 372  LEU B CD1  1 
ATOM   771  C  CD2  . LEU B 1 5  ? -10.871 5.036   19.550  1.00 33.58 ? 372  LEU B CD2  1 
ATOM   772  H  H    . LEU B 1 5  ? -10.079 1.907   23.162  1.00 28.03 ? 372  LEU B H    1 
ATOM   773  H  HA   . LEU B 1 5  ? -10.419 1.011   20.740  1.00 35.86 ? 372  LEU B HA   1 
ATOM   774  H  HB2  . LEU B 1 5  ? -11.361 3.045   21.308  1.00 34.45 ? 372  LEU B HB2  1 
ATOM   775  H  HB3  . LEU B 1 5  ? -9.933  3.664   21.603  1.00 34.45 ? 372  LEU B HB3  1 
ATOM   776  H  HG   . LEU B 1 5  ? -9.446  3.608   19.325  1.00 30.53 ? 372  LEU B HG   1 
ATOM   777  H  HD11 . LEU B 1 5  ? -12.078 2.745   18.842  1.00 27.16 ? 372  LEU B HD11 1 
ATOM   778  H  HD12 . LEU B 1 5  ? -11.067 3.183   17.720  1.00 27.16 ? 372  LEU B HD12 1 
ATOM   779  H  HD13 . LEU B 1 5  ? -10.794 1.883   18.560  1.00 27.16 ? 372  LEU B HD13 1 
ATOM   780  H  HD21 . LEU B 1 5  ? -10.317 5.582   20.113  1.00 40.29 ? 372  LEU B HD21 1 
ATOM   781  H  HD22 . LEU B 1 5  ? -10.822 5.346   18.642  1.00 40.29 ? 372  LEU B HD22 1 
ATOM   782  H  HD23 . LEU B 1 5  ? -11.780 5.065   19.857  1.00 40.29 ? 372  LEU B HD23 1 
ATOM   783  N  N    . GLN B 1 6  ? -7.504  2.199   21.375  1.00 24.71 ? 373  GLN B N    1 
ATOM   784  C  CA   . GLN B 1 6  ? -6.157  2.304   20.815  1.00 18.48 ? 373  GLN B CA   1 
ATOM   785  C  C    . GLN B 1 6  ? -5.510  0.945   20.710  1.00 18.31 ? 373  GLN B C    1 
ATOM   786  O  O    . GLN B 1 6  ? -4.749  0.702   19.782  1.00 17.62 ? 373  GLN B O    1 
ATOM   787  C  CB   . GLN B 1 6  ? -5.271  3.258   21.629  1.00 25.67 ? 373  GLN B CB   1 
ATOM   788  C  CG   . GLN B 1 6  ? -3.936  3.531   20.981  1.00 24.40 ? 373  GLN B CG   1 
ATOM   789  C  CD   . GLN B 1 6  ? -4.036  3.961   19.523  1.00 25.21 ? 373  GLN B CD   1 
ATOM   790  O  OE1  . GLN B 1 6  ? -4.725  4.933   19.166  1.00 21.49 ? 373  GLN B OE1  1 
ATOM   791  N  NE2  . GLN B 1 6  ? -3.314  3.267   18.681  1.00 19.35 ? 373  GLN B NE2  1 
ATOM   792  H  H    . GLN B 1 6  ? -7.607  2.555   22.150  1.00 29.66 ? 373  GLN B H    1 
ATOM   793  H  HA   . GLN B 1 6  ? -6.226  2.668   19.908  1.00 22.18 ? 373  GLN B HA   1 
ATOM   794  H  HB2  . GLN B 1 6  ? -5.732  4.105   21.729  1.00 30.80 ? 373  GLN B HB2  1 
ATOM   795  H  HB3  . GLN B 1 6  ? -5.105  2.866   22.500  1.00 30.80 ? 373  GLN B HB3  1 
ATOM   796  H  HG2  . GLN B 1 6  ? -3.491  4.240   21.470  1.00 29.27 ? 373  GLN B HG2  1 
ATOM   797  H  HG3  . GLN B 1 6  ? -3.401  2.723   21.015  1.00 29.27 ? 373  GLN B HG3  1 
ATOM   798  H  HE21 . GLN B 1 6  ? -2.826  2.618   18.966  1.00 23.22 ? 373  GLN B HE21 1 
ATOM   799  H  HE22 . GLN B 1 6  ? -3.326  3.459   17.844  1.00 23.22 ? 373  GLN B HE22 1 
ATOM   800  N  N    . ASN B 1 7  ? -5.788  0.045   21.659  1.00 16.77 ? 374  ASN B N    1 
ATOM   801  C  CA   . ASN B 1 7  ? -5.196  -1.270  21.614  1.00 17.35 ? 374  ASN B CA   1 
ATOM   802  C  C    . ASN B 1 7  ? -5.680  -1.941  20.320  1.00 13.81 ? 374  ASN B C    1 
ATOM   803  O  O    . ASN B 1 7  ? -4.897  -2.581  19.647  1.00 15.31 ? 374  ASN B O    1 
ATOM   804  C  CB   . ASN B 1 7  ? -5.627  -2.142  22.802  1.00 18.29 ? 374  ASN B CB   1 
ATOM   805  C  CG   . ASN B 1 7  ? -5.012  -1.710  24.113  1.00 45.32 ? 374  ASN B CG   1 
ATOM   806  O  OD1  . ASN B 1 7  ? -3.909  -1.153  24.167  1.00 40.90 ? 374  ASN B OD1  1 
ATOM   807  N  ND2  . ASN B 1 7  ? -5.723  -1.994  25.198  1.00 40.37 ? 374  ASN B ND2  1 
ATOM   808  H  H    . ASN B 1 7  ? -6.312  0.179   22.328  1.00 20.12 ? 374  ASN B H    1 
ATOM   809  H  HA   . ASN B 1 7  ? -4.219  -1.203  21.598  1.00 20.82 ? 374  ASN B HA   1 
ATOM   810  H  HB2  . ASN B 1 7  ? -6.592  -2.092  22.894  1.00 21.95 ? 374  ASN B HB2  1 
ATOM   811  H  HB3  . ASN B 1 7  ? -5.358  -3.058  22.634  1.00 21.95 ? 374  ASN B HB3  1 
ATOM   812  H  HD21 . ASN B 1 7  ? -6.478  -2.398  25.124  1.00 48.45 ? 374  ASN B HD21 1 
ATOM   813  H  HD22 . ASN B 1 7  ? -5.428  -1.774  25.976  1.00 48.45 ? 374  ASN B HD22 1 
ATOM   814  N  N    . PHE B 1 8  ? -6.967  -1.780  20.002  1.00 16.04 ? 375  PHE B N    1 
ATOM   815  C  CA   . PHE B 1 8  ? -7.514  -2.343  18.773  1.00 12.26 ? 375  PHE B CA   1 
ATOM   816  C  C    . PHE B 1 8  ? -6.833  -1.698  17.586  1.00 15.20 ? 375  PHE B C    1 
ATOM   817  O  O    . PHE B 1 8  ? -6.370  -2.357  16.651  1.00 11.66 ? 375  PHE B O    1 
ATOM   818  C  CB   . PHE B 1 8  ? -9.019  -2.128  18.717  1.00 13.22 ? 375  PHE B CB   1 
ATOM   819  C  CG   . PHE B 1 8  ? -9.655  -2.542  17.444  1.00 13.62 ? 375  PHE B CG   1 
ATOM   820  C  CD1  . PHE B 1 8  ? -10.034 -3.852  17.237  1.00 23.13 ? 375  PHE B CD1  1 
ATOM   821  C  CD2  . PHE B 1 8  ? -9.978  -1.594  16.495  1.00 15.83 ? 375  PHE B CD2  1 
ATOM   822  C  CE1  . PHE B 1 8  ? -10.659 -4.221  16.048  1.00 29.63 ? 375  PHE B CE1  1 
ATOM   823  C  CE2  . PHE B 1 8  ? -10.577 -1.957  15.296  1.00 21.52 ? 375  PHE B CE2  1 
ATOM   824  C  CZ   . PHE B 1 8  ? -10.938 -3.268  15.086  1.00 25.34 ? 375  PHE B CZ   1 
ATOM   825  H  H    . PHE B 1 8  ? -7.539  -1.349  20.479  1.00 19.25 ? 375  PHE B H    1 
ATOM   826  H  HA   . PHE B 1 8  ? -7.336  -3.307  18.748  1.00 14.71 ? 375  PHE B HA   1 
ATOM   827  H  HB2  . PHE B 1 8  ? -9.433  -2.639  19.431  1.00 15.86 ? 375  PHE B HB2  1 
ATOM   828  H  HB3  . PHE B 1 8  ? -9.203  -1.184  18.843  1.00 15.86 ? 375  PHE B HB3  1 
ATOM   829  H  HD1  . PHE B 1 8  ? -9.843  -4.496  17.878  1.00 27.76 ? 375  PHE B HD1  1 
ATOM   830  H  HD2  . PHE B 1 8  ? -9.729  -0.708  16.632  1.00 19.00 ? 375  PHE B HD2  1 
ATOM   831  H  HE1  . PHE B 1 8  ? -10.893 -5.109  15.904  1.00 35.56 ? 375  PHE B HE1  1 
ATOM   832  H  HE2  . PHE B 1 8  ? -10.773 -1.310  14.657  1.00 25.83 ? 375  PHE B HE2  1 
ATOM   833  H  HZ   . PHE B 1 8  ? -11.354 -3.516  14.292  1.00 30.41 ? 375  PHE B HZ   1 
ATOM   834  N  N    . LEU B 1 9  ? -6.759  -0.382  17.615  1.00 14.36 ? 376  LEU B N    1 
ATOM   835  C  CA   . LEU B 1 9  ? -6.227  0.319   16.423  1.00 12.86 ? 376  LEU B CA   1 
ATOM   836  C  C    . LEU B 1 9  ? -4.764  -0.024  16.144  1.00 10.18 ? 376  LEU B C    1 
ATOM   837  O  O    . LEU B 1 9  ? -4.313  -0.006  14.990  1.00 12.22 ? 376  LEU B O    1 
ATOM   838  C  CB   . LEU B 1 9  ? -6.383  1.830   16.639  1.00 12.18 ? 376  LEU B CB   1 
ATOM   839  C  CG   . LEU B 1 9  ? -7.826  2.339   16.592  1.00 17.86 ? 376  LEU B CG   1 
ATOM   840  C  CD1  . LEU B 1 9  ? -7.827  3.833   16.948  1.00 24.19 ? 376  LEU B CD1  1 
ATOM   841  C  CD2  . LEU B 1 9  ? -8.420  2.086   15.239  1.00 21.28 ? 376  LEU B CD2  1 
ATOM   842  H  H    . LEU B 1 9  ? -6.994  0.122   18.270  1.00 17.23 ? 376  LEU B H    1 
ATOM   843  H  HA   . LEU B 1 9  ? -6.755  0.067   15.637  1.00 15.43 ? 376  LEU B HA   1 
ATOM   844  H  HB2  . LEU B 1 9  ? -6.020  2.057   17.510  1.00 14.61 ? 376  LEU B HB2  1 
ATOM   845  H  HB3  . LEU B 1 9  ? -5.885  2.294   15.948  1.00 14.61 ? 376  LEU B HB3  1 
ATOM   846  H  HG   . LEU B 1 9  ? -8.356  1.866   17.253  1.00 21.43 ? 376  LEU B HG   1 
ATOM   847  H  HD11 . LEU B 1 9  ? -7.288  4.306   16.311  1.00 29.03 ? 376  LEU B HD11 1 
ATOM   848  H  HD12 . LEU B 1 9  ? -8.729  4.158   16.921  1.00 29.03 ? 376  LEU B HD12 1 
ATOM   849  H  HD13 . LEU B 1 9  ? -7.466  3.943   17.831  1.00 29.03 ? 376  LEU B HD13 1 
ATOM   850  H  HD21 . LEU B 1 9  ? -8.409  1.143   15.065  1.00 25.53 ? 376  LEU B HD21 1 
ATOM   851  H  HD22 . LEU B 1 9  ? -9.323  2.411   15.229  1.00 25.53 ? 376  LEU B HD22 1 
ATOM   852  H  HD23 . LEU B 1 9  ? -7.898  2.548   14.578  1.00 25.53 ? 376  LEU B HD23 1 
ATOM   853  N  N    . THR B 1 10 ? -3.995  -0.301  17.183  1.00 11.98 ? 377  THR B N    1 
ATOM   854  C  CA   . THR B 1 10 ? -2.587  -0.645  17.025  1.00 12.06 ? 377  THR B CA   1 
ATOM   855  C  C    . THR B 1 10 ? -2.424  -1.993  16.358  1.00 11.33 ? 377  THR B C    1 
ATOM   856  O  O    . THR B 1 10 ? -1.541  -2.158  15.512  1.00 13.27 ? 377  THR B O    1 
ATOM   857  C  CB   . THR B 1 10 ? -1.879  -0.612  18.378  1.00 14.36 ? 377  THR B CB   1 
ATOM   858  O  OG1  . THR B 1 10 ? -1.842  0.740   18.866  1.00 15.94 ? 377  THR B OG1  1 
ATOM   859  C  CG2  . THR B 1 10 ? -0.472  -1.167  18.295  1.00 18.00 ? 377  THR B CG2  1 
ATOM   860  H  H    . THR B 1 10 ? -4.263  -0.295  18.000  1.00 14.37 ? 377  THR B H    1 
ATOM   861  H  HA   . THR B 1 10 ? -2.162  0.025   16.450  1.00 14.47 ? 377  THR B HA   1 
ATOM   862  H  HB   . THR B 1 10 ? -2.378  -1.158  19.007  1.00 17.24 ? 377  THR B HB   1 
ATOM   863  H  HG1  . THR B 1 10 ? -1.463  0.765   19.592  1.00 19.12 ? 377  THR B HG1  1 
ATOM   864  H  HG21 . THR B 1 10 ? 0.048   -0.651  17.676  1.00 21.61 ? 377  THR B HG21 1 
ATOM   865  H  HG22 . THR B 1 10 ? -0.054  -1.133  19.159  1.00 21.61 ? 377  THR B HG22 1 
ATOM   866  H  HG23 . THR B 1 10 ? -0.496  -2.080  17.998  1.00 21.61 ? 377  THR B HG23 1 
ATOM   867  N  N    . ILE B 1 11 ? -3.342  -2.914  16.647  1.00 13.25 ? 378  ILE B N    1 
ATOM   868  C  CA   . ILE B 1 11 ? -3.375  -4.198  15.930  1.00 14.62 ? 378  ILE B CA   1 
ATOM   869  C  C    . ILE B 1 11 ? -3.727  -3.984  14.464  1.00 16.46 ? 378  ILE B C    1 
ATOM   870  O  O    . ILE B 1 11 ? -3.095  -4.582  13.601  1.00 15.06 ? 378  ILE B O    1 
ATOM   871  C  CB   . ILE B 1 11 ? -4.369  -5.183  16.581  1.00 17.15 ? 378  ILE B CB   1 
ATOM   872  C  CG1  . ILE B 1 11 ? -3.863  -5.590  17.956  1.00 23.40 ? 378  ILE B CG1  1 
ATOM   873  C  CG2  . ILE B 1 11 ? -4.577  -6.410  15.727  1.00 18.02 ? 378  ILE B CG2  1 
ATOM   874  C  CD1  . ILE B 1 11 ? -4.887  -6.285  18.755  1.00 25.46 ? 378  ILE B CD1  1 
ATOM   875  H  H    . ILE B 1 11 ? -3.953  -2.825  17.245  1.00 15.90 ? 378  ILE B H    1 
ATOM   876  H  HA   . ILE B 1 11 ? -2.483  -4.604  15.968  1.00 17.54 ? 378  ILE B HA   1 
ATOM   877  H  HB   . ILE B 1 11 ? -5.222  -4.733  16.688  1.00 20.57 ? 378  ILE B HB   1 
ATOM   878  H  HG12 . ILE B 1 11 ? -3.108  -6.188  17.850  1.00 28.08 ? 378  ILE B HG12 1 
ATOM   879  H  HG13 . ILE B 1 11 ? -3.593  -4.794  18.441  1.00 28.08 ? 378  ILE B HG13 1 
ATOM   880  H  HG21 . ILE B 1 11 ? -3.735  -6.857  15.610  1.00 21.63 ? 378  ILE B HG21 1 
ATOM   881  H  HG22 . ILE B 1 11 ? -5.200  -6.995  16.166  1.00 21.63 ? 378  ILE B HG22 1 
ATOM   882  H  HG23 . ILE B 1 11 ? -4.927  -6.141  14.874  1.00 21.63 ? 378  ILE B HG23 1 
ATOM   883  H  HD11 . ILE B 1 11 ? -5.159  -7.079  18.291  1.00 30.55 ? 378  ILE B HD11 1 
ATOM   884  H  HD12 . ILE B 1 11 ? -4.512  -6.516  19.608  1.00 30.55 ? 378  ILE B HD12 1 
ATOM   885  H  HD13 . ILE B 1 11 ? -5.639  -5.700  18.876  1.00 30.55 ? 378  ILE B HD13 1 
ATOM   886  N  N    . LEU B 1 12 ? -4.714  -3.122  14.200  1.00 12.66 ? 379  LEU B N    1 
ATOM   887  C  CA   . LEU B 1 12 ? -5.125  -2.740  12.852  1.00 12.70 ? 379  LEU B CA   1 
ATOM   888  C  C    . LEU B 1 12 ? -3.971  -2.104  12.094  1.00 11.81 ? 379  LEU B C    1 
ATOM   889  O  O    . LEU B 1 12 ? -3.763  -2.358  10.925  1.00 14.65 ? 379  LEU B O    1 
ATOM   890  C  CB   . LEU B 1 12 ? -6.251  -1.718  12.960  1.00 19.94 ? 379  LEU B CB   1 
ATOM   891  C  CG   . LEU B 1 12 ? -7.628  -1.771  12.286  1.00 39.10 ? 379  LEU B CG   1 
ATOM   892  C  CD1  . LEU B 1 12 ? -8.021  -0.338  11.934  1.00 37.55 ? 379  LEU B CD1  1 
ATOM   893  C  CD2  . LEU B 1 12 ? -7.709  -2.615  11.083  1.00 28.94 ? 379  LEU B CD2  1 
ATOM   894  H  H    . LEU B 1 12 ? -5.175  -2.732  14.813  1.00 15.19 ? 379  LEU B H    1 
ATOM   895  H  HA   . LEU B 1 12 ? -5.444  -3.524  12.358  1.00 15.24 ? 379  LEU B HA   1 
ATOM   896  H  HB2  . LEU B 1 12 ? -6.444  -1.641  13.907  1.00 23.93 ? 379  LEU B HB2  1 
ATOM   897  H  HB3  . LEU B 1 12 ? -5.867  -0.875  12.670  1.00 23.93 ? 379  LEU B HB3  1 
ATOM   898  H  HG   . LEU B 1 12 ? -8.276  -2.106  12.925  1.00 46.92 ? 379  LEU B HG   1 
ATOM   899  H  HD11 . LEU B 1 12 ? -7.365  0.028   11.336  1.00 45.06 ? 379  LEU B HD11 1 
ATOM   900  H  HD12 . LEU B 1 12 ? -8.883  -0.345  11.509  1.00 45.06 ? 379  LEU B HD12 1 
ATOM   901  H  HD13 . LEU B 1 12 ? -8.057  0.182   12.740  1.00 45.06 ? 379  LEU B HD13 1 
ATOM   902  H  HD21 . LEU B 1 12 ? -7.482  -3.517  11.319  1.00 34.73 ? 379  LEU B HD21 1 
ATOM   903  H  HD22 . LEU B 1 12 ? -8.604  -2.582  10.737  1.00 34.73 ? 379  LEU B HD22 1 
ATOM   904  H  HD23 . LEU B 1 12 ? -7.092  -2.282  10.427  1.00 34.73 ? 379  LEU B HD23 1 
ATOM   905  N  N    . GLU B 1 13 ? -3.203  -1.284  12.794  1.00 11.14 ? 380  GLU B N    1 
ATOM   906  C  CA   . GLU B 1 13 ? -2.132  -0.533  12.150  1.00 11.03 ? 380  GLU B CA   1 
ATOM   907  C  C    . GLU B 1 13 ? -1.057  -1.530  11.684  1.00 13.30 ? 380  GLU B C    1 
ATOM   908  O  O    . GLU B 1 13 ? -0.463  -1.377  10.614  1.00 15.16 ? 380  GLU B O    1 
ATOM   909  C  CB   . GLU B 1 13 ? -1.513  0.435   13.147  1.00 15.40 ? 380  GLU B CB   1 
ATOM   910  C  CG   . GLU B 1 13 ? -0.336  1.260   12.555  1.00 19.38 ? 380  GLU B CG   1 
ATOM   911  C  CD   . GLU B 1 13 ? -0.777  2.273   11.514  1.00 28.78 ? 380  GLU B CD   1 
ATOM   912  O  OE1  . GLU B 1 13 ? -1.999  2.516   11.394  1.00 30.11 ? 380  GLU B OE1  1 
ATOM   913  O  OE2  . GLU B 1 13 ? 0.109   2.823   10.805  1.00 31.12 ? 380  GLU B OE2  1 
ATOM   914  H  H    . GLU B 1 13 ? -3.279  -1.142  13.639  1.00 13.37 ? 380  GLU B H    1 
ATOM   915  H  HA   . GLU B 1 13 ? -2.476  -0.036  11.379  1.00 13.24 ? 380  GLU B HA   1 
ATOM   916  H  HB2  . GLU B 1 13 ? -2.195  1.058   13.444  1.00 18.48 ? 380  GLU B HB2  1 
ATOM   917  H  HB3  . GLU B 1 13 ? -1.174  -0.068  13.904  1.00 18.48 ? 380  GLU B HB3  1 
ATOM   918  H  HG2  . GLU B 1 13 ? 0.102   1.743   13.274  1.00 23.26 ? 380  GLU B HG2  1 
ATOM   919  H  HG3  . GLU B 1 13 ? 0.292   0.654   12.133  1.00 23.26 ? 380  GLU B HG3  1 
ATOM   920  N  N    . LYS B 1 14 ? -0.770  -2.518  12.527  1.00 15.16 ? 381  LYS B N    1 
ATOM   921  C  CA   . LYS B 1 14 ? 0.201   -3.551  12.154  1.00 14.87 ? 381  LYS B CA   1 
ATOM   922  C  C    . LYS B 1 14 ? -0.254  -4.362  10.970  1.00 15.23 ? 381  LYS B C    1 
ATOM   923  O  O    . LYS B 1 14 ? 0.555   -4.714  10.102  1.00 18.90 ? 381  LYS B O    1 
ATOM   924  C  CB   . LYS B 1 14 ? 0.507   -4.493  13.335  1.00 16.72 ? 381  LYS B CB   1 
ATOM   925  C  CG   . LYS B 1 14 ? 1.604   -5.527  12.961  1.00 30.17 ? 381  LYS B CG   1 
ATOM   926  C  CD   . LYS B 1 14 ? 2.027   -6.472  14.082  1.00 51.87 ? 381  LYS B CD   1 
ATOM   927  C  CE   . LYS B 1 14 ? 3.274   -7.285  13.682  1.00 49.41 ? 381  LYS B CE   1 
ATOM   928  N  NZ   . LYS B 1 14 ? 3.089   -8.030  12.403  1.00 48.28 ? 381  LYS B NZ   1 
ATOM   929  H  H    . LYS B 1 14 ? -1.116  -2.617  13.307  1.00 18.20 ? 381  LYS B H    1 
ATOM   930  H  HA   . LYS B 1 14 ? 1.040   -3.110  11.905  1.00 17.84 ? 381  LYS B HA   1 
ATOM   931  H  HB2  . LYS B 1 14 ? 0.825   -3.971  14.089  1.00 20.06 ? 381  LYS B HB2  1 
ATOM   932  H  HB3  . LYS B 1 14 ? -0.297  -4.977  13.577  1.00 20.06 ? 381  LYS B HB3  1 
ATOM   933  H  HG2  . LYS B 1 14 ? 1.274   -6.072  12.229  1.00 36.20 ? 381  LYS B HG2  1 
ATOM   934  H  HG3  . LYS B 1 14 ? 2.395   -5.045  12.672  1.00 36.20 ? 381  LYS B HG3  1 
ATOM   935  H  HD2  . LYS B 1 14 ? 2.242   -5.954  14.875  1.00 62.24 ? 381  LYS B HD2  1 
ATOM   936  H  HD3  . LYS B 1 14 ? 1.306   -7.092  14.270  1.00 62.24 ? 381  LYS B HD3  1 
ATOM   937  H  HE2  . LYS B 1 14 ? 4.024   -6.679  13.571  1.00 59.30 ? 381  LYS B HE2  1 
ATOM   938  H  HE3  . LYS B 1 14 ? 3.469   -7.930  14.381  1.00 59.30 ? 381  LYS B HE3  1 
ATOM   939  H  HZ1  . LYS B 1 14 ? 2.915   -7.461  11.742  1.00 57.94 ? 381  LYS B HZ1  1 
ATOM   940  H  HZ2  . LYS B 1 14 ? 3.827   -8.486  12.207  1.00 57.94 ? 381  LYS B HZ2  1 
ATOM   941  H  HZ3  . LYS B 1 14 ? 2.409   -8.600  12.479  1.00 57.94 ? 381  LYS B HZ3  1 
ATOM   942  N  N    . GLU B 1 15 ? -1.548  -4.661  10.893  1.00 14.00 ? 382  GLU B N    1 
ATOM   943  C  CA   . GLU B 1 15 ? -2.060  -5.393  9.745   1.00 19.06 ? 382  GLU B CA   1 
ATOM   944  C  C    . GLU B 1 15 ? -1.892  -4.548  8.488   1.00 24.58 ? 382  GLU B C    1 
ATOM   945  O  O    . GLU B 1 15 ? -1.413  -5.027  7.459   1.00 18.50 ? 382  GLU B O    1 
ATOM   946  C  CB   . GLU B 1 15 ? -3.536  -5.775  9.940   1.00 19.53 ? 382  GLU B CB   1 
ATOM   947  C  CG   . GLU B 1 15 ? -3.744  -6.732  11.103  1.00 29.50 ? 382  GLU B CG   1 
ATOM   948  C  CD   . GLU B 1 15 ? -5.172  -7.245  11.220  1.00 37.61 ? 382  GLU B CD   1 
ATOM   949  O  OE1  . GLU B 1 15 ? -6.061  -6.673  10.564  1.00 32.71 ? 382  GLU B OE1  1 
ATOM   950  O  OE2  . GLU B 1 15 ? -5.393  -8.224  11.971  1.00 35.56 ? 382  GLU B OE2  1 
ATOM   951  H  H    . GLU B 1 15 ? -2.139  -4.455  11.483  1.00 16.80 ? 382  GLU B H    1 
ATOM   952  H  HA   . GLU B 1 15 ? -1.543  -6.217  9.632   1.00 22.87 ? 382  GLU B HA   1 
ATOM   953  H  HB2  . GLU B 1 15 ? -4.050  -4.973  10.116  1.00 23.44 ? 382  GLU B HB2  1 
ATOM   954  H  HB3  . GLU B 1 15 ? -3.860  -6.207  9.134   1.00 23.44 ? 382  GLU B HB3  1 
ATOM   955  H  HG2  . GLU B 1 15 ? -3.161  -7.500  10.986  1.00 35.40 ? 382  GLU B HG2  1 
ATOM   956  H  HG3  . GLU B 1 15 ? -3.523  -6.274  11.929  1.00 35.40 ? 382  GLU B HG3  1 
ATOM   957  N  N    . GLU B 1 16 ? -2.285  -3.276  8.572   1.00 14.31 ? 383  GLU B N    1 
ATOM   958  C  CA   . GLU B 1 16 ? -2.138  -2.367  7.455   1.00 12.24 ? 383  GLU B CA   1 
ATOM   959  C  C    . GLU B 1 16 ? -0.691  -2.261  6.992   1.00 15.79 ? 383  GLU B C    1 
ATOM   960  O  O    . GLU B 1 16 ? -0.366  -2.331  5.767   1.00 16.86 ? 383  GLU B O    1 
ATOM   961  C  CB   . GLU B 1 16 ? -2.649  -0.954  7.798   1.00 13.59 ? 383  GLU B CB   1 
ATOM   962  C  CG   . GLU B 1 16 ? -2.517  0.007   6.603   1.00 14.19 ? 383  GLU B CG   1 
ATOM   963  C  CD   . GLU B 1 16 ? -3.059  1.381   6.909   1.00 19.12 ? 383  GLU B CD   1 
ATOM   964  O  OE1  . GLU B 1 16 ? -3.426  1.623   8.100   1.00 16.85 ? 383  GLU B OE1  1 
ATOM   965  O  OE2  . GLU B 1 16 ? -3.156  2.195   5.948   1.00 17.57 ? 383  GLU B OE2  1 
ATOM   966  H  H    . GLU B 1 16 ? -2.642  -2.922  9.269   1.00 17.17 ? 383  GLU B H    1 
ATOM   967  H  HA   . GLU B 1 16 ? -2.668  -2.703  6.703   1.00 14.69 ? 383  GLU B HA   1 
ATOM   968  H  HB2  . GLU B 1 16 ? -3.587  -1.004  8.042   1.00 16.30 ? 383  GLU B HB2  1 
ATOM   969  H  HB3  . GLU B 1 16 ? -2.130  -0.596  8.534   1.00 16.30 ? 383  GLU B HB3  1 
ATOM   970  H  HG2  . GLU B 1 16 ? -1.579  0.098   6.371   1.00 17.03 ? 383  GLU B HG2  1 
ATOM   971  H  HG3  . GLU B 1 16 ? -3.013  -0.351  5.850   1.00 17.03 ? 383  GLU B HG3  1 
ATOM   972  N  N    . GLN B 1 17 ? 0.197   -2.038  7.934   1.00 11.82 ? 384  GLN B N    1 
ATOM   973  C  CA   . GLN B 1 17 ? 1.595   -1.817  7.553   1.00 13.05 ? 384  GLN B CA   1 
ATOM   974  C  C    . GLN B 1 17 ? 2.214   -3.107  6.983   1.00 13.96 ? 384  GLN B C    1 
ATOM   975  O  O    . GLN B 1 17 ? 3.025   -3.070  6.012   1.00 17.49 ? 384  GLN B O    1 
ATOM   976  C  CB   . GLN B 1 17 ? 2.382   -1.221  8.701   1.00 20.56 ? 384  GLN B CB   1 
ATOM   977  C  CG   . GLN B 1 17 ? 2.016   0.280   8.953   1.00 23.84 ? 384  GLN B CG   1 
ATOM   978  C  CD   . GLN B 1 17 ? 2.601   1.247   7.920   1.00 37.37 ? 384  GLN B CD   1 
ATOM   979  O  OE1  . GLN B 1 17 ? 3.807   1.227   7.655   1.00 39.33 ? 384  GLN B OE1  1 
ATOM   980  N  NE2  . GLN B 1 17 ? 1.748   2.099   7.337   1.00 31.88 ? 384  GLN B NE2  1 
ATOM   981  H  H    . GLN B 1 17 ? 0.036   -2.007  8.779   1.00 14.18 ? 384  GLN B H    1 
ATOM   982  H  HA   . GLN B 1 17 ? 1.608   -1.156  6.830   1.00 15.66 ? 384  GLN B HA   1 
ATOM   983  H  HB2  . GLN B 1 17 ? 2.188   -1.717  9.512   1.00 24.67 ? 384  GLN B HB2  1 
ATOM   984  H  HB3  . GLN B 1 17 ? 3.329   -1.270  8.498   1.00 24.67 ? 384  GLN B HB3  1 
ATOM   985  H  HG2  . GLN B 1 17 ? 1.051   0.373   8.933   1.00 28.61 ? 384  GLN B HG2  1 
ATOM   986  H  HG3  . GLN B 1 17 ? 2.352   0.541   9.825   1.00 28.61 ? 384  GLN B HG3  1 
ATOM   987  H  HE21 . GLN B 1 17 ? 0.915   2.086   7.550   1.00 38.26 ? 384  GLN B HE21 1 
ATOM   988  H  HE22 . GLN B 1 17 ? 2.033   2.660   6.751   1.00 38.26 ? 384  GLN B HE22 1 
ATOM   989  N  N    . ASP B 1 18 ? 1.792   -4.254  7.500   1.00 19.72 ? 385  ASP B N    1 
ATOM   990  C  CA   . ASP B 1 18 ? 2.264   -5.530  6.926   1.00 20.73 ? 385  ASP B CA   1 
ATOM   991  C  C    . ASP B 1 18 ? 1.820   -5.677  5.472   1.00 21.95 ? 385  ASP B C    1 
ATOM   992  O  O    . ASP B 1 18 ? 2.582   -6.142  4.611   1.00 20.98 ? 385  ASP B O    1 
ATOM   993  C  CB   . ASP B 1 18 ? 1.740   -6.696  7.750   1.00 21.68 ? 385  ASP B CB   1 
ATOM   994  C  CG   . ASP B 1 18 ? 2.487   -6.858  9.055   1.00 38.16 ? 385  ASP B CG   1 
ATOM   995  O  OD1  . ASP B 1 18 ? 3.504   -6.158  9.223   1.00 36.00 ? 385  ASP B OD1  1 
ATOM   996  O  OD2  . ASP B 1 18 ? 2.089   -7.691  9.898   1.00 38.75 ? 385  ASP B OD2  1 
ATOM   997  H  H    . ASP B 1 18 ? 1.249   -4.332  8.161   1.00 23.67 ? 385  ASP B H    1 
ATOM   998  H  HA   . ASP B 1 18 ? 3.244   -5.553  6.951   1.00 24.88 ? 385  ASP B HA   1 
ATOM   999  H  HB2  . ASP B 1 18 ? 0.803   -6.545  7.955   1.00 26.01 ? 385  ASP B HB2  1 
ATOM   1000 H  HB3  . ASP B 1 18 ? 1.841   -7.516  7.241   1.00 26.01 ? 385  ASP B HB3  1 
ATOM   1001 N  N    . LYS B 1 19 ? 0.580   -5.303  5.183   1.00 18.98 ? 386  LYS B N    1 
ATOM   1002 C  CA   . LYS B 1 19 ? 0.077   -5.414  3.798   1.00 18.87 ? 386  LYS B CA   1 
ATOM   1003 C  C    . LYS B 1 19 ? 0.807   -4.470  2.876   1.00 21.79 ? 386  LYS B C    1 
ATOM   1004 O  O    . LYS B 1 19 ? 1.140   -4.798  1.743   1.00 22.03 ? 386  LYS B O    1 
ATOM   1005 C  CB   . LYS B 1 19 ? -1.423  -5.083  3.729   1.00 26.21 ? 386  LYS B CB   1 
ATOM   1006 C  CG   . LYS B 1 19 ? -2.303  -6.090  4.464   1.00 30.72 ? 386  LYS B CG   1 
ATOM   1007 C  CD   . LYS B 1 19 ? -3.785  -5.748  4.348   1.00 31.77 ? 386  LYS B CD   1 
ATOM   1008 C  CE   . LYS B 1 19 ? -4.627  -6.698  5.184   1.00 45.79 ? 386  LYS B CE   1 
ATOM   1009 N  NZ   . LYS B 1 19 ? -4.322  -8.123  4.866   1.00 52.93 ? 386  LYS B NZ   1 
ATOM   1010 H  H    . LYS B 1 19 ? 0.014   -4.987  5.748   1.00 22.77 ? 386  LYS B H    1 
ATOM   1011 H  HA   . LYS B 1 19 ? 0.209   -6.330  3.474   1.00 22.65 ? 386  LYS B HA   1 
ATOM   1012 H  HB2  . LYS B 1 19 ? -1.570  -4.211  4.130   1.00 31.45 ? 386  LYS B HB2  1 
ATOM   1013 H  HB3  . LYS B 1 19 ? -1.699  -5.068  2.800   1.00 31.45 ? 386  LYS B HB3  1 
ATOM   1014 H  HG2  . LYS B 1 19 ? -2.166  -6.971  4.081   1.00 36.87 ? 386  LYS B HG2  1 
ATOM   1015 H  HG3  . LYS B 1 19 ? -2.067  -6.094  5.404   1.00 36.87 ? 386  LYS B HG3  1 
ATOM   1016 H  HD2  . LYS B 1 19 ? -3.932  -4.844  4.669   1.00 38.12 ? 386  LYS B HD2  1 
ATOM   1017 H  HD3  . LYS B 1 19 ? -4.063  -5.827  3.422   1.00 38.12 ? 386  LYS B HD3  1 
ATOM   1018 H  HE2  . LYS B 1 19 ? -4.439  -6.548  6.124   1.00 54.95 ? 386  LYS B HE2  1 
ATOM   1019 H  HE3  . LYS B 1 19 ? -5.566  -6.539  5.001   1.00 54.95 ? 386  LYS B HE3  1 
ATOM   1020 H  HZ1  . LYS B 1 19 ? -3.464  -8.294  5.030   1.00 63.52 ? 386  LYS B HZ1  1 
ATOM   1021 H  HZ2  . LYS B 1 19 ? -4.825  -8.660  5.365   1.00 63.52 ? 386  LYS B HZ2  1 
ATOM   1022 H  HZ3  . LYS B 1 19 ? -4.490  -8.285  4.007   1.00 63.52 ? 386  LYS B HZ3  1 
ATOM   1023 N  N    . ILE B 1 20 ? 1.046   -3.260  3.349   1.00 14.32 ? 387  ILE B N    1 
ATOM   1024 C  CA   . ILE B 1 20 ? 1.721   -2.282  2.549   1.00 13.39 ? 387  ILE B CA   1 
ATOM   1025 C  C    . ILE B 1 20 ? 3.157   -2.765  2.277   1.00 16.80 ? 387  ILE B C    1 
ATOM   1026 O  O    . ILE B 1 20 ? 3.662   -2.652  1.156   1.00 20.08 ? 387  ILE B O    1 
ATOM   1027 C  CB   . ILE B 1 20 ? 1.707   -0.913  3.229   1.00 17.90 ? 387  ILE B CB   1 
ATOM   1028 C  CG1  . ILE B 1 20 ? 0.299   -0.317  3.113   1.00 20.79 ? 387  ILE B CG1  1 
ATOM   1029 C  CG2  . ILE B 1 20 ? 2.722   0.033   2.582   1.00 16.31 ? 387  ILE B CG2  1 
ATOM   1030 C  CD1  . ILE B 1 20 ? 0.079   0.988   3.913   1.00 25.32 ? 387  ILE B CD1  1 
ATOM   1031 H  H    . ILE B 1 20 ? 0.823   -2.987  4.134   1.00 17.18 ? 387  ILE B H    1 
ATOM   1032 H  HA   . ILE B 1 20 ? 1.259   -2.199  1.688   1.00 16.07 ? 387  ILE B HA   1 
ATOM   1033 H  HB   . ILE B 1 20 ? 1.928   -1.022  4.167   1.00 21.48 ? 387  ILE B HB   1 
ATOM   1034 H  HG12 . ILE B 1 20 ? 0.123   -0.122  2.179   1.00 24.95 ? 387  ILE B HG12 1 
ATOM   1035 H  HG13 . ILE B 1 20 ? -0.340  -0.971  3.436   1.00 24.95 ? 387  ILE B HG13 1 
ATOM   1036 H  HG21 . ILE B 1 20 ? 2.498   0.144   1.654   1.00 19.57 ? 387  ILE B HG21 1 
ATOM   1037 H  HG22 . ILE B 1 20 ? 2.688   0.881   3.031   1.00 19.57 ? 387  ILE B HG22 1 
ATOM   1038 H  HG23 . ILE B 1 20 ? 3.600   -0.347  2.664   1.00 19.57 ? 387  ILE B HG23 1 
ATOM   1039 H  HD11 . ILE B 1 20 ? 0.693   1.655   3.598   1.00 30.39 ? 387  ILE B HD11 1 
ATOM   1040 H  HD12 . ILE B 1 20 ? -0.824  1.286   3.782   1.00 30.39 ? 387  ILE B HD12 1 
ATOM   1041 H  HD13 . ILE B 1 20 ? 0.234   0.813   4.845   1.00 30.39 ? 387  ILE B HD13 1 
ATOM   1042 N  N    . HIS B 1 21 ? 3.820   -3.290  3.300   1.00 12.55 ? 388  HIS B N    1 
ATOM   1043 C  CA   . HIS B 1 21 ? 5.236   -3.720  3.109   1.00 15.88 ? 388  HIS B CA   1 
ATOM   1044 C  C    . HIS B 1 21 ? 5.312   -4.900  2.158   1.00 28.90 ? 388  HIS B C    1 
ATOM   1045 O  O    . HIS B 1 21 ? 6.251   -5.022  1.364   1.00 23.74 ? 388  HIS B O    1 
ATOM   1046 C  CB   . HIS B 1 21 ? 5.868   -4.129  4.436   1.00 23.94 ? 388  HIS B CB   1 
ATOM   1047 C  CG   . HIS B 1 21 ? 6.162   -2.976  5.325   1.00 31.63 ? 388  HIS B CG   1 
ATOM   1048 N  ND1  . HIS B 1 21 ? 6.236   -3.099  6.696   1.00 43.67 ? 388  HIS B ND1  1 
ATOM   1049 C  CD2  . HIS B 1 21 ? 6.368   -1.668  5.047   1.00 36.64 ? 388  HIS B CD2  1 
ATOM   1050 C  CE1  . HIS B 1 21 ? 6.480   -1.913  7.226   1.00 49.30 ? 388  HIS B CE1  1 
ATOM   1051 N  NE2  . HIS B 1 21 ? 6.562   -1.026  6.249   1.00 47.33 ? 388  HIS B NE2  1 
ATOM   1052 H  H    . HIS B 1 21 ? 3.504   -3.412  4.091   1.00 15.06 ? 388  HIS B H    1 
ATOM   1053 H  HA   . HIS B 1 21 ? 5.755   -2.981  2.730   1.00 19.06 ? 388  HIS B HA   1 
ATOM   1054 H  HB2  . HIS B 1 21 ? 5.260   -4.721  4.906   1.00 28.73 ? 388  HIS B HB2  1 
ATOM   1055 H  HB3  . HIS B 1 21 ? 6.704   -4.589  4.258   1.00 28.73 ? 388  HIS B HB3  1 
ATOM   1056 H  HD1  . HIS B 1 21 ? 6.135   -3.831  7.137   1.00 52.40 ? 388  HIS B HD1  1 
ATOM   1057 H  HD2  . HIS B 1 21 ? 6.371   -1.275  4.205   1.00 43.97 ? 388  HIS B HD2  1 
ATOM   1058 H  HE1  . HIS B 1 21 ? 6.582   -1.733  8.134   1.00 59.17 ? 388  HIS B HE1  1 
ATOM   1059 H  HE2  . HIS B 1 21 ? 6.724   -0.187  6.347   1.00 56.80 ? 388  HIS B HE2  1 
ATOM   1060 N  N    . GLN B 1 22 ? 4.334   -5.785  2.270   1.00 24.42 ? 389  GLN B N    1 
ATOM   1061 C  CA   . GLN B 1 22 ? 4.254   -6.950  1.390   1.00 26.21 ? 389  GLN B CA   1 
ATOM   1062 C  C    . GLN B 1 22 ? 4.121   -6.491  -0.063  1.00 26.59 ? 389  GLN B C    1 
ATOM   1063 O  O    . GLN B 1 22 ? 4.805   -7.033  -0.949  1.00 21.88 ? 389  GLN B O    1 
ATOM   1064 C  CB   . GLN B 1 22 ? 3.073   -7.816  1.815   1.00 26.42 ? 389  GLN B CB   1 
ATOM   1065 C  CG   . GLN B 1 22 ? 2.919   -9.169  1.151   1.00 48.69 ? 389  GLN B CG   1 
ATOM   1066 C  CD   . GLN B 1 22 ? 1.621   -9.844  1.591   1.00 64.96 ? 389  GLN B CD   1 
ATOM   1067 O  OE1  . GLN B 1 22 ? 0.672   -9.174  2.017   1.00 63.50 ? 389  GLN B OE1  1 
ATOM   1068 N  NE2  . GLN B 1 22 ? 1.578   -11.169 1.502   1.00 62.79 ? 389  GLN B NE2  1 
ATOM   1069 H  H    . GLN B 1 22 ? 3.699   -5.737  2.848   1.00 29.31 ? 389  GLN B H    1 
ATOM   1070 H  HA   . GLN B 1 22 ? 5.074   -7.480  1.474   1.00 31.45 ? 389  GLN B HA   1 
ATOM   1071 H  HB2  . GLN B 1 22 ? 3.147   -7.975  2.768   1.00 31.71 ? 389  GLN B HB2  1 
ATOM   1072 H  HB3  . GLN B 1 22 ? 2.259   -7.320  1.638   1.00 31.71 ? 389  GLN B HB3  1 
ATOM   1073 H  HG2  . GLN B 1 22 ? 2.893   -9.055  0.188   1.00 58.43 ? 389  GLN B HG2  1 
ATOM   1074 H  HG3  . GLN B 1 22 ? 3.661   -9.740  1.405   1.00 58.43 ? 389  GLN B HG3  1 
ATOM   1075 H  HE21 . GLN B 1 22 ? 2.260   -11.603 1.207   1.00 75.35 ? 389  GLN B HE21 1 
ATOM   1076 H  HE22 . GLN B 1 22 ? 0.869   -11.594 1.738   1.00 75.35 ? 389  GLN B HE22 1 
ATOM   1077 N  N    . LEU B 1 23 ? 3.281   -5.482  -0.313  1.00 21.12 ? 390  LEU B N    1 
ATOM   1078 C  CA   . LEU B 1 23 ? 3.132   -4.920  -1.660  1.00 17.57 ? 390  LEU B CA   1 
ATOM   1079 C  C    . LEU B 1 23 ? 4.436   -4.281  -2.159  1.00 22.05 ? 390  LEU B C    1 
ATOM   1080 O  O    . LEU B 1 23 ? 4.859   -4.445  -3.301  1.00 20.27 ? 390  LEU B O    1 
ATOM   1081 C  CB   . LEU B 1 23 ? 2.025   -3.838  -1.677  1.00 26.59 ? 390  LEU B CB   1 
ATOM   1082 C  CG   . LEU B 1 23 ? 0.578   -4.289  -1.850  1.00 26.78 ? 390  LEU B CG   1 
ATOM   1083 C  CD1  . LEU B 1 23 ? -0.372  -3.129  -1.510  1.00 21.38 ? 390  LEU B CD1  1 
ATOM   1084 C  CD2  . LEU B 1 23 ? 0.353   -4.757  -3.293  1.00 30.39 ? 390  LEU B CD2  1 
ATOM   1085 H  H    . LEU B 1 23 ? 2.786   -5.105  0.281   1.00 25.35 ? 390  LEU B H    1 
ATOM   1086 H  HA   . LEU B 1 23 ? 2.879   -5.633  -2.283  1.00 21.08 ? 390  LEU B HA   1 
ATOM   1087 H  HB2  . LEU B 1 23 ? 2.070   -3.353  -0.839  1.00 31.90 ? 390  LEU B HB2  1 
ATOM   1088 H  HB3  . LEU B 1 23 ? 2.217   -3.227  -2.406  1.00 31.90 ? 390  LEU B HB3  1 
ATOM   1089 H  HG   . LEU B 1 23 ? 0.393   -5.029  -1.251  1.00 32.14 ? 390  LEU B HG   1 
ATOM   1090 H  HD11 . LEU B 1 23 ? -0.191  -2.395  -2.102  1.00 25.66 ? 390  LEU B HD11 1 
ATOM   1091 H  HD12 . LEU B 1 23 ? -1.278  -3.425  -1.622  1.00 25.66 ? 390  LEU B HD12 1 
ATOM   1092 H  HD13 . LEU B 1 23 ? -0.225  -2.862  -0.600  1.00 25.66 ? 390  LEU B HD13 1 
ATOM   1093 H  HD21 . LEU B 1 23 ? 0.944   -5.489  -3.480  1.00 36.47 ? 390  LEU B HD21 1 
ATOM   1094 H  HD22 . LEU B 1 23 ? -0.560  -5.038  -3.392  1.00 36.47 ? 390  LEU B HD22 1 
ATOM   1095 H  HD23 . LEU B 1 23 ? 0.536   -4.027  -3.890  1.00 36.47 ? 390  LEU B HD23 1 
ATOM   1096 N  N    . GLN B 1 24 ? 5.072   -3.533  -1.282  1.00 16.98 ? 391  GLN B N    1 
ATOM   1097 C  CA   . GLN B 1 24 ? 6.287   -2.831  -1.639  1.00 15.61 ? 391  GLN B CA   1 
ATOM   1098 C  C    . GLN B 1 24 ? 7.380   -3.847  -1.986  1.00 15.07 ? 391  GLN B C    1 
ATOM   1099 O  O    . GLN B 1 24 ? 8.142   -3.643  -2.955  1.00 19.28 ? 391  GLN B O    1 
ATOM   1100 C  CB   . GLN B 1 24 ? 6.718   -1.932  -0.484  1.00 19.23 ? 391  GLN B CB   1 
ATOM   1101 C  CG   . GLN B 1 24 ? 5.884   -0.654  -0.438  1.00 15.48 ? 391  GLN B CG   1 
ATOM   1102 C  CD   . GLN B 1 24 ? 6.209   0.237   0.718   1.00 22.00 ? 391  GLN B CD   1 
ATOM   1103 O  OE1  . GLN B 1 24 ? 6.721   -0.222  1.745   1.00 17.71 ? 391  GLN B OE1  1 
ATOM   1104 N  NE2  . GLN B 1 24 ? 5.906   1.527   0.570   1.00 22.61 ? 391  GLN B NE2  1 
ATOM   1105 H  H    . GLN B 1 24 ? 4.821   -3.414  -0.469  1.00 20.37 ? 391  GLN B H    1 
ATOM   1106 H  HA   . GLN B 1 24 ? 6.122   -2.270  -2.426  1.00 18.73 ? 391  GLN B HA   1 
ATOM   1107 H  HB2  . GLN B 1 24 ? 6.598   -2.406  0.354   1.00 23.08 ? 391  GLN B HB2  1 
ATOM   1108 H  HB3  . GLN B 1 24 ? 7.649   -1.684  -0.600  1.00 23.08 ? 391  GLN B HB3  1 
ATOM   1109 H  HG2  . GLN B 1 24 ? 6.038   -0.152  -1.253  1.00 18.58 ? 391  GLN B HG2  1 
ATOM   1110 H  HG3  . GLN B 1 24 ? 4.947   -0.896  -0.372  1.00 18.58 ? 391  GLN B HG3  1 
ATOM   1111 H  HE21 . GLN B 1 24 ? 5.544   1.803   -0.159  1.00 27.13 ? 391  GLN B HE21 1 
ATOM   1112 H  HE22 . GLN B 1 24 ? 6.073   2.082   1.206   1.00 27.13 ? 391  GLN B HE22 1 
ATOM   1113 N  N    . LYS B 1 25 ? 7.439   -4.920  -1.207  1.00 16.90 ? 392  LYS B N    1 
ATOM   1114 C  CA   . LYS B 1 25 ? 8.424   -5.992  -1.433  1.00 22.68 ? 392  LYS B CA   1 
ATOM   1115 C  C    . LYS B 1 25 ? 8.213   -6.600  -2.819  1.00 22.47 ? 392  LYS B C    1 
ATOM   1116 O  O    . LYS B 1 25 ? 9.174   -6.761  -3.600  1.00 20.57 ? 392  LYS B O    1 
ATOM   1117 C  CB   . LYS B 1 25 ? 8.323   -7.087  -0.366  1.00 25.76 ? 392  LYS B CB   1 
ATOM   1118 C  CG   . LYS B 1 25 ? 9.289   -8.250  -0.608  1.00 30.60 ? 392  LYS B CG   1 
ATOM   1119 C  CD   . LYS B 1 25 ? 9.269   -9.288  0.509   1.00 40.53 ? 392  LYS B CD   1 
ATOM   1120 C  CE   . LYS B 1 25 ? 10.101  -10.523 0.139   1.00 58.83 ? 392  LYS B CE   1 
ATOM   1121 N  NZ   . LYS B 1 25 ? 10.049  -11.578 1.189   1.00 69.31 ? 392  LYS B NZ   1 
ATOM   1122 H  H    . LYS B 1 25 ? 6.920   -5.058  -0.535  1.00 20.28 ? 392  LYS B H    1 
ATOM   1123 H  HA   . LYS B 1 25 ? 9.327   -5.613  -1.397  1.00 27.22 ? 392  LYS B HA   1 
ATOM   1124 H  HB2  . LYS B 1 25 ? 8.528   -6.703  0.500   1.00 30.91 ? 392  LYS B HB2  1 
ATOM   1125 H  HB3  . LYS B 1 25 ? 7.421   -7.444  -0.366  1.00 30.91 ? 392  LYS B HB3  1 
ATOM   1126 H  HG2  . LYS B 1 25 ? 9.045   -8.696  -1.434  1.00 36.72 ? 392  LYS B HG2  1 
ATOM   1127 H  HG3  . LYS B 1 25 ? 10.192  -7.900  -0.675  1.00 36.72 ? 392  LYS B HG3  1 
ATOM   1128 H  HD2  . LYS B 1 25 ? 9.644   -8.899  1.315   1.00 48.63 ? 392  LYS B HD2  1 
ATOM   1129 H  HD3  . LYS B 1 25 ? 8.356   -9.572  0.667   1.00 48.63 ? 392  LYS B HD3  1 
ATOM   1130 H  HE2  . LYS B 1 25 ? 9.756   -10.901 -0.686  1.00 70.60 ? 392  LYS B HE2  1 
ATOM   1131 H  HE3  . LYS B 1 25 ? 11.027  -10.259 0.022   1.00 70.60 ? 392  LYS B HE3  1 
ATOM   1132 H  HZ1  . LYS B 1 25 ? 9.209   -11.844 1.312   1.00 83.17 ? 392  LYS B HZ1  1 
ATOM   1133 H  HZ2  . LYS B 1 25 ? 10.540  -12.278 0.941   1.00 83.17 ? 392  LYS B HZ2  1 
ATOM   1134 H  HZ3  . LYS B 1 25 ? 10.366  -11.258 1.957   1.00 83.17 ? 392  LYS B HZ3  1 
ATOM   1135 N  N    . LYS B 1 26 ? 6.965   -6.936  -3.131  1.00 23.99 ? 393  LYS B N    1 
ATOM   1136 C  CA   . LYS B 1 26 ? 6.637   -7.541  -4.438  1.00 18.31 ? 393  LYS B CA   1 
ATOM   1137 C  C    . LYS B 1 26 ? 6.977   -6.650  -5.603  1.00 26.36 ? 393  LYS B C    1 
ATOM   1138 O  O    . LYS B 1 26 ? 7.553   -7.094  -6.599  1.00 17.41 ? 393  LYS B O    1 
ATOM   1139 C  CB   . LYS B 1 26 ? 5.149   -7.896  -4.526  1.00 25.11 ? 393  LYS B CB   1 
ATOM   1140 C  CG   . LYS B 1 26 ? 4.732   -9.103  -3.717  1.00 38.29 ? 393  LYS B CG   1 
ATOM   1141 C  CD   . LYS B 1 26 ? 3.350   -9.567  -4.152  1.00 52.75 ? 393  LYS B CD   1 
ATOM   1142 C  CE   . LYS B 1 26 ? 2.679   -10.433 -3.100  1.00 50.83 ? 393  LYS B CE   1 
ATOM   1143 N  NZ   . LYS B 1 26 ? 1.215   -10.147 -3.043  1.00 67.40 ? 393  LYS B NZ   1 
ATOM   1144 H  H    . LYS B 1 26 ? 6.287   -6.828  -2.611  1.00 28.78 ? 393  LYS B H    1 
ATOM   1145 H  HA   . LYS B 1 26 ? 7.149   -8.371  -4.537  1.00 21.97 ? 393  LYS B HA   1 
ATOM   1146 H  HB2  . LYS B 1 26 ? 4.632   -7.139  -4.211  1.00 30.13 ? 393  LYS B HB2  1 
ATOM   1147 H  HB3  . LYS B 1 26 ? 4.930   -8.076  -5.454  1.00 30.13 ? 393  LYS B HB3  1 
ATOM   1148 H  HG2  . LYS B 1 26 ? 5.362   -9.826  -3.865  1.00 45.94 ? 393  LYS B HG2  1 
ATOM   1149 H  HG3  . LYS B 1 26 ? 4.698   -8.866  -2.777  1.00 45.94 ? 393  LYS B HG3  1 
ATOM   1150 H  HD2  . LYS B 1 26 ? 2.789   -8.791  -4.307  1.00 63.30 ? 393  LYS B HD2  1 
ATOM   1151 H  HD3  . LYS B 1 26 ? 3.432   -10.088 -4.966  1.00 63.30 ? 393  LYS B HD3  1 
ATOM   1152 H  HE2  . LYS B 1 26 ? 2.800   -11.369 -3.326  1.00 60.99 ? 393  LYS B HE2  1 
ATOM   1153 H  HE3  . LYS B 1 26 ? 3.063   -10.243 -2.230  1.00 60.99 ? 393  LYS B HE3  1 
ATOM   1154 H  HZ1  . LYS B 1 26 ? 0.843   -10.316 -3.833  1.00 80.88 ? 393  LYS B HZ1  1 
ATOM   1155 H  HZ2  . LYS B 1 26 ? 0.829   -10.658 -2.425  1.00 80.88 ? 393  LYS B HZ2  1 
ATOM   1156 H  HZ3  . LYS B 1 26 ? 1.082   -9.291  -2.837  1.00 80.88 ? 393  LYS B HZ3  1 
ATOM   1157 N  N    . TYR B 1 27 ? 6.581   -5.390  -5.523  1.00 16.54 ? 394  TYR B N    1 
ATOM   1158 C  CA   . TYR B 1 27 ? 6.811   -4.454  -6.601  1.00 18.23 ? 394  TYR B CA   1 
ATOM   1159 C  C    . TYR B 1 27 ? 8.274   -4.089  -6.722  1.00 14.80 ? 394  TYR B C    1 
ATOM   1160 O  O    . TYR B 1 27 ? 8.777   -3.856  -7.821  1.00 18.67 ? 394  TYR B O    1 
ATOM   1161 C  CB   . TYR B 1 27 ? 5.935   -3.215  -6.406  1.00 22.14 ? 394  TYR B CB   1 
ATOM   1162 C  CG   . TYR B 1 27 ? 4.586   -3.405  -7.045  1.00 15.24 ? 394  TYR B CG   1 
ATOM   1163 C  CD1  . TYR B 1 27 ? 4.446   -3.299  -8.415  1.00 22.04 ? 394  TYR B CD1  1 
ATOM   1164 C  CD2  . TYR B 1 27 ? 3.486   -3.741  -6.301  1.00 19.86 ? 394  TYR B CD2  1 
ATOM   1165 C  CE1  . TYR B 1 27 ? 3.248   -3.495  -9.025  1.00 23.14 ? 394  TYR B CE1  1 
ATOM   1166 C  CE2  . TYR B 1 27 ? 2.249   -3.929  -6.917  1.00 24.07 ? 394  TYR B CE2  1 
ATOM   1167 C  CZ   . TYR B 1 27 ? 2.154   -3.810  -8.274  1.00 21.76 ? 394  TYR B CZ   1 
ATOM   1168 O  OH   . TYR B 1 27 ? 0.959   -3.983  -8.934  1.00 29.00 ? 394  TYR B OH   1 
ATOM   1169 H  H    . TYR B 1 27 ? 6.171   -5.052  -4.847  1.00 19.85 ? 394  TYR B H    1 
ATOM   1170 H  HA   . TYR B 1 27 ? 6.542   -4.877  -7.444  1.00 21.88 ? 394  TYR B HA   1 
ATOM   1171 H  HB2  . TYR B 1 27 ? 5.805   -3.060  -5.457  1.00 26.57 ? 394  TYR B HB2  1 
ATOM   1172 H  HB3  . TYR B 1 27 ? 6.364   -2.450  -6.819  1.00 26.57 ? 394  TYR B HB3  1 
ATOM   1173 H  HD1  . TYR B 1 27 ? 5.189   -3.086  -8.932  1.00 26.44 ? 394  TYR B HD1  1 
ATOM   1174 H  HD2  . TYR B 1 27 ? 3.558   -3.822  -5.378  1.00 23.83 ? 394  TYR B HD2  1 
ATOM   1175 H  HE1  . TYR B 1 27 ? 3.173   -3.406  -9.948  1.00 27.77 ? 394  TYR B HE1  1 
ATOM   1176 H  HE2  . TYR B 1 27 ? 1.500   -4.147  -6.411  1.00 28.88 ? 394  TYR B HE2  1 
ATOM   1177 H  HH   . TYR B 1 27 ? 1.022   -4.600  -9.471  1.00 34.80 ? 394  TYR B HH   1 
ATOM   1178 N  N    . ASN B 1 28 ? 9.005   -4.091  -5.592  1.00 18.06 ? 395  ASN B N    1 
ATOM   1179 C  CA   . ASN B 1 28 ? 10.453  -3.887  -5.705  1.00 18.87 ? 395  ASN B CA   1 
ATOM   1180 C  C    . ASN B 1 28 ? 11.139  -5.012  -6.473  1.00 17.17 ? 395  ASN B C    1 
ATOM   1181 O  O    . ASN B 1 28 ? 11.995  -4.748  -7.307  1.00 20.54 ? 395  ASN B O    1 
ATOM   1182 C  CB   . ASN B 1 28 ? 11.099  -3.723  -4.337  1.00 20.41 ? 395  ASN B CB   1 
ATOM   1183 C  CG   . ASN B 1 28 ? 10.655  -2.449  -3.641  1.00 28.10 ? 395  ASN B CG   1 
ATOM   1184 O  OD1  . ASN B 1 28 ? 10.163  -1.510  -4.273  1.00 44.09 ? 395  ASN B OD1  1 
ATOM   1185 N  ND2  . ASN B 1 28 ? 10.815  -2.420  -2.318  1.00 47.44 ? 395  ASN B ND2  1 
ATOM   1186 H  H    . ASN B 1 28 ? 8.705   -4.201  -4.794  1.00 21.67 ? 395  ASN B H    1 
ATOM   1187 H  HA   . ASN B 1 28 ? 10.608  -3.059  -6.203  1.00 22.64 ? 395  ASN B HA   1 
ATOM   1188 H  HB2  . ASN B 1 28 ? 10.854  -4.475  -3.776  1.00 24.49 ? 395  ASN B HB2  1 
ATOM   1189 H  HB3  . ASN B 1 28 ? 12.063  -3.687  -4.443  1.00 24.49 ? 395  ASN B HB3  1 
ATOM   1190 H  HD21 . ASN B 1 28 ? 11.153  -3.098  -1.911  1.00 56.93 ? 395  ASN B HD21 1 
ATOM   1191 H  HD22 . ASN B 1 28 ? 10.580  -1.724  -1.871  1.00 56.93 ? 395  ASN B HD22 1 
ATOM   1192 N  N    . LYS B 1 29 ? 10.756  -6.254  -6.198  1.00 18.17 ? 396  LYS B N    1 
ATOM   1193 C  CA   . LYS B 1 29 ? 11.291  -7.363  -6.968  1.00 22.68 ? 396  LYS B CA   1 
ATOM   1194 C  C    . LYS B 1 29 ? 10.853  -7.258  -8.445  1.00 23.60 ? 396  LYS B C    1 
ATOM   1195 O  O    . LYS B 1 29 ? 11.635  -7.508  -9.386  1.00 17.28 ? 396  LYS B O    1 
ATOM   1196 C  CB   . LYS B 1 29 ? 10.805  -8.668  -6.385  1.00 25.19 ? 396  LYS B CB   1 
ATOM   1197 C  CG   . LYS B 1 29 ? 11.292  -9.871  -7.154  1.00 42.59 ? 396  LYS B CG   1 
ATOM   1198 C  CD   . LYS B 1 29 ? 12.818  -9.829  -7.300  1.00 31.61 ? 396  LYS B CD   1 
ATOM   1199 C  CE   . LYS B 1 29 ? 13.537  -9.783  -5.957  1.00 50.22 ? 396  LYS B CE   1 
ATOM   1200 N  NZ   . LYS B 1 29 ? 14.983  -10.111 -6.117  1.00 47.93 ? 396  LYS B NZ   1 
ATOM   1201 H  H    . LYS B 1 29 ? 10.198  -6.477  -5.584  1.00 21.80 ? 396  LYS B H    1 
ATOM   1202 H  HA   . LYS B 1 29 ? 12.269  -7.348  -6.930  1.00 27.21 ? 396  LYS B HA   1 
ATOM   1203 H  HB2  . LYS B 1 29 ? 11.126  -8.746  -5.473  1.00 30.22 ? 396  LYS B HB2  1 
ATOM   1204 H  HB3  . LYS B 1 29 ? 9.835   -8.678  -6.397  1.00 30.22 ? 396  LYS B HB3  1 
ATOM   1205 H  HG2  . LYS B 1 29 ? 11.050  -10.680 -6.677  1.00 51.10 ? 396  LYS B HG2  1 
ATOM   1206 H  HG3  . LYS B 1 29 ? 10.898  -9.869  -8.041  1.00 51.10 ? 396  LYS B HG3  1 
ATOM   1207 H  HD2  . LYS B 1 29 ? 13.113  -10.624 -7.770  1.00 37.93 ? 396  LYS B HD2  1 
ATOM   1208 H  HD3  . LYS B 1 29 ? 13.067  -9.036  -7.800  1.00 37.93 ? 396  LYS B HD3  1 
ATOM   1209 H  HE2  . LYS B 1 29 ? 13.464  -8.891  -5.584  1.00 60.26 ? 396  LYS B HE2  1 
ATOM   1210 H  HE3  . LYS B 1 29 ? 13.139  -10.434 -5.358  1.00 60.26 ? 396  LYS B HE3  1 
ATOM   1211 H  HZ1  . LYS B 1 29 ? 15.369  -9.526  -6.663  1.00 57.51 ? 396  LYS B HZ1  1 
ATOM   1212 H  HZ2  . LYS B 1 29 ? 15.390  -10.081 -5.326  1.00 57.51 ? 396  LYS B HZ2  1 
ATOM   1213 H  HZ3  . LYS B 1 29 ? 15.074  -10.929 -6.458  1.00 57.51 ? 396  LYS B HZ3  1 
ATOM   1214 N  N    . PHE B 1 30 ? 9.588   -6.893  -8.661  1.00 18.15 ? 397  PHE B N    1 
ATOM   1215 C  CA   . PHE B 1 30 ? 9.031   -6.814  -10.012 1.00 16.93 ? 397  PHE B CA   1 
ATOM   1216 C  C    . PHE B 1 30 ? 9.811   -5.781  -10.829 1.00 18.50 ? 397  PHE B C    1 
ATOM   1217 O  O    . PHE B 1 30 ? 10.177  -6.015  -11.962 1.00 17.63 ? 397  PHE B O    1 
ATOM   1218 C  CB   . PHE B 1 30 ? 7.535   -6.466  -9.880  1.00 19.94 ? 397  PHE B CB   1 
ATOM   1219 C  CG   . PHE B 1 30 ? 6.723   -6.601  -11.152 1.00 17.44 ? 397  PHE B CG   1 
ATOM   1220 C  CD1  . PHE B 1 30 ? 7.289   -6.887  -12.366 1.00 20.25 ? 397  PHE B CD1  1 
ATOM   1221 C  CD2  . PHE B 1 30 ? 5.356   -6.390  -11.110 1.00 19.88 ? 397  PHE B CD2  1 
ATOM   1222 C  CE1  . PHE B 1 30 ? 6.496   -6.975  -13.522 1.00 18.30 ? 397  PHE B CE1  1 
ATOM   1223 C  CE2  . PHE B 1 30 ? 4.586   -6.490  -12.255 1.00 21.80 ? 397  PHE B CE2  1 
ATOM   1224 C  CZ   . PHE B 1 30 ? 5.181   -6.799  -13.458 1.00 21.52 ? 397  PHE B CZ   1 
ATOM   1225 H  H    . PHE B 1 30 ? 9.031   -6.685  -8.041  1.00 21.78 ? 397  PHE B H    1 
ATOM   1226 H  HA   . PHE B 1 30 ? 9.112   -7.687  -10.452 1.00 20.32 ? 397  PHE B HA   1 
ATOM   1227 H  HB2  . PHE B 1 30 ? 7.139   -7.054  -9.219  1.00 23.93 ? 397  PHE B HB2  1 
ATOM   1228 H  HB3  . PHE B 1 30 ? 7.460   -5.546  -9.583  1.00 23.93 ? 397  PHE B HB3  1 
ATOM   1229 H  HD1  . PHE B 1 30 ? 8.208   -7.023  -12.425 1.00 24.29 ? 397  PHE B HD1  1 
ATOM   1230 H  HD2  . PHE B 1 30 ? 4.948   -6.192  -10.298 1.00 23.86 ? 397  PHE B HD2  1 
ATOM   1231 H  HE1  . PHE B 1 30 ? 6.893   -7.184  -14.337 1.00 21.96 ? 397  PHE B HE1  1 
ATOM   1232 H  HE2  . PHE B 1 30 ? 3.666   -6.358  -12.210 1.00 26.16 ? 397  PHE B HE2  1 
ATOM   1233 H  HZ   . PHE B 1 30 ? 4.666   -6.860  -14.230 1.00 25.83 ? 397  PHE B HZ   1 
ATOM   1234 N  N    A ARG B 1 31 ? 10.074  -4.631  -10.219 0.63 15.08 ? 398  ARG B N    1 
ATOM   1235 N  N    B ARG B 1 31 ? 10.080  -4.630  -10.221 0.37 15.36 ? 398  ARG B N    1 
ATOM   1236 C  CA   A ARG B 1 31 ? 10.849  -3.564  -10.809 0.63 21.82 ? 398  ARG B CA   1 
ATOM   1237 C  CA   B ARG B 1 31 ? 10.837  -3.574  -10.864 0.37 21.93 ? 398  ARG B CA   1 
ATOM   1238 C  C    A ARG B 1 31 ? 12.235  -4.055  -11.236 0.63 16.52 ? 398  ARG B C    1 
ATOM   1239 C  C    B ARG B 1 31 ? 12.233  -4.062  -11.248 0.37 16.77 ? 398  ARG B C    1 
ATOM   1240 O  O    A ARG B 1 31 ? 12.679  -3.826  -12.363 0.63 21.28 ? 398  ARG B O    1 
ATOM   1241 O  O    B ARG B 1 31 ? 12.695  -3.833  -12.367 0.37 21.38 ? 398  ARG B O    1 
ATOM   1242 C  CB   A ARG B 1 31 ? 11.004  -2.473  -9.758  0.63 28.82 ? 398  ARG B CB   1 
ATOM   1243 C  CB   B ARG B 1 31 ? 10.955  -2.382  -9.922  0.37 28.83 ? 398  ARG B CB   1 
ATOM   1244 C  CG   A ARG B 1 31 ? 11.552  -1.190  -10.271 0.63 30.57 ? 398  ARG B CG   1 
ATOM   1245 C  CG   B ARG B 1 31 ? 11.657  -1.203  -10.527 0.37 31.08 ? 398  ARG B CG   1 
ATOM   1246 C  CD   A ARG B 1 31 ? 11.581  -0.110  -9.176  0.63 45.18 ? 398  ARG B CD   1 
ATOM   1247 C  CD   B ARG B 1 31 ? 11.742  -0.038  -9.550  0.37 46.13 ? 398  ARG B CD   1 
ATOM   1248 N  NE   A ARG B 1 31 ? 10.728  -0.402  -8.024  0.63 40.95 ? 398  ARG B NE   1 
ATOM   1249 N  NE   B ARG B 1 31 ? 12.440  1.096   -10.149 0.37 45.24 ? 398  ARG B NE   1 
ATOM   1250 C  CZ   A ARG B 1 31 ? 9.453   -0.035  -7.901  0.63 53.24 ? 398  ARG B CZ   1 
ATOM   1251 C  CZ   B ARG B 1 31 ? 11.842  2.163   -10.672 0.37 50.85 ? 398  ARG B CZ   1 
ATOM   1252 N  NH1  A ARG B 1 31 ? 8.842   0.635   -8.871  0.63 42.72 ? 398  ARG B NH1  1 
ATOM   1253 N  NH1  B ARG B 1 31 ? 10.519  2.276   -10.665 0.37 38.45 ? 398  ARG B NH1  1 
ATOM   1254 N  NH2  A ARG B 1 31 ? 8.783   -0.342  -6.799  0.63 28.26 ? 398  ARG B NH2  1 
ATOM   1255 N  NH2  B ARG B 1 31 ? 12.580  3.126   -11.194 0.37 30.59 ? 398  ARG B NH2  1 
ATOM   1256 H  H    A ARG B 1 31 ? 9.799   -4.444  -9.426  0.63 18.09 ? 398  ARG B H    1 
ATOM   1257 H  H    B ARG B 1 31 ? 9.826   -4.437  -9.422  0.37 18.43 ? 398  ARG B H    1 
ATOM   1258 H  HA   A ARG B 1 31 ? 10.382  -3.197  -11.588 0.63 26.19 ? 398  ARG B HA   1 
ATOM   1259 H  HA   B ARG B 1 31 ? 10.373  -3.285  -11.677 0.37 26.32 ? 398  ARG B HA   1 
ATOM   1260 H  HB2  A ARG B 1 31 ? 10.134  -2.287  -9.373  0.63 34.59 ? 398  ARG B HB2  1 
ATOM   1261 H  HB2  B ARG B 1 31 ? 10.064  -2.096  -9.665  0.37 34.59 ? 398  ARG B HB2  1 
ATOM   1262 H  HB3  A ARG B 1 31 ? 11.604  -2.793  -9.066  0.63 34.59 ? 398  ARG B HB3  1 
ATOM   1263 H  HB3  B ARG B 1 31 ? 11.453  -2.652  -9.135  0.37 34.59 ? 398  ARG B HB3  1 
ATOM   1264 H  HG2  A ARG B 1 31 ? 12.461  -1.332  -10.581 0.63 36.69 ? 398  ARG B HG2  1 
ATOM   1265 H  HG2  B ARG B 1 31 ? 12.560  -1.460  -10.773 0.37 37.30 ? 398  ARG B HG2  1 
ATOM   1266 H  HG3  A ARG B 1 31 ? 10.995  -0.872  -10.998 0.63 36.69 ? 398  ARG B HG3  1 
ATOM   1267 H  HG3  B ARG B 1 31 ? 11.168  -0.906  -11.311 0.37 37.30 ? 398  ARG B HG3  1 
ATOM   1268 H  HD2  A ARG B 1 31 ? 12.491  -0.018  -8.853  0.63 54.22 ? 398  ARG B HD2  1 
ATOM   1269 H  HD2  B ARG B 1 31 ? 10.848  0.246   -9.309  0.37 55.35 ? 398  ARG B HD2  1 
ATOM   1270 H  HD3  A ARG B 1 31 ? 11.282  0.729   -9.560  0.63 54.22 ? 398  ARG B HD3  1 
ATOM   1271 H  HD3  B ARG B 1 31 ? 12.233  -0.316  -8.760  0.37 55.35 ? 398  ARG B HD3  1 
ATOM   1272 H  HE   A ARG B 1 31 ? 11.077  -0.843  -7.373  0.63 49.13 ? 398  ARG B HE   1 
ATOM   1273 H  HE   B ARG B 1 31 ? 13.299  1.073   -10.164 0.37 54.29 ? 398  ARG B HE   1 
ATOM   1274 H  HH11 A ARG B 1 31 ? 9.270   0.842   -9.587  0.63 51.26 ? 398  ARG B HH11 1 
ATOM   1275 H  HH11 B ARG B 1 31 ? 10.035  1.651   -10.327 0.37 46.14 ? 398  ARG B HH11 1 
ATOM   1276 H  HH12 A ARG B 1 31 ? 8.017   0.865   -8.781  0.63 51.26 ? 398  ARG B HH12 1 
ATOM   1277 H  HH12 B ARG B 1 31 ? 10.146  2.973   -11.005 0.37 46.14 ? 398  ARG B HH12 1 
ATOM   1278 H  HH21 A ARG B 1 31 ? 9.171   -0.779  -6.168  0.63 33.91 ? 398  ARG B HH21 1 
ATOM   1279 H  HH21 B ARG B 1 31 ? 13.437  3.059   -11.197 0.37 36.71 ? 398  ARG B HH21 1 
ATOM   1280 H  HH22 A ARG B 1 31 ? 7.958   -0.114  -6.719  0.63 33.91 ? 398  ARG B HH22 1 
ATOM   1281 H  HH22 B ARG B 1 31 ? 12.203  3.823   -11.529 0.37 36.71 ? 398  ARG B HH22 1 
ATOM   1282 N  N    . GLN B 1 32 ? 12.891  -4.742  -10.321 1.00 17.94 ? 399  GLN B N    1 
ATOM   1283 C  CA   . GLN B 1 32 ? 14.221  -5.269  -10.609 1.00 18.07 ? 399  GLN B CA   1 
ATOM   1284 C  C    . GLN B 1 32 ? 14.187  -6.175  -11.824 1.00 16.80 ? 399  GLN B C    1 
ATOM   1285 O  O    . GLN B 1 32 ? 15.022  -6.057  -12.727 1.00 18.93 ? 399  GLN B O    1 
ATOM   1286 C  CB   . GLN B 1 32 ? 14.734  -6.066  -9.432  1.00 19.10 ? 399  GLN B CB   1 
ATOM   1287 C  CG   . GLN B 1 32 ? 16.109  -6.653  -9.717  1.00 28.20 ? 399  GLN B CG   1 
ATOM   1288 C  CD   . GLN B 1 32 ? 16.544  -7.625  -8.644  1.00 40.26 ? 399  GLN B CD   1 
ATOM   1289 O  OE1  . GLN B 1 32 ? 15.722  -8.330  -8.059  1.00 38.09 ? 399  GLN B OE1  1 
ATOM   1290 N  NE2  . GLN B 1 32 ? 17.839  -7.657  -8.369  1.00 29.79 ? 399  GLN B NE2  1 
ATOM   1291 H  H    . GLN B 1 32 ? 12.594  -4.914  -9.532  0.37 21.53 ? 399  GLN B H    1 
ATOM   1292 H  HA   . GLN B 1 32 ? 14.841  -4.530  -10.783 1.00 21.68 ? 399  GLN B HA   1 
ATOM   1293 H  HB2  . GLN B 1 32 ? 14.806  -5.485  -8.659  1.00 22.92 ? 399  GLN B HB2  1 
ATOM   1294 H  HB3  . GLN B 1 32 ? 14.122  -6.796  -9.249  1.00 22.92 ? 399  GLN B HB3  1 
ATOM   1295 H  HG2  . GLN B 1 32 ? 16.083  -7.128  -10.561 1.00 33.84 ? 399  GLN B HG2  1 
ATOM   1296 H  HG3  . GLN B 1 32 ? 16.760  -5.936  -9.756  1.00 33.84 ? 399  GLN B HG3  1 
ATOM   1297 H  HE21 . GLN B 1 32 ? 18.381  -7.141  -8.794  1.00 35.75 ? 399  GLN B HE21 1 
ATOM   1298 H  HE22 . GLN B 1 32 ? 18.138  -8.192  -7.766  1.00 35.75 ? 399  GLN B HE22 1 
ATOM   1299 N  N    . LYS B 1 33 ? 13.275  -7.133  -11.837 1.00 12.43 ? 400  LYS B N    1 
ATOM   1300 C  CA   . LYS B 1 33 ? 13.235  -8.112  -12.914 1.00 13.65 ? 400  LYS B CA   1 
ATOM   1301 C  C    . LYS B 1 33 ? 12.712  -7.545  -14.207 1.00 15.38 ? 400  LYS B C    1 
ATOM   1302 O  O    . LYS B 1 33 ? 13.081  -8.031  -15.298 1.00 15.35 ? 400  LYS B O    1 
ATOM   1303 C  CB   . LYS B 1 33 ? 12.408  -9.321  -12.517 1.00 12.29 ? 400  LYS B CB   1 
ATOM   1304 C  CG   . LYS B 1 33 ? 12.937  -10.017 -11.270 1.00 13.15 ? 400  LYS B CG   1 
ATOM   1305 C  CD   . LYS B 1 33 ? 14.380  -10.531 -11.434 1.00 13.05 ? 400  LYS B CD   1 
ATOM   1306 C  CE   . LYS B 1 33 ? 14.971  -11.113 -10.172 1.00 13.50 ? 400  LYS B CE   1 
ATOM   1307 N  NZ   . LYS B 1 33 ? 16.464  -11.471 -10.379 1.00 16.29 ? 400  LYS B NZ   1 
ATOM   1308 H  H    . LYS B 1 33 ? 12.668  -7.240  -11.236 1.00 14.92 ? 400  LYS B H    1 
ATOM   1309 H  HA   . LYS B 1 33 ? 14.148  -8.425  -13.081 1.00 16.38 ? 400  LYS B HA   1 
ATOM   1310 H  HB2  . LYS B 1 33 ? 11.498  -9.036  -12.336 1.00 14.75 ? 400  LYS B HB2  1 
ATOM   1311 H  HB3  . LYS B 1 33 ? 12.415  -9.963  -13.244 1.00 14.75 ? 400  LYS B HB3  1 
ATOM   1312 H  HG2  . LYS B 1 33 ? 12.926  -9.390  -10.531 1.00 15.78 ? 400  LYS B HG2  1 
ATOM   1313 H  HG3  . LYS B 1 33 ? 12.371  -10.777 -11.068 1.00 15.78 ? 400  LYS B HG3  1 
ATOM   1314 H  HD2  . LYS B 1 33 ? 14.389  -11.224 -12.112 1.00 15.66 ? 400  LYS B HD2  1 
ATOM   1315 H  HD3  . LYS B 1 33 ? 14.945  -9.792  -11.711 1.00 15.66 ? 400  LYS B HD3  1 
ATOM   1316 H  HE2  . LYS B 1 33 ? 14.908  -10.461 -9.456  1.00 16.20 ? 400  LYS B HE2  1 
ATOM   1317 H  HE3  . LYS B 1 33 ? 14.492  -11.922 -9.936  1.00 16.20 ? 400  LYS B HE3  1 
ATOM   1318 H  HZ1  . LYS B 1 33 ? 16.924  -10.741 -10.597 1.00 19.55 ? 400  LYS B HZ1  1 
ATOM   1319 H  HZ2  . LYS B 1 33 ? 16.800  -11.813 -9.629  1.00 19.55 ? 400  LYS B HZ2  1 
ATOM   1320 H  HZ3  . LYS B 1 33 ? 16.545  -12.070 -11.032 1.00 19.55 ? 400  LYS B HZ3  1 
ATOM   1321 N  N    . LEU B 1 34 ? 11.845  -6.519  -14.111 1.00 13.81 ? 401  LEU B N    1 
ATOM   1322 C  CA   . LEU B 1 34 ? 11.359  -5.859  -15.313 1.00 13.92 ? 401  LEU B CA   1 
ATOM   1323 C  C    . LEU B 1 34 ? 12.510  -5.147  -16.037 1.00 16.39 ? 401  LEU B C    1 
ATOM   1324 O  O    . LEU B 1 34 ? 12.668  -5.235  -17.269 1.00 19.30 ? 401  LEU B O    1 
ATOM   1325 C  CB   . LEU B 1 34 ? 10.271  -4.845  -14.920 1.00 15.23 ? 401  LEU B CB   1 
ATOM   1326 C  CG   . LEU B 1 34 ? 9.817   -3.861  -15.946 1.00 26.75 ? 401  LEU B CG   1 
ATOM   1327 C  CD1  . LEU B 1 34 ? 9.271   -4.599  -17.098 1.00 23.14 ? 401  LEU B CD1  1 
ATOM   1328 C  CD2  . LEU B 1 34 ? 8.745   -2.980  -15.269 1.00 20.09 ? 401  LEU B CD2  1 
ATOM   1329 H  H    . LEU B 1 34 ? 11.535  -6.201  -13.374 1.00 16.57 ? 401  LEU B H    1 
ATOM   1330 H  HA   . LEU B 1 34 ? 10.968  -6.522  -15.919 1.00 16.71 ? 401  LEU B HA   1 
ATOM   1331 H  HB2  . LEU B 1 34 ? 9.487   -5.344  -14.642 1.00 18.28 ? 401  LEU B HB2  1 
ATOM   1332 H  HB3  . LEU B 1 34 ? 10.602  -4.333  -14.165 1.00 18.28 ? 401  LEU B HB3  1 
ATOM   1333 H  HG   . LEU B 1 34 ? 10.558  -3.306  -16.236 1.00 32.09 ? 401  LEU B HG   1 
ATOM   1334 H  HD11 . LEU B 1 34 ? 8.530   -5.133  -16.802 1.00 27.77 ? 401  LEU B HD11 1 
ATOM   1335 H  HD12 . LEU B 1 34 ? 8.977   -3.968  -17.760 1.00 27.77 ? 401  LEU B HD12 1 
ATOM   1336 H  HD13 . LEU B 1 34 ? 9.957   -5.162  -17.462 1.00 27.77 ? 401  LEU B HD13 1 
ATOM   1337 H  HD21 . LEU B 1 34 ? 9.136   -2.535  -14.514 1.00 24.11 ? 401  LEU B HD21 1 
ATOM   1338 H  HD22 . LEU B 1 34 ? 8.428   -2.332  -15.903 1.00 24.11 ? 401  LEU B HD22 1 
ATOM   1339 H  HD23 . LEU B 1 34 ? 8.019   -3.539  -14.980 1.00 24.11 ? 401  LEU B HD23 1 
ATOM   1340 N  N    . GLU B 1 35 ? 13.340  -4.479  -15.255 1.00 21.97 ? 402  GLU B N    1 
ATOM   1341 C  CA   . GLU B 1 35 ? 14.507  -3.806  -15.808 1.00 27.29 ? 402  GLU B CA   1 
ATOM   1342 C  C    . GLU B 1 35 ? 15.453  -4.804  -16.494 1.00 25.23 ? 402  GLU B C    1 
ATOM   1343 O  O    . GLU B 1 35 ? 15.952  -4.554  -17.610 1.00 22.18 ? 402  GLU B O    1 
ATOM   1344 C  CB   . GLU B 1 35 ? 15.199  -3.013  -14.703 1.00 25.23 ? 402  GLU B CB   1 
ATOM   1345 C  CG   . GLU B 1 35 ? 14.333  -1.840  -14.197 1.00 51.87 ? 402  GLU B CG   1 
ATOM   1346 C  CD   . GLU B 1 35 ? 15.037  -0.937  -13.191 1.00 59.87 ? 402  GLU B CD   1 
ATOM   1347 O  OE1  . GLU B 1 35 ? 15.076  -1.291  -11.991 1.00 59.02 ? 402  GLU B OE1  1 
ATOM   1348 O  OE2  . GLU B 1 35 ? 15.536  0.137   -13.602 1.00 67.49 ? 402  GLU B OE2  1 
ATOM   1349 H  H    . GLU B 1 35 ? 13.253  -4.399  -14.403 1.00 26.36 ? 402  GLU B H    1 
ATOM   1350 H  HA   . GLU B 1 35 ? 14.207  -3.168  -16.488 1.00 32.74 ? 402  GLU B HA   1 
ATOM   1351 H  HB2  . GLU B 1 35 ? 15.377  -3.602  -13.953 1.00 30.28 ? 402  GLU B HB2  1 
ATOM   1352 H  HB3  . GLU B 1 35 ? 16.031  -2.649  -15.044 1.00 30.28 ? 402  GLU B HB3  1 
ATOM   1353 H  HG2  . GLU B 1 35 ? 14.076  -1.293  -14.956 1.00 62.24 ? 402  GLU B HG2  1 
ATOM   1354 H  HG3  . GLU B 1 35 ? 13.541  -2.200  -13.769 1.00 62.24 ? 402  GLU B HG3  1 
ATOM   1355 N  N    . GLU B 1 36 ? 15.652  -5.953  -15.863 1.00 22.24 ? 403  GLU B N    1 
ATOM   1356 C  CA   . GLU B 1 36 ? 16.489  -7.004  -16.436 1.00 24.91 ? 403  GLU B CA   1 
ATOM   1357 C  C    . GLU B 1 36 ? 15.866  -7.479  -17.727 1.00 25.31 ? 403  GLU B C    1 
ATOM   1358 O  O    . GLU B 1 36 ? 16.559  -7.631  -18.730 1.00 22.71 ? 403  GLU B O    1 
ATOM   1359 C  CB   . GLU B 1 36 ? 16.656  -8.205  -15.485 1.00 20.11 ? 403  GLU B CB   1 
ATOM   1360 C  CG   . GLU B 1 36 ? 17.319  -9.453  -16.115 1.00 21.34 ? 403  GLU B CG   1 
ATOM   1361 C  CD   . GLU B 1 36 ? 17.625  -10.589 -15.114 1.00 21.51 ? 403  GLU B CD   1 
ATOM   1362 O  OE1  . GLU B 1 36 ? 17.302  -10.445 -13.921 1.00 17.74 ? 403  GLU B OE1  1 
ATOM   1363 O  OE2  . GLU B 1 36 ? 18.198  -11.643 -15.518 1.00 17.31 ? 403  GLU B OE2  1 
ATOM   1364 H  H    . GLU B 1 36 ? 15.314  -6.151  -15.097 1.00 26.69 ? 403  GLU B H    1 
ATOM   1365 H  HA   . GLU B 1 36 ? 17.377  -6.640  -16.635 1.00 29.89 ? 403  GLU B HA   1 
ATOM   1366 H  HB2  . GLU B 1 36 ? 17.206  -7.929  -14.735 1.00 24.13 ? 403  GLU B HB2  1 
ATOM   1367 H  HB3  . GLU B 1 36 ? 15.780  -8.469  -15.165 1.00 24.13 ? 403  GLU B HB3  1 
ATOM   1368 H  HG2  . GLU B 1 36 ? 16.724  -9.811  -16.792 1.00 25.61 ? 403  GLU B HG2  1 
ATOM   1369 H  HG3  . GLU B 1 36 ? 18.156  -9.187  -16.523 1.00 25.61 ? 403  GLU B HG3  1 
ATOM   1370 N  N    . ALA B 1 37 ? 14.555  -7.739  -17.713 1.00 17.59 ? 404  ALA B N    1 
ATOM   1371 C  CA   . ALA B 1 37 ? 13.926  -8.353  -18.885 1.00 18.43 ? 404  ALA B CA   1 
ATOM   1372 C  C    . ALA B 1 37 ? 14.017  -7.429  -20.075 1.00 22.63 ? 404  ALA B C    1 
ATOM   1373 O  O    . ALA B 1 37 ? 14.150  -7.888  -21.217 1.00 23.97 ? 404  ALA B O    1 
ATOM   1374 C  CB   . ALA B 1 37 ? 12.461  -8.713  -18.612 1.00 19.17 ? 404  ALA B CB   1 
ATOM   1375 H  H    . ALA B 1 37 ? 14.022  -7.575  -17.058 1.00 21.10 ? 404  ALA B H    1 
ATOM   1376 H  HA   . ALA B 1 37 ? 14.404  -9.178  -19.107 1.00 22.12 ? 404  ALA B HA   1 
ATOM   1377 H  HB1  . ALA B 1 37 ? 11.980  -7.914  -18.387 1.00 23.00 ? 404  ALA B HB1  1 
ATOM   1378 H  HB2  . ALA B 1 37 ? 12.085  -9.112  -19.401 1.00 23.00 ? 404  ALA B HB2  1 
ATOM   1379 H  HB3  . ALA B 1 37 ? 12.423  -9.334  -17.881 1.00 23.00 ? 404  ALA B HB3  1 
ATOM   1380 N  N    . LEU B 1 38 ? 13.948  -6.136  -19.807 1.00 23.22 ? 405  LEU B N    1 
ATOM   1381 C  CA   . LEU B 1 38 ? 13.940  -5.170  -20.902 1.00 32.20 ? 405  LEU B CA   1 
ATOM   1382 C  C    . LEU B 1 38 ? 15.326  -5.136  -21.522 1.00 37.70 ? 405  LEU B C    1 
ATOM   1383 O  O    . LEU B 1 38 ? 15.461  -5.204  -22.748 1.00 43.25 ? 405  LEU B O    1 
ATOM   1384 C  CB   . LEU B 1 38 ? 13.597  -3.789  -20.403 1.00 28.11 ? 405  LEU B CB   1 
ATOM   1385 C  CG   . LEU B 1 38 ? 12.681  -2.902  -21.266 1.00 50.91 ? 405  LEU B CG   1 
ATOM   1386 C  CD1  . LEU B 1 38 ? 12.142  -3.583  -22.520 1.00 33.34 ? 405  LEU B CD1  1 
ATOM   1387 C  CD2  . LEU B 1 38 ? 11.523  -2.447  -20.412 1.00 42.66 ? 405  LEU B CD2  1 
ATOM   1388 H  H    . LEU B 1 38 ? 13.905  -5.792  -19.019 1.00 27.86 ? 405  LEU B H    1 
ATOM   1389 H  HA   . LEU B 1 38 ? 13.288  -5.437  -21.584 1.00 38.64 ? 405  LEU B HA   1 
ATOM   1390 H  HB2  . LEU B 1 38 ? 13.163  -3.885  -19.541 1.00 33.73 ? 405  LEU B HB2  1 
ATOM   1391 H  HB3  . LEU B 1 38 ? 14.427  -3.302  -20.285 1.00 33.73 ? 405  LEU B HB3  1 
ATOM   1392 H  HG   . LEU B 1 38 ? 13.175  -2.115  -21.543 1.00 61.09 ? 405  LEU B HG   1 
ATOM   1393 H  HD11 . LEU B 1 38 ? 11.630  -4.353  -22.261 1.00 40.01 ? 405  LEU B HD11 1 
ATOM   1394 H  HD12 . LEU B 1 38 ? 11.583  -2.964  -22.995 1.00 40.01 ? 405  LEU B HD12 1 
ATOM   1395 H  HD13 . LEU B 1 38 ? 12.880  -3.850  -23.071 1.00 40.01 ? 405  LEU B HD13 1 
ATOM   1396 H  HD21 . LEU B 1 38 ? 11.864  -1.947  -19.666 1.00 51.20 ? 405  LEU B HD21 1 
ATOM   1397 H  HD22 . LEU B 1 38 ? 10.945  -1.892  -20.941 1.00 51.20 ? 405  LEU B HD22 1 
ATOM   1398 H  HD23 . LEU B 1 38 ? 11.043  -3.217  -20.100 1.00 51.20 ? 405  LEU B HD23 1 
ATOM   1399 N  N    A ARG B 1 39 ? 16.340  -5.037  -20.672 0.38 38.03 ? 406  ARG B N    1 
ATOM   1400 N  N    B ARG B 1 39 ? 16.360  -5.010  -20.678 0.62 38.11 ? 406  ARG B N    1 
ATOM   1401 C  CA   A ARG B 1 39 ? 17.723  -4.940  -21.125 0.38 36.08 ? 406  ARG B CA   1 
ATOM   1402 C  CA   B ARG B 1 39 ? 17.763  -4.978  -21.151 0.62 35.91 ? 406  ARG B CA   1 
ATOM   1403 C  C    A ARG B 1 39 ? 18.144  -6.149  -21.966 0.38 42.03 ? 406  ARG B C    1 
ATOM   1404 C  C    B ARG B 1 39 ? 18.021  -6.152  -22.067 0.62 42.14 ? 406  ARG B C    1 
ATOM   1405 O  O    A ARG B 1 39 ? 18.875  -6.000  -22.944 0.38 42.28 ? 406  ARG B O    1 
ATOM   1406 O  O    B ARG B 1 39 ? 18.486  -5.994  -23.194 0.62 42.71 ? 406  ARG B O    1 
ATOM   1407 C  CB   A ARG B 1 39 ? 18.645  -4.745  -19.919 0.38 38.44 ? 406  ARG B CB   1 
ATOM   1408 C  CB   B ARG B 1 39 ? 18.773  -5.012  -19.992 0.62 39.94 ? 406  ARG B CB   1 
ATOM   1409 C  CG   A ARG B 1 39 ? 20.110  -5.035  -20.185 0.38 47.20 ? 406  ARG B CG   1 
ATOM   1410 C  CG   B ARG B 1 39 ? 20.278  -5.253  -20.405 0.62 46.18 ? 406  ARG B CG   1 
ATOM   1411 C  CD   A ARG B 1 39 ? 20.997  -4.510  -19.061 0.38 49.63 ? 406  ARG B CD   1 
ATOM   1412 C  CD   B ARG B 1 39 ? 20.971  -6.282  -19.460 0.62 54.59 ? 406  ARG B CD   1 
ATOM   1413 N  NE   A ARG B 1 39 ? 20.310  -4.442  -17.770 0.38 52.38 ? 406  ARG B NE   1 
ATOM   1414 N  NE   B ARG B 1 39 ? 22.446  -6.379  -19.497 0.62 58.23 ? 406  ARG B NE   1 
ATOM   1415 C  CZ   A ARG B 1 39 ? 20.228  -5.445  -16.901 0.38 47.08 ? 406  ARG B CZ   1 
ATOM   1416 C  CZ   B ARG B 1 39 ? 23.149  -7.254  -20.229 0.62 51.67 ? 406  ARG B CZ   1 
ATOM   1417 N  NH1  A ARG B 1 39 ? 20.779  -6.622  -17.172 0.38 50.83 ? 406  ARG B NH1  1 
ATOM   1418 N  NH1  B ARG B 1 39 ? 22.524  -8.090  -21.046 0.62 45.68 ? 406  ARG B NH1  1 
ATOM   1419 N  NH2  A ARG B 1 39 ? 19.583  -5.270  -15.756 0.38 44.74 ? 406  ARG B NH2  1 
ATOM   1420 N  NH2  B ARG B 1 39 ? 24.486  -7.290  -20.150 0.62 39.02 ? 406  ARG B NH2  1 
ATOM   1421 H  H    A ARG B 1 39 ? 16.253  -5.023  -19.816 0.38 45.64 ? 406  ARG B H    1 
ATOM   1422 H  H    B ARG B 1 39 ? 16.280  -4.940  -19.825 0.62 45.74 ? 406  ARG B H    1 
ATOM   1423 H  HA   A ARG B 1 39 ? 17.808  -4.145  -21.691 0.38 43.29 ? 406  ARG B HA   1 
ATOM   1424 H  HA   B ARG B 1 39 ? 17.911  -4.154  -21.661 0.62 43.09 ? 406  ARG B HA   1 
ATOM   1425 H  HB2  A ARG B 1 39 ? 18.578  -3.823  -19.624 0.38 46.13 ? 406  ARG B HB2  1 
ATOM   1426 H  HB2  B ARG B 1 39 ? 18.733  -4.163  -19.525 0.62 47.93 ? 406  ARG B HB2  1 
ATOM   1427 H  HB3  A ARG B 1 39 ? 18.353  -5.336  -19.207 0.38 46.13 ? 406  ARG B HB3  1 
ATOM   1428 H  HB3  B ARG B 1 39 ? 18.521  -5.726  -19.385 0.62 47.93 ? 406  ARG B HB3  1 
ATOM   1429 H  HG2  A ARG B 1 39 ? 20.239  -5.994  -20.251 0.38 56.64 ? 406  ARG B HG2  1 
ATOM   1430 H  HG2  B ARG B 1 39 ? 20.310  -5.602  -21.310 0.62 55.41 ? 406  ARG B HG2  1 
ATOM   1431 H  HG3  A ARG B 1 39 ? 20.377  -4.602  -21.011 0.38 56.64 ? 406  ARG B HG3  1 
ATOM   1432 H  HG3  B ARG B 1 39 ? 20.764  -4.415  -20.351 0.62 55.41 ? 406  ARG B HG3  1 
ATOM   1433 H  HD2  A ARG B 1 39 ? 21.761  -5.099  -18.961 0.38 59.55 ? 406  ARG B HD2  1 
ATOM   1434 H  HD2  B ARG B 1 39 ? 20.726  -6.060  -18.548 0.62 65.50 ? 406  ARG B HD2  1 
ATOM   1435 H  HD3  A ARG B 1 39 ? 21.296  -3.616  -19.287 0.38 59.55 ? 406  ARG B HD3  1 
ATOM   1436 H  HD3  B ARG B 1 39 ? 20.624  -7.163  -19.674 0.62 65.50 ? 406  ARG B HD3  1 
ATOM   1437 H  HE   A ARG B 1 39 ? 19.933  -3.698  -17.559 0.38 62.86 ? 406  ARG B HE   1 
ATOM   1438 H  HE   B ARG B 1 39 ? 22.890  -5.827  -19.010 0.62 69.88 ? 406  ARG B HE   1 
ATOM   1439 H  HH11 A ARG B 1 39 ? 21.199  -6.740  -17.913 0.38 60.99 ? 406  ARG B HH11 1 
ATOM   1440 H  HH11 B ARG B 1 39 ? 21.666  -8.084  -21.093 0.62 54.82 ? 406  ARG B HH11 1 
ATOM   1441 H  HH12 A ARG B 1 39 ? 20.720  -7.266  -16.605 0.38 60.99 ? 406  ARG B HH12 1 
ATOM   1442 H  HH12 B ARG B 1 39 ? 22.977  -8.647  -21.521 0.62 54.82 ? 406  ARG B HH12 1 
ATOM   1443 H  HH21 A ARG B 1 39 ? 19.222  -4.511  -15.577 0.38 53.69 ? 406  ARG B HH21 1 
ATOM   1444 H  HH21 B ARG B 1 39 ? 24.900  -6.741  -19.633 0.62 46.82 ? 406  ARG B HH21 1 
ATOM   1445 H  HH22 A ARG B 1 39 ? 19.524  -5.918  -15.193 0.38 53.69 ? 406  ARG B HH22 1 
ATOM   1446 H  HH22 B ARG B 1 39 ? 24.931  -7.838  -20.640 0.62 46.82 ? 406  ARG B HH22 1 
ATOM   1447 N  N    . GLU B 1 40 ? 17.683  -7.336  -21.582 1.00 26.05 ? 407  GLU B N    1 
ATOM   1448 C  CA   . GLU B 1 40 ? 17.985  -8.564  -22.289 1.00 41.82 ? 407  GLU B CA   1 
ATOM   1449 C  C    . GLU B 1 40 ? 17.043  -8.832  -23.451 1.00 44.54 ? 407  GLU B C    1 
ATOM   1450 O  O    . GLU B 1 40 ? 17.192  -9.842  -24.129 1.00 35.71 ? 407  GLU B O    1 
ATOM   1451 C  CB   . GLU B 1 40 ? 17.982  -9.728  -21.296 1.00 29.28 ? 407  GLU B CB   1 
ATOM   1452 C  CG   . GLU B 1 40 ? 18.889  -9.401  -20.140 1.00 24.22 ? 407  GLU B CG   1 
ATOM   1453 C  CD   . GLU B 1 40 ? 19.021  -10.510 -19.096 1.00 33.34 ? 407  GLU B CD   1 
ATOM   1454 O  OE1  . GLU B 1 40 ? 18.262  -11.510 -19.126 1.00 26.33 ? 407  GLU B OE1  1 
ATOM   1455 O  OE2  . GLU B 1 40 ? 19.939  -10.359 -18.268 1.00 29.74 ? 407  GLU B OE2  1 
ATOM   1456 H  H    . GLU B 1 40 ? 17.225  -7.456  -20.864 0.38 31.26 ? 407  GLU B H    1 
ATOM   1457 H  HA   . GLU B 1 40 ? 18.890  -8.495  -22.657 1.00 50.18 ? 407  GLU B HA   1 
ATOM   1458 H  HB2  . GLU B 1 40 ? 17.084  -9.867  -20.958 1.00 35.13 ? 407  GLU B HB2  1 
ATOM   1459 H  HB3  . GLU B 1 40 ? 18.311  -10.529 -21.732 1.00 35.13 ? 407  GLU B HB3  1 
ATOM   1460 H  HG2  . GLU B 1 40 ? 19.776  -9.216  -20.484 1.00 29.06 ? 407  GLU B HG2  1 
ATOM   1461 H  HG3  . GLU B 1 40 ? 18.544  -8.614  -19.688 1.00 29.06 ? 407  GLU B HG3  1 
ATOM   1462 N  N    . SER B 1 41 ? 16.090  -7.929  -23.677 1.00 36.57 ? 408  SER B N    1 
ATOM   1463 C  CA   . SER B 1 41 ? 15.253  -7.973  -24.879 1.00 51.37 ? 408  SER B CA   1 
ATOM   1464 C  C    . SER B 1 41 ? 15.755  -7.042  -25.993 1.00 49.65 ? 408  SER B C    1 
ATOM   1465 O  O    . SER B 1 41 ? 15.992  -5.845  -25.782 1.00 49.72 ? 408  SER B O    1 
ATOM   1466 C  CB   . SER B 1 41 ? 13.804  -7.632  -24.516 1.00 49.18 ? 408  SER B CB   1 
ATOM   1467 O  OG   . SER B 1 41 ? 13.164  -8.763  -23.946 1.00 47.14 ? 408  SER B OG   1 
ATOM   1468 H  H    . SER B 1 41 ? 15.906  -7.277  -23.146 1.00 43.89 ? 408  SER B H    1 
ATOM   1469 H  HA   . SER B 1 41 ? 15.262  -8.887  -25.232 1.00 61.64 ? 408  SER B HA   1 
ATOM   1470 H  HB2  . SER B 1 41 ? 13.799  -6.907  -23.872 1.00 59.01 ? 408  SER B HB2  1 
ATOM   1471 H  HB3  . SER B 1 41 ? 13.328  -7.369  -25.319 1.00 59.01 ? 408  SER B HB3  1 
ATOM   1472 H  HG   . SER B 1 41 ? 12.389  -8.580  -23.753 1.00 56.57 ? 408  SER B HG   1 
HETATM 1473 CD CD   . CD  C 2 .  ? -24.726 5.520   14.937  0.50 12.91 2 1409 CD  A CD   1 
HETATM 1474 CD CD   . CD  D 2 .  ? 8.207   0.928   5.653   0.50 33.58 2 1409 CD  B CD   1 
HETATM 1475 CD CD   . CD  E 2 .  ? 19.760  -12.096 -17.122 0.50 17.08 2 1410 CD  B CD   1 
HETATM 1476 O  O    . HOH F 3 .  ? -1.115  2.728   -16.781 1.00 35.97 ? 2001 HOH A O    1 
HETATM 1477 O  O    . HOH F 3 .  ? -3.031  0.610   -13.390 1.00 38.85 ? 2002 HOH A O    1 
HETATM 1478 O  O    . HOH F 3 .  ? 8.922   3.552   -6.492  1.00 60.01 ? 2003 HOH A O    1 
HETATM 1479 O  O    . HOH F 3 .  ? -7.573  -2.170  -0.826  1.00 46.40 ? 2004 HOH A O    1 
HETATM 1480 O  O    . HOH F 3 .  ? -8.469  9.620   2.854   0.50 25.99 ? 2005 HOH A O    1 
HETATM 1481 O  O    . HOH F 3 .  ? -22.100 11.820  18.053  1.00 36.01 ? 2006 HOH A O    1 
HETATM 1482 O  O    . HOH F 3 .  ? -8.448  -4.205  -0.360  1.00 53.58 ? 2007 HOH A O    1 
HETATM 1483 O  O    . HOH F 3 .  ? 12.906  1.231   -28.528 1.00 35.44 ? 2008 HOH A O    1 
HETATM 1484 O  O    . HOH F 3 .  ? -0.597  1.351   -14.388 1.00 27.46 ? 2009 HOH A O    1 
HETATM 1485 O  O    . HOH F 3 .  ? 6.527   -0.034  -8.575  1.00 37.52 ? 2010 HOH A O    1 
HETATM 1486 O  O    . HOH F 3 .  ? 11.096  4.608   -7.865  1.00 50.62 ? 2011 HOH A O    1 
HETATM 1487 O  O    . HOH F 3 .  ? 12.006  6.394   -9.537  1.00 56.20 ? 2012 HOH A O    1 
HETATM 1488 O  O    . HOH F 3 .  ? -3.145  -0.915  -9.142  1.00 26.90 ? 2013 HOH A O    1 
HETATM 1489 O  O    . HOH F 3 .  ? 0.933   -4.586  -11.549 1.00 25.42 ? 2014 HOH A O    1 
HETATM 1490 O  O    . HOH F 3 .  ? -4.008  -2.191  -13.671 1.00 44.53 ? 2015 HOH A O    1 
HETATM 1491 O  O    . HOH F 3 .  ? 6.346   3.419   -6.582  1.00 39.83 ? 2016 HOH A O    1 
HETATM 1492 O  O    . HOH F 3 .  ? 7.754   2.327   -4.543  1.00 32.57 ? 2017 HOH A O    1 
HETATM 1493 O  O    . HOH F 3 .  ? 7.991   -0.062  -3.934  1.00 26.16 ? 2018 HOH A O    1 
HETATM 1494 O  O    . HOH F 3 .  ? 5.247   3.046   -3.861  1.00 47.29 ? 2019 HOH A O    1 
HETATM 1495 O  O    . HOH F 3 .  ? 0.685   8.250   -6.412  1.00 27.07 ? 2020 HOH A O    1 
HETATM 1496 O  O    . HOH F 3 .  ? -5.432  5.339   -5.390  1.00 45.69 ? 2021 HOH A O    1 
HETATM 1497 O  O    . HOH F 3 .  ? -2.473  6.708   -6.438  1.00 34.85 ? 2022 HOH A O    1 
HETATM 1498 O  O    . HOH F 3 .  ? -3.901  1.207   -11.163 1.00 28.87 ? 2023 HOH A O    1 
HETATM 1499 O  O    . HOH F 3 .  ? -5.108  -2.145  -2.501  1.00 27.61 ? 2024 HOH A O    1 
HETATM 1500 O  O    . HOH F 3 .  ? -0.939  -6.848  -6.368  1.00 52.53 ? 2025 HOH A O    1 
HETATM 1501 O  O    . HOH F 3 .  ? 0.957   7.626   -0.470  1.00 16.06 ? 2026 HOH A O    1 
HETATM 1502 O  O    . HOH F 3 .  ? -10.089 2.532   -1.183  1.00 43.69 ? 2027 HOH A O    1 
HETATM 1503 O  O    . HOH F 3 .  ? -10.688 -0.816  -1.404  1.00 46.81 ? 2028 HOH A O    1 
HETATM 1504 O  O    . HOH F 3 .  ? -5.518  -0.830  -7.502  1.00 46.47 ? 2029 HOH A O    1 
HETATM 1505 O  O    . HOH F 3 .  ? -4.149  4.453   6.499   1.00 14.93 ? 2030 HOH A O    1 
HETATM 1506 O  O    . HOH F 3 .  ? 2.039   4.143   4.618   0.50 17.41 ? 2031 HOH A O    1 
HETATM 1507 O  O    . HOH F 3 .  ? -10.030 8.384   3.664   1.00 35.93 ? 2032 HOH A O    1 
HETATM 1508 O  O    . HOH F 3 .  ? -13.262 1.493   4.558   1.00 26.45 ? 2033 HOH A O    1 
HETATM 1509 O  O    . HOH F 3 .  ? -6.833  -5.474  8.548   1.00 27.60 ? 2034 HOH A O    1 
HETATM 1510 O  O    . HOH F 3 .  ? -7.101  7.049   10.573  1.00 41.10 ? 2035 HOH A O    1 
HETATM 1511 O  O    . HOH F 3 .  ? -6.655  8.675   3.159   0.50 11.67 ? 2036 HOH A O    1 
HETATM 1512 O  O    . HOH F 3 .  ? -4.965  1.848   13.050  1.00 23.38 ? 2037 HOH A O    1 
HETATM 1513 O  O    . HOH F 3 .  ? -20.182 5.203   11.667  1.00 44.84 ? 2038 HOH A O    1 
HETATM 1514 O  O    . HOH F 3 .  ? -22.145 6.721   6.298   1.00 43.68 ? 2039 HOH A O    1 
HETATM 1515 O  O    . HOH F 3 .  ? -14.158 8.002   19.372  1.00 38.07 ? 2040 HOH A O    1 
HETATM 1516 O  O    . HOH F 3 .  ? -8.698  9.466   13.470  1.00 23.46 ? 2041 HOH A O    1 
HETATM 1517 O  O    . HOH F 3 .  ? -8.868  10.904  15.458  1.00 39.34 ? 2042 HOH A O    1 
HETATM 1518 O  O    . HOH F 3 .  ? -7.623  6.745   14.288  1.00 38.88 ? 2043 HOH A O    1 
HETATM 1519 O  O    . HOH F 3 .  ? -20.699 10.673  16.006  1.00 33.20 ? 2044 HOH A O    1 
HETATM 1520 O  O    . HOH G 3 .  ? -0.468  -4.702  19.788  1.00 36.75 ? 2001 HOH B O    1 
HETATM 1521 O  O    . HOH G 3 .  ? 2.636   -1.238  12.932  1.00 48.03 ? 2002 HOH B O    1 
HETATM 1522 O  O    . HOH G 3 .  ? 2.151   -3.623  16.699  1.00 44.49 ? 2003 HOH B O    1 
HETATM 1523 O  O    . HOH G 3 .  ? -0.392  -7.543  16.050  1.00 43.71 ? 2004 HOH B O    1 
HETATM 1524 O  O    . HOH G 3 .  ? -4.754  -10.642 15.021  1.00 48.54 ? 2005 HOH B O    1 
HETATM 1525 O  O    . HOH G 3 .  ? -3.368  -5.915  0.134   1.00 45.36 ? 2006 HOH B O    1 
HETATM 1526 O  O    . HOH G 3 .  ? 7.451   -11.033 -1.995  1.00 48.15 ? 2007 HOH B O    1 
HETATM 1527 O  O    . HOH G 3 .  ? 6.969   -10.901 -5.724  1.00 47.87 ? 2008 HOH B O    1 
HETATM 1528 O  O    . HOH G 3 .  ? -4.933  7.615   24.660  1.00 50.41 ? 2009 HOH B O    1 
HETATM 1529 O  O    . HOH G 3 .  ? -4.988  6.428   16.644  1.00 30.56 ? 2010 HOH B O    1 
HETATM 1530 O  O    . HOH G 3 .  ? -7.136  5.831   19.601  1.00 36.24 ? 2011 HOH B O    1 
HETATM 1531 O  O    . HOH G 3 .  ? -2.642  -3.597  20.889  1.00 23.68 ? 2012 HOH B O    1 
HETATM 1532 O  O    . HOH G 3 .  ? -1.689  -1.268  22.427  1.00 36.24 ? 2013 HOH B O    1 
HETATM 1533 O  O    . HOH G 3 .  ? -4.643  -1.494  27.938  1.00 57.00 ? 2014 HOH B O    1 
HETATM 1534 O  O    . HOH G 3 .  ? -5.410  -5.324  24.648  1.00 52.85 ? 2015 HOH B O    1 
HETATM 1535 O  O    . HOH G 3 .  ? 1.069   -1.159  15.343  1.00 31.02 ? 2016 HOH B O    1 
HETATM 1536 O  O    . HOH G 3 .  ? 0.266   -5.049  17.143  1.00 45.55 ? 2017 HOH B O    1 
HETATM 1537 O  O    . HOH G 3 .  ? -1.770  -7.169  13.873  1.00 27.42 ? 2018 HOH B O    1 
HETATM 1538 O  O    . HOH G 3 .  ? -0.926  3.236   8.453   1.00 29.42 ? 2019 HOH B O    1 
HETATM 1539 O  O    . HOH G 3 .  ? 3.524   -4.602  10.621  1.00 44.58 ? 2020 HOH B O    1 
HETATM 1540 O  O    . HOH G 3 .  ? -1.635  -7.987  7.311   1.00 41.07 ? 2021 HOH B O    1 
HETATM 1541 O  O    . HOH G 3 .  ? -3.758  -9.033  13.077  1.00 38.54 ? 2022 HOH B O    1 
HETATM 1542 O  O    . HOH G 3 .  ? 4.874   2.666   5.094   0.50 30.90 ? 2023 HOH B O    1 
HETATM 1543 O  O    . HOH G 3 .  ? 6.475   2.007   6.644   1.00 38.32 ? 2024 HOH B O    1 
HETATM 1544 O  O    . HOH G 3 .  ? 4.622   -7.527  5.318   1.00 50.87 ? 2025 HOH B O    1 
HETATM 1545 O  O    . HOH G 3 .  ? 6.181   -5.689  7.599   1.00 45.48 ? 2026 HOH B O    1 
HETATM 1546 O  O    . HOH G 3 .  ? 5.242   -4.037  8.823   1.00 47.59 ? 2027 HOH B O    1 
HETATM 1547 O  O    . HOH G 3 .  ? -0.477  -6.766  0.634   1.00 31.82 ? 2028 HOH B O    1 
HETATM 1548 O  O    . HOH G 3 .  ? 9.323   -3.727  1.851   1.00 47.58 ? 2029 HOH B O    1 
HETATM 1549 O  O    . HOH G 3 .  ? 5.786   -9.651  -0.721  1.00 53.27 ? 2030 HOH B O    1 
HETATM 1550 O  O    . HOH G 3 .  ? 9.086   -1.112  2.020   1.00 56.53 ? 2031 HOH B O    1 
HETATM 1551 O  O    . HOH G 3 .  ? 5.375   3.311   -1.882  1.00 34.56 ? 2032 HOH B O    1 
HETATM 1552 O  O    . HOH G 3 .  ? 11.920  -6.984  -2.751  1.00 33.81 ? 2033 HOH B O    1 
HETATM 1553 O  O    . HOH G 3 .  ? 6.925   -9.701  -7.710  1.00 32.93 ? 2034 HOH B O    1 
HETATM 1554 O  O    . HOH G 3 .  ? 0.468   -8.164  -1.737  1.00 41.35 ? 2035 HOH B O    1 
HETATM 1555 O  O    . HOH G 3 .  ? 13.645  -2.384  -7.224  1.00 39.35 ? 2036 HOH B O    1 
HETATM 1556 O  O    . HOH G 3 .  ? 12.223  -5.033  -1.059  1.00 40.30 ? 2037 HOH B O    1 
HETATM 1557 O  O    . HOH G 3 .  ? 17.617  -5.040  -12.564 1.00 30.68 ? 2038 HOH B O    1 
HETATM 1558 O  O    . HOH G 3 .  ? 17.557  -9.132  -11.657 1.00 20.49 ? 2039 HOH B O    1 
HETATM 1559 O  O    . HOH G 3 .  ? 19.103  -6.837  -11.522 1.00 38.62 ? 2040 HOH B O    1 
HETATM 1560 O  O    . HOH G 3 .  ? 17.615  -12.903 -8.106  0.50 17.97 ? 2041 HOH B O    1 
HETATM 1561 O  O    . HOH G 3 .  ? 21.419  -10.979 -15.999 1.00 33.70 ? 2042 HOH B O    1 
HETATM 1562 O  O    . HOH G 3 .  ? 20.607  -8.008  -14.238 1.00 29.00 ? 2043 HOH B O    1 
HETATM 1563 O  O    . HOH G 3 .  ? 10.137  0.205   4.262   1.00 35.17 ? 2044 HOH B O    1 
# 
